data_8DHC
# 
_entry.id   8DHC 
# 
_audit_conform.dict_name       mmcif_pdbx.dic 
_audit_conform.dict_version    5.380 
_audit_conform.dict_location   http://mmcif.pdb.org/dictionaries/ascii/mmcif_pdbx.dic 
# 
loop_
_database_2.database_id 
_database_2.database_code 
_database_2.pdbx_database_accession 
_database_2.pdbx_DOI 
PDB   8DHC         pdb_00008dhc 10.2210/pdb8dhc/pdb 
WWPDB D_1000265927 ?            ?                   
# 
_pdbx_database_status.status_code                     REL 
_pdbx_database_status.status_code_sf                  REL 
_pdbx_database_status.status_code_mr                  ? 
_pdbx_database_status.entry_id                        8DHC 
_pdbx_database_status.recvd_initial_deposition_date   2022-06-27 
_pdbx_database_status.SG_entry                        N 
_pdbx_database_status.deposit_site                    RCSB 
_pdbx_database_status.process_site                    RCSB 
_pdbx_database_status.status_code_cs                  ? 
_pdbx_database_status.status_code_nmr_data            ? 
_pdbx_database_status.methods_development_category    ? 
_pdbx_database_status.pdb_format_compatible           Y 
# 
loop_
_audit_author.name 
_audit_author.pdbx_ordinal 
_audit_author.identifier_ORCID 
'Yatsunyk, L.A.' 1 0000-0003-3946-0939 
'Li, K.S.'       2 0000-0002-1339-7380 
# 
_citation.abstract                  ? 
_citation.abstract_id_CAS           ? 
_citation.book_id_ISBN              ? 
_citation.book_publisher            ? 
_citation.book_publisher_city       ? 
_citation.book_title                ? 
_citation.coordinate_linkage        ? 
_citation.country                   GE 
_citation.database_id_Medline       ? 
_citation.details                   ? 
_citation.id                        primary 
_citation.journal_abbrev            Angew.Chem.Int.Ed.Engl. 
_citation.journal_id_ASTM           ACIEAY 
_citation.journal_id_CSD            0179 
_citation.journal_id_ISSN           1521-3773 
_citation.journal_full              ? 
_citation.journal_issue             ? 
_citation.journal_volume            62 
_citation.language                  ? 
_citation.page_first                e202301666 
_citation.page_last                 e202301666 
_citation.title                     'Crystal Structure of an i-Motif from the HRAS Oncogene Promoter.' 
_citation.year                      2023 
_citation.database_id_CSD           ? 
_citation.pdbx_database_id_DOI      10.1002/anie.202301666 
_citation.pdbx_database_id_PubMed   36995904 
_citation.pdbx_database_id_patent   ? 
_citation.unpublished_flag          ? 
# 
loop_
_citation_author.citation_id 
_citation_author.name 
_citation_author.ordinal 
_citation_author.identifier_ORCID 
primary 'Li, K.S.'              1 ?                   
primary 'Jordan, D.'            2 ?                   
primary 'Lin, L.Y.'             3 0000-0001-5011-1305 
primary 'McCarthy, S.E.'        4 0000-0002-1063-1784 
primary 'Schneekloth Jr., J.S.' 5 ?                   
primary 'Yatsunyk, L.A.'        6 0000-0003-3946-0939 
# 
_cell.angle_alpha                  90.000 
_cell.angle_alpha_esd              ? 
_cell.angle_beta                   93.100 
_cell.angle_beta_esd               ? 
_cell.angle_gamma                  90.000 
_cell.angle_gamma_esd              ? 
_cell.entry_id                     8DHC 
_cell.details                      ? 
_cell.formula_units_Z              ? 
_cell.length_a                     119.126 
_cell.length_a_esd                 ? 
_cell.length_b                     29.656 
_cell.length_b_esd                 ? 
_cell.length_c                     54.326 
_cell.length_c_esd                 ? 
_cell.volume                       191642.082 
_cell.volume_esd                   ? 
_cell.Z_PDB                        8 
_cell.reciprocal_angle_alpha       ? 
_cell.reciprocal_angle_beta        ? 
_cell.reciprocal_angle_gamma       ? 
_cell.reciprocal_angle_alpha_esd   ? 
_cell.reciprocal_angle_beta_esd    ? 
_cell.reciprocal_angle_gamma_esd   ? 
_cell.reciprocal_length_a          ? 
_cell.reciprocal_length_b          ? 
_cell.reciprocal_length_c          ? 
_cell.reciprocal_length_a_esd      ? 
_cell.reciprocal_length_b_esd      ? 
_cell.reciprocal_length_c_esd      ? 
_cell.pdbx_unique_axis             ? 
_cell.pdbx_esd_method              ? 
# 
_symmetry.entry_id                         8DHC 
_symmetry.cell_setting                     ? 
_symmetry.Int_Tables_number                5 
_symmetry.space_group_name_Hall            'C 2y' 
_symmetry.space_group_name_H-M             'C 1 2 1' 
_symmetry.pdbx_full_space_group_name_H-M   ? 
# 
loop_
_entity.id 
_entity.type 
_entity.src_method 
_entity.pdbx_description 
_entity.formula_weight 
_entity.pdbx_number_of_molecules 
_entity.pdbx_ec 
_entity.pdbx_mutation 
_entity.pdbx_fragment 
_entity.details 
1 polymer     syn 'HRAS DNA'                                 8145.215 2 ? ? ? ? 
2 non-polymer nat '1-METHOXY-2-[2-(2-METHOXY-ETHOXY]-ETHANE' 178.226  1 ? ? ? ? 
3 water       nat water                                      18.015   7 ? ? ? ? 
# 
_entity_poly.entity_id                      1 
_entity_poly.type                           polydeoxyribonucleotide 
_entity_poly.nstd_linkage                   no 
_entity_poly.nstd_monomer                   no 
_entity_poly.pdbx_seq_one_letter_code       
;(DC)(DG)(DC)(DC)(DC)(DG)(DT)(DG)(DC)(DC)(DC)(DT)(DG)(DC)(DG)(DC)(DC)(DC)(DG)(DC)
(DA)(DA)(DC)(DC)(DC)(DG)(DA)
;
_entity_poly.pdbx_seq_one_letter_code_can   CGCCCGTGCCCTGCGCCCGCAACCCGA 
_entity_poly.pdbx_strand_id                 A,B 
_entity_poly.pdbx_target_identifier         ? 
# 
loop_
_entity_poly_seq.entity_id 
_entity_poly_seq.num 
_entity_poly_seq.mon_id 
_entity_poly_seq.hetero 
1 1  DC n 
1 2  DG n 
1 3  DC n 
1 4  DC n 
1 5  DC n 
1 6  DG n 
1 7  DT n 
1 8  DG n 
1 9  DC n 
1 10 DC n 
1 11 DC n 
1 12 DT n 
1 13 DG n 
1 14 DC n 
1 15 DG n 
1 16 DC n 
1 17 DC n 
1 18 DC n 
1 19 DG n 
1 20 DC n 
1 21 DA n 
1 22 DA n 
1 23 DC n 
1 24 DC n 
1 25 DC n 
1 26 DG n 
1 27 DA n 
# 
_pdbx_entity_src_syn.entity_id              1 
_pdbx_entity_src_syn.pdbx_src_id            1 
_pdbx_entity_src_syn.pdbx_alt_source_flag   sample 
_pdbx_entity_src_syn.pdbx_beg_seq_num       1 
_pdbx_entity_src_syn.pdbx_end_seq_num       27 
_pdbx_entity_src_syn.organism_scientific    'Homo sapiens' 
_pdbx_entity_src_syn.organism_common_name   ? 
_pdbx_entity_src_syn.ncbi_taxonomy_id       9606 
_pdbx_entity_src_syn.details                ? 
# 
_struct_ref.id                         1 
_struct_ref.db_name                    PDB 
_struct_ref.db_code                    8DHC 
_struct_ref.pdbx_db_accession          8DHC 
_struct_ref.pdbx_db_isoform            ? 
_struct_ref.entity_id                  1 
_struct_ref.pdbx_seq_one_letter_code   ? 
_struct_ref.pdbx_align_begin           1 
# 
loop_
_struct_ref_seq.align_id 
_struct_ref_seq.ref_id 
_struct_ref_seq.pdbx_PDB_id_code 
_struct_ref_seq.pdbx_strand_id 
_struct_ref_seq.seq_align_beg 
_struct_ref_seq.pdbx_seq_align_beg_ins_code 
_struct_ref_seq.seq_align_end 
_struct_ref_seq.pdbx_seq_align_end_ins_code 
_struct_ref_seq.pdbx_db_accession 
_struct_ref_seq.db_align_beg 
_struct_ref_seq.pdbx_db_align_beg_ins_code 
_struct_ref_seq.db_align_end 
_struct_ref_seq.pdbx_db_align_end_ins_code 
_struct_ref_seq.pdbx_auth_seq_align_beg 
_struct_ref_seq.pdbx_auth_seq_align_end 
1 1 8DHC A 1 ? 27 ? 8DHC 1 ? 27 ? 1 27 
2 1 8DHC B 1 ? 27 ? 8DHC 1 ? 27 ? 1 27 
# 
loop_
_chem_comp.id 
_chem_comp.type 
_chem_comp.mon_nstd_flag 
_chem_comp.name 
_chem_comp.pdbx_synonyms 
_chem_comp.formula 
_chem_comp.formula_weight 
DA  'DNA linking' y "2'-DEOXYADENOSINE-5'-MONOPHOSPHATE"       ? 'C10 H14 N5 O6 P' 331.222 
DC  'DNA linking' y "2'-DEOXYCYTIDINE-5'-MONOPHOSPHATE"        ? 'C9 H14 N3 O7 P'  307.197 
DG  'DNA linking' y "2'-DEOXYGUANOSINE-5'-MONOPHOSPHATE"       ? 'C10 H14 N5 O7 P' 347.221 
DT  'DNA linking' y "THYMIDINE-5'-MONOPHOSPHATE"               ? 'C10 H15 N2 O8 P' 322.208 
HOH non-polymer   . WATER                                      ? 'H2 O'            18.015  
PG5 non-polymer   . '1-METHOXY-2-[2-(2-METHOXY-ETHOXY]-ETHANE' ? 'C8 H18 O4'       178.226 
# 
_exptl.absorpt_coefficient_mu     ? 
_exptl.absorpt_correction_T_max   ? 
_exptl.absorpt_correction_T_min   ? 
_exptl.absorpt_correction_type    ? 
_exptl.absorpt_process_details    ? 
_exptl.entry_id                   8DHC 
_exptl.crystals_number            1 
_exptl.details                    ? 
_exptl.method                     'X-RAY DIFFRACTION' 
_exptl.method_details             ? 
# 
_exptl_crystal.colour                       ? 
_exptl_crystal.density_diffrn               ? 
_exptl_crystal.density_Matthews             2.85 
_exptl_crystal.density_method               ? 
_exptl_crystal.density_percent_sol          56.9 
_exptl_crystal.description                  'rectangular prism' 
_exptl_crystal.F_000                        ? 
_exptl_crystal.id                           1 
_exptl_crystal.preparation                  ? 
_exptl_crystal.size_max                     ? 
_exptl_crystal.size_mid                     ? 
_exptl_crystal.size_min                     ? 
_exptl_crystal.size_rad                     ? 
_exptl_crystal.colour_lustre                ? 
_exptl_crystal.colour_modifier              ? 
_exptl_crystal.colour_primary               ? 
_exptl_crystal.density_meas                 ? 
_exptl_crystal.density_meas_esd             ? 
_exptl_crystal.density_meas_gt              ? 
_exptl_crystal.density_meas_lt              ? 
_exptl_crystal.density_meas_temp            ? 
_exptl_crystal.density_meas_temp_esd        ? 
_exptl_crystal.density_meas_temp_gt         ? 
_exptl_crystal.density_meas_temp_lt         ? 
_exptl_crystal.pdbx_crystal_image_url       ? 
_exptl_crystal.pdbx_crystal_image_format    ? 
_exptl_crystal.pdbx_mosaicity               ? 
_exptl_crystal.pdbx_mosaicity_esd           ? 
_exptl_crystal.pdbx_mosaic_method           ? 
_exptl_crystal.pdbx_mosaic_block_size       ? 
_exptl_crystal.pdbx_mosaic_block_size_esd   ? 
# 
_exptl_crystal_grow.apparatus       ? 
_exptl_crystal_grow.atmosphere      ? 
_exptl_crystal_grow.crystal_id      1 
_exptl_crystal_grow.details         ? 
_exptl_crystal_grow.method          'VAPOR DIFFUSION, HANGING DROP' 
_exptl_crystal_grow.method_ref      ? 
_exptl_crystal_grow.pH              6.5 
_exptl_crystal_grow.pressure        ? 
_exptl_crystal_grow.pressure_esd    ? 
_exptl_crystal_grow.seeding         ? 
_exptl_crystal_grow.seeding_ref     ? 
_exptl_crystal_grow.temp            293 
_exptl_crystal_grow.temp_details    ? 
_exptl_crystal_grow.temp_esd        ? 
_exptl_crystal_grow.time            ? 
_exptl_crystal_grow.pdbx_details    '0.001 M Spermine Tetrahydrochloride, 0.05 M MES pH 6.5, 17% w/v PEG 4K' 
_exptl_crystal_grow.pdbx_pH_range   ? 
# 
_diffrn.ambient_environment              ? 
_diffrn.ambient_temp                     196 
_diffrn.ambient_temp_details             ? 
_diffrn.ambient_temp_esd                 ? 
_diffrn.crystal_id                       1 
_diffrn.crystal_support                  ? 
_diffrn.crystal_treatment                ? 
_diffrn.details                          ? 
_diffrn.id                               1 
_diffrn.ambient_pressure                 ? 
_diffrn.ambient_pressure_esd             ? 
_diffrn.ambient_pressure_gt              ? 
_diffrn.ambient_pressure_lt              ? 
_diffrn.ambient_temp_gt                  ? 
_diffrn.ambient_temp_lt                  ? 
_diffrn.pdbx_serial_crystal_experiment   N 
# 
_diffrn_detector.details                      ? 
_diffrn_detector.detector                     PIXEL 
_diffrn_detector.diffrn_id                    1 
_diffrn_detector.type                         'DECTRIS PILATUS 6M-F' 
_diffrn_detector.area_resol_mean              ? 
_diffrn_detector.dtime                        ? 
_diffrn_detector.pdbx_frames_total            ? 
_diffrn_detector.pdbx_collection_time_total   ? 
_diffrn_detector.pdbx_collection_date         2019-10-25 
_diffrn_detector.pdbx_frequency               ? 
# 
_diffrn_radiation.collimation                      ? 
_diffrn_radiation.diffrn_id                        1 
_diffrn_radiation.filter_edge                      ? 
_diffrn_radiation.inhomogeneity                    ? 
_diffrn_radiation.monochromator                    ? 
_diffrn_radiation.polarisn_norm                    ? 
_diffrn_radiation.polarisn_ratio                   ? 
_diffrn_radiation.probe                            ? 
_diffrn_radiation.type                             ? 
_diffrn_radiation.xray_symbol                      ? 
_diffrn_radiation.wavelength_id                    1 
_diffrn_radiation.pdbx_monochromatic_or_laue_m_l   M 
_diffrn_radiation.pdbx_wavelength_list             ? 
_diffrn_radiation.pdbx_wavelength                  ? 
_diffrn_radiation.pdbx_diffrn_protocol             'SINGLE WAVELENGTH' 
_diffrn_radiation.pdbx_analyzer                    ? 
_diffrn_radiation.pdbx_scattering_type             x-ray 
# 
_diffrn_radiation_wavelength.id           1 
_diffrn_radiation_wavelength.wavelength   0.9791 
_diffrn_radiation_wavelength.wt           1.0 
# 
_diffrn_source.current                     ? 
_diffrn_source.details                     ? 
_diffrn_source.diffrn_id                   1 
_diffrn_source.power                       ? 
_diffrn_source.size                        ? 
_diffrn_source.source                      SYNCHROTRON 
_diffrn_source.target                      ? 
_diffrn_source.type                        'APS BEAMLINE 24-ID-C' 
_diffrn_source.voltage                     ? 
_diffrn_source.take-off_angle              ? 
_diffrn_source.pdbx_wavelength_list        0.9791 
_diffrn_source.pdbx_wavelength             ? 
_diffrn_source.pdbx_synchrotron_beamline   24-ID-C 
_diffrn_source.pdbx_synchrotron_site       APS 
# 
_reflns.B_iso_Wilson_estimate                          53.14 
_reflns.entry_id                                       8DHC 
_reflns.data_reduction_details                         ? 
_reflns.data_reduction_method                          ? 
_reflns.d_resolution_high                              2.02 
_reflns.d_resolution_low                               59.48 
_reflns.details                                        ? 
_reflns.limit_h_max                                    ? 
_reflns.limit_h_min                                    ? 
_reflns.limit_k_max                                    ? 
_reflns.limit_k_min                                    ? 
_reflns.limit_l_max                                    ? 
_reflns.limit_l_min                                    ? 
_reflns.number_all                                     ? 
_reflns.number_obs                                     12489 
_reflns.observed_criterion                             ? 
_reflns.observed_criterion_F_max                       ? 
_reflns.observed_criterion_F_min                       ? 
_reflns.observed_criterion_I_max                       ? 
_reflns.observed_criterion_I_min                       ? 
_reflns.observed_criterion_sigma_F                     ? 
_reflns.observed_criterion_sigma_I                     ? 
_reflns.percent_possible_obs                           97.8 
_reflns.R_free_details                                 ? 
_reflns.Rmerge_F_all                                   ? 
_reflns.Rmerge_F_obs                                   ? 
_reflns.Friedel_coverage                               ? 
_reflns.number_gt                                      ? 
_reflns.threshold_expression                           ? 
_reflns.pdbx_redundancy                                3.9 
_reflns.pdbx_Rmerge_I_obs                              0.046 
_reflns.pdbx_Rmerge_I_all                              ? 
_reflns.pdbx_Rsym_value                                ? 
_reflns.pdbx_netI_over_av_sigmaI                       ? 
_reflns.pdbx_netI_over_sigmaI                          10.6 
_reflns.pdbx_res_netI_over_av_sigmaI_2                 ? 
_reflns.pdbx_res_netI_over_sigmaI_2                    ? 
_reflns.pdbx_chi_squared                               ? 
_reflns.pdbx_scaling_rejects                           ? 
_reflns.pdbx_d_res_high_opt                            ? 
_reflns.pdbx_d_res_low_opt                             ? 
_reflns.pdbx_d_res_opt_method                          ? 
_reflns.phase_calculation_details                      ? 
_reflns.pdbx_Rrim_I_all                                0.054 
_reflns.pdbx_Rpim_I_all                                0.027 
_reflns.pdbx_d_opt                                     ? 
_reflns.pdbx_number_measured_all                       ? 
_reflns.pdbx_diffrn_id                                 1 
_reflns.pdbx_ordinal                                   1 
_reflns.pdbx_CC_half                                   0.997 
_reflns.pdbx_CC_star                                   ? 
_reflns.pdbx_R_split                                   ? 
_reflns.pdbx_aniso_diffraction_limit_axis_1_ortho[1]   ? 
_reflns.pdbx_aniso_diffraction_limit_axis_1_ortho[2]   ? 
_reflns.pdbx_aniso_diffraction_limit_axis_1_ortho[3]   ? 
_reflns.pdbx_aniso_diffraction_limit_axis_2_ortho[1]   ? 
_reflns.pdbx_aniso_diffraction_limit_axis_2_ortho[2]   ? 
_reflns.pdbx_aniso_diffraction_limit_axis_2_ortho[3]   ? 
_reflns.pdbx_aniso_diffraction_limit_axis_3_ortho[1]   ? 
_reflns.pdbx_aniso_diffraction_limit_axis_3_ortho[2]   ? 
_reflns.pdbx_aniso_diffraction_limit_axis_3_ortho[3]   ? 
_reflns.pdbx_aniso_diffraction_limit_1                 ? 
_reflns.pdbx_aniso_diffraction_limit_2                 ? 
_reflns.pdbx_aniso_diffraction_limit_3                 ? 
_reflns.pdbx_aniso_B_tensor_eigenvector_1_ortho[1]     ? 
_reflns.pdbx_aniso_B_tensor_eigenvector_1_ortho[2]     ? 
_reflns.pdbx_aniso_B_tensor_eigenvector_1_ortho[3]     ? 
_reflns.pdbx_aniso_B_tensor_eigenvector_2_ortho[1]     ? 
_reflns.pdbx_aniso_B_tensor_eigenvector_2_ortho[2]     ? 
_reflns.pdbx_aniso_B_tensor_eigenvector_2_ortho[3]     ? 
_reflns.pdbx_aniso_B_tensor_eigenvector_3_ortho[1]     ? 
_reflns.pdbx_aniso_B_tensor_eigenvector_3_ortho[2]     ? 
_reflns.pdbx_aniso_B_tensor_eigenvector_3_ortho[3]     ? 
_reflns.pdbx_aniso_B_tensor_eigenvalue_1               ? 
_reflns.pdbx_aniso_B_tensor_eigenvalue_2               ? 
_reflns.pdbx_aniso_B_tensor_eigenvalue_3               ? 
_reflns.pdbx_orthogonalization_convention              ? 
_reflns.pdbx_percent_possible_ellipsoidal              ? 
_reflns.pdbx_percent_possible_spherical                ? 
_reflns.pdbx_percent_possible_ellipsoidal_anomalous    ? 
_reflns.pdbx_percent_possible_spherical_anomalous      ? 
_reflns.pdbx_redundancy_anomalous                      ? 
_reflns.pdbx_CC_half_anomalous                         ? 
_reflns.pdbx_absDiff_over_sigma_anomalous              ? 
_reflns.pdbx_percent_possible_anomalous                ? 
_reflns.pdbx_observed_signal_threshold                 ? 
_reflns.pdbx_signal_type                               ? 
_reflns.pdbx_signal_details                            ? 
_reflns.pdbx_signal_software_id                        ? 
_reflns.pdbx_CC_split_method                           ? 
# 
_reflns_shell.d_res_high                                    2.02 
_reflns_shell.d_res_low                                     2.07 
_reflns_shell.meanI_over_sigI_all                           ? 
_reflns_shell.meanI_over_sigI_obs                           0.8 
_reflns_shell.number_measured_all                           ? 
_reflns_shell.number_measured_obs                           ? 
_reflns_shell.number_possible                               ? 
_reflns_shell.number_unique_all                             ? 
_reflns_shell.number_unique_obs                             817 
_reflns_shell.percent_possible_all                          87.5 
_reflns_shell.percent_possible_obs                          ? 
_reflns_shell.Rmerge_F_all                                  ? 
_reflns_shell.Rmerge_F_obs                                  ? 
_reflns_shell.Rmerge_I_all                                  ? 
_reflns_shell.Rmerge_I_obs                                  1.391 
_reflns_shell.meanI_over_sigI_gt                            ? 
_reflns_shell.meanI_over_uI_all                             ? 
_reflns_shell.meanI_over_uI_gt                              ? 
_reflns_shell.number_measured_gt                            ? 
_reflns_shell.number_unique_gt                              ? 
_reflns_shell.percent_possible_gt                           ? 
_reflns_shell.Rmerge_F_gt                                   ? 
_reflns_shell.Rmerge_I_gt                                   ? 
_reflns_shell.pdbx_redundancy                               3.4 
_reflns_shell.pdbx_Rsym_value                               ? 
_reflns_shell.pdbx_chi_squared                              ? 
_reflns_shell.pdbx_netI_over_sigmaI_all                     ? 
_reflns_shell.pdbx_netI_over_sigmaI_obs                     ? 
_reflns_shell.pdbx_Rrim_I_all                               ? 
_reflns_shell.pdbx_Rpim_I_all                               0.850 
_reflns_shell.pdbx_rejects                                  ? 
_reflns_shell.pdbx_ordinal                                  1 
_reflns_shell.pdbx_diffrn_id                                1 
_reflns_shell.pdbx_CC_half                                  0.765 
_reflns_shell.pdbx_CC_star                                  ? 
_reflns_shell.pdbx_R_split                                  ? 
_reflns_shell.pdbx_percent_possible_ellipsoidal             ? 
_reflns_shell.pdbx_percent_possible_spherical               ? 
_reflns_shell.pdbx_percent_possible_ellipsoidal_anomalous   ? 
_reflns_shell.pdbx_percent_possible_spherical_anomalous     ? 
_reflns_shell.pdbx_redundancy_anomalous                     ? 
_reflns_shell.pdbx_CC_half_anomalous                        ? 
_reflns_shell.pdbx_absDiff_over_sigma_anomalous             ? 
_reflns_shell.pdbx_percent_possible_anomalous               ? 
# 
_refine.aniso_B[1][1]                            ? 
_refine.aniso_B[1][2]                            ? 
_refine.aniso_B[1][3]                            ? 
_refine.aniso_B[2][2]                            ? 
_refine.aniso_B[2][3]                            ? 
_refine.aniso_B[3][3]                            ? 
_refine.B_iso_max                                ? 
_refine.B_iso_mean                               59.10 
_refine.B_iso_min                                ? 
_refine.correlation_coeff_Fo_to_Fc               ? 
_refine.correlation_coeff_Fo_to_Fc_free          ? 
_refine.details                                  ? 
_refine.diff_density_max                         ? 
_refine.diff_density_max_esd                     ? 
_refine.diff_density_min                         ? 
_refine.diff_density_min_esd                     ? 
_refine.diff_density_rms                         ? 
_refine.diff_density_rms_esd                     ? 
_refine.entry_id                                 8DHC 
_refine.pdbx_refine_id                           'X-RAY DIFFRACTION' 
_refine.ls_abs_structure_details                 ? 
_refine.ls_abs_structure_Flack                   ? 
_refine.ls_abs_structure_Flack_esd               ? 
_refine.ls_abs_structure_Rogers                  ? 
_refine.ls_abs_structure_Rogers_esd              ? 
_refine.ls_d_res_high                            2.02 
_refine.ls_d_res_low                             59.48 
_refine.ls_extinction_coef                       ? 
_refine.ls_extinction_coef_esd                   ? 
_refine.ls_extinction_expression                 ? 
_refine.ls_extinction_method                     ? 
_refine.ls_goodness_of_fit_all                   ? 
_refine.ls_goodness_of_fit_all_esd               ? 
_refine.ls_goodness_of_fit_obs                   ? 
_refine.ls_goodness_of_fit_obs_esd               ? 
_refine.ls_hydrogen_treatment                    ? 
_refine.ls_matrix_type                           ? 
_refine.ls_number_constraints                    ? 
_refine.ls_number_parameters                     ? 
_refine.ls_number_reflns_all                     ? 
_refine.ls_number_reflns_obs                     12296 
_refine.ls_number_reflns_R_free                  628 
_refine.ls_number_reflns_R_work                  11668 
_refine.ls_number_restraints                     ? 
_refine.ls_percent_reflns_obs                    96.50 
_refine.ls_percent_reflns_R_free                 5.11 
_refine.ls_R_factor_all                          ? 
_refine.ls_R_factor_obs                          0.2522 
_refine.ls_R_factor_R_free                       0.2540 
_refine.ls_R_factor_R_free_error                 ? 
_refine.ls_R_factor_R_free_error_details         ? 
_refine.ls_R_factor_R_work                       0.2520 
_refine.ls_R_Fsqd_factor_obs                     ? 
_refine.ls_R_I_factor_obs                        ? 
_refine.ls_redundancy_reflns_all                 ? 
_refine.ls_redundancy_reflns_obs                 ? 
_refine.ls_restrained_S_all                      ? 
_refine.ls_restrained_S_obs                      ? 
_refine.ls_shift_over_esd_max                    ? 
_refine.ls_shift_over_esd_mean                   ? 
_refine.ls_structure_factor_coef                 ? 
_refine.ls_weighting_details                     ? 
_refine.ls_weighting_scheme                      ? 
_refine.ls_wR_factor_all                         ? 
_refine.ls_wR_factor_obs                         ? 
_refine.ls_wR_factor_R_free                      ? 
_refine.ls_wR_factor_R_work                      ? 
_refine.occupancy_max                            ? 
_refine.occupancy_min                            ? 
_refine.solvent_model_details                    'FLAT BULK SOLVENT MODEL' 
_refine.solvent_model_param_bsol                 ? 
_refine.solvent_model_param_ksol                 ? 
_refine.pdbx_R_complete                          ? 
_refine.ls_R_factor_gt                           ? 
_refine.ls_goodness_of_fit_gt                    ? 
_refine.ls_goodness_of_fit_ref                   ? 
_refine.ls_shift_over_su_max                     ? 
_refine.ls_shift_over_su_max_lt                  ? 
_refine.ls_shift_over_su_mean                    ? 
_refine.ls_shift_over_su_mean_lt                 ? 
_refine.pdbx_ls_sigma_I                          ? 
_refine.pdbx_ls_sigma_F                          1.35 
_refine.pdbx_ls_sigma_Fsqd                       ? 
_refine.pdbx_data_cutoff_high_absF               ? 
_refine.pdbx_data_cutoff_high_rms_absF           ? 
_refine.pdbx_data_cutoff_low_absF                ? 
_refine.pdbx_isotropic_thermal_model             ? 
_refine.pdbx_ls_cross_valid_method               'FREE R-VALUE' 
_refine.pdbx_method_to_determine_struct          'MOLECULAR REPLACEMENT' 
_refine.pdbx_starting_model                      8CXF 
_refine.pdbx_stereochemistry_target_values       'GeoStd + Monomer Library + CDL v1.2' 
_refine.pdbx_R_Free_selection_details            ? 
_refine.pdbx_stereochem_target_val_spec_case     ? 
_refine.pdbx_overall_ESU_R                       ? 
_refine.pdbx_overall_ESU_R_Free                  ? 
_refine.pdbx_solvent_vdw_probe_radii             1.1000 
_refine.pdbx_solvent_ion_probe_radii             ? 
_refine.pdbx_solvent_shrinkage_radii             0.9000 
_refine.pdbx_real_space_R                        ? 
_refine.pdbx_density_correlation                 ? 
_refine.pdbx_pd_number_of_powder_patterns        ? 
_refine.pdbx_pd_number_of_points                 ? 
_refine.pdbx_pd_meas_number_of_points            ? 
_refine.pdbx_pd_proc_ls_prof_R_factor            ? 
_refine.pdbx_pd_proc_ls_prof_wR_factor           ? 
_refine.pdbx_pd_Marquardt_correlation_coeff      ? 
_refine.pdbx_pd_Fsqrd_R_factor                   ? 
_refine.pdbx_pd_ls_matrix_band_width             ? 
_refine.pdbx_overall_phase_error                 46.8033 
_refine.pdbx_overall_SU_R_free_Cruickshank_DPI   ? 
_refine.pdbx_overall_SU_R_free_Blow_DPI          ? 
_refine.pdbx_overall_SU_R_Blow_DPI               ? 
_refine.pdbx_TLS_residual_ADP_flag               ? 
_refine.pdbx_diffrn_id                           1 
_refine.overall_SU_B                             ? 
_refine.overall_SU_ML                            0.3906 
_refine.overall_SU_R_Cruickshank_DPI             ? 
_refine.overall_SU_R_free                        ? 
_refine.overall_FOM_free_R_set                   ? 
_refine.overall_FOM_work_R_set                   ? 
_refine.pdbx_average_fsc_overall                 ? 
_refine.pdbx_average_fsc_work                    ? 
_refine.pdbx_average_fsc_free                    ? 
# 
_refine_hist.pdbx_refine_id                   'X-RAY DIFFRACTION' 
_refine_hist.cycle_id                         LAST 
_refine_hist.details                          ? 
_refine_hist.d_res_high                       2.02 
_refine_hist.d_res_low                        59.48 
_refine_hist.number_atoms_solvent             7 
_refine_hist.number_atoms_total               1061 
_refine_hist.number_reflns_all                ? 
_refine_hist.number_reflns_obs                ? 
_refine_hist.number_reflns_R_free             ? 
_refine_hist.number_reflns_R_work             ? 
_refine_hist.R_factor_all                     ? 
_refine_hist.R_factor_obs                     ? 
_refine_hist.R_factor_R_free                  ? 
_refine_hist.R_factor_R_work                  ? 
_refine_hist.pdbx_number_residues_total       ? 
_refine_hist.pdbx_B_iso_mean_ligand           ? 
_refine_hist.pdbx_B_iso_mean_solvent          ? 
_refine_hist.pdbx_number_atoms_protein        0 
_refine_hist.pdbx_number_atoms_nucleic_acid   1042 
_refine_hist.pdbx_number_atoms_ligand         12 
_refine_hist.pdbx_number_atoms_lipid          ? 
_refine_hist.pdbx_number_atoms_carb           ? 
_refine_hist.pdbx_pseudo_atom_details         ? 
# 
loop_
_refine_ls_restr.pdbx_refine_id 
_refine_ls_restr.criterion 
_refine_ls_restr.dev_ideal 
_refine_ls_restr.dev_ideal_target 
_refine_ls_restr.number 
_refine_ls_restr.rejects 
_refine_ls_restr.type 
_refine_ls_restr.weight 
_refine_ls_restr.pdbx_restraint_function 
'X-RAY DIFFRACTION' ? 0.0105  ? 1173 ? f_bond_d           ? ? 
'X-RAY DIFFRACTION' ? 1.2280  ? 1796 ? f_angle_d          ? ? 
'X-RAY DIFFRACTION' ? 0.0552  ? 208  ? f_chiral_restr     ? ? 
'X-RAY DIFFRACTION' ? 0.0081  ? 52   ? f_plane_restr      ? ? 
'X-RAY DIFFRACTION' ? 33.5457 ? 520  ? f_dihedral_angle_d ? ? 
# 
loop_
_refine_ls_shell.pdbx_refine_id 
_refine_ls_shell.d_res_high 
_refine_ls_shell.d_res_low 
_refine_ls_shell.number_reflns_all 
_refine_ls_shell.number_reflns_obs 
_refine_ls_shell.number_reflns_R_free 
_refine_ls_shell.number_reflns_R_work 
_refine_ls_shell.percent_reflns_obs 
_refine_ls_shell.percent_reflns_R_free 
_refine_ls_shell.R_factor_all 
_refine_ls_shell.R_factor_obs 
_refine_ls_shell.R_factor_R_free 
_refine_ls_shell.R_factor_R_free_error 
_refine_ls_shell.R_factor_R_work 
_refine_ls_shell.redundancy_reflns_all 
_refine_ls_shell.redundancy_reflns_obs 
_refine_ls_shell.wR_factor_all 
_refine_ls_shell.wR_factor_obs 
_refine_ls_shell.wR_factor_R_free 
_refine_ls_shell.wR_factor_R_work 
_refine_ls_shell.pdbx_R_complete 
_refine_ls_shell.pdbx_total_number_of_bins_used 
_refine_ls_shell.pdbx_phase_error 
_refine_ls_shell.pdbx_fsc_work 
_refine_ls_shell.pdbx_fsc_free 
'X-RAY DIFFRACTION' 2.02 2.23  . . 169 2832 95.76 . . . 0.5640 . 0.4810 . . . . . . . . . . . 
'X-RAY DIFFRACTION' 2.23 2.55  . . 156 2934 97.66 . . . 0.4517 . 0.3789 . . . . . . . . . . . 
'X-RAY DIFFRACTION' 2.55 3.21  . . 163 2910 96.64 . . . 0.4024 . 0.3283 . . . . . . . . . . . 
'X-RAY DIFFRACTION' 3.21 59.48 . . 140 2992 95.96 . . . 0.1801 . 0.1999 . . . . . . . . . . . 
# 
_struct.entry_id                     8DHC 
_struct.title                        'Crystal structure of an i-motif from the HRAS promoter region' 
_struct.pdbx_model_details           ? 
_struct.pdbx_formula_weight          ? 
_struct.pdbx_formula_weight_method   ? 
_struct.pdbx_model_type_details      ? 
_struct.pdbx_CASP_flag               N 
# 
_struct_keywords.entry_id        8DHC 
_struct_keywords.text            'HRAS, i-Motif, DNA, oncogene' 
_struct_keywords.pdbx_keywords   DNA 
# 
loop_
_struct_asym.id 
_struct_asym.pdbx_blank_PDB_chainid_flag 
_struct_asym.pdbx_modified 
_struct_asym.entity_id 
_struct_asym.details 
A N N 1 ? 
B N N 1 ? 
C N N 2 ? 
D N N 3 ? 
E N N 3 ? 
# 
loop_
_struct_conn.id 
_struct_conn.conn_type_id 
_struct_conn.pdbx_leaving_atom_flag 
_struct_conn.pdbx_PDB_id 
_struct_conn.ptnr1_label_asym_id 
_struct_conn.ptnr1_label_comp_id 
_struct_conn.ptnr1_label_seq_id 
_struct_conn.ptnr1_label_atom_id 
_struct_conn.pdbx_ptnr1_label_alt_id 
_struct_conn.pdbx_ptnr1_PDB_ins_code 
_struct_conn.pdbx_ptnr1_standard_comp_id 
_struct_conn.ptnr1_symmetry 
_struct_conn.ptnr2_label_asym_id 
_struct_conn.ptnr2_label_comp_id 
_struct_conn.ptnr2_label_seq_id 
_struct_conn.ptnr2_label_atom_id 
_struct_conn.pdbx_ptnr2_label_alt_id 
_struct_conn.pdbx_ptnr2_PDB_ins_code 
_struct_conn.ptnr1_auth_asym_id 
_struct_conn.ptnr1_auth_comp_id 
_struct_conn.ptnr1_auth_seq_id 
_struct_conn.ptnr2_auth_asym_id 
_struct_conn.ptnr2_auth_comp_id 
_struct_conn.ptnr2_auth_seq_id 
_struct_conn.ptnr2_symmetry 
_struct_conn.pdbx_ptnr3_label_atom_id 
_struct_conn.pdbx_ptnr3_label_seq_id 
_struct_conn.pdbx_ptnr3_label_comp_id 
_struct_conn.pdbx_ptnr3_label_asym_id 
_struct_conn.pdbx_ptnr3_label_alt_id 
_struct_conn.pdbx_ptnr3_PDB_ins_code 
_struct_conn.details 
_struct_conn.pdbx_dist_value 
_struct_conn.pdbx_value_order 
_struct_conn.pdbx_role 
hydrog1  hydrog ? ? A DC 1  N4 ? ? ? 1_555 B DG 2  N7 ? ? A DC 1  B DG 2  1_555 ? ? ? ? ? ? 'DC-DG PAIR' ? ? ? 
hydrog2  hydrog ? ? A DC 1  N4 ? ? ? 1_555 B DG 15 O6 ? ? A DC 1  B DG 15 1_555 ? ? ? ? ? ? 'DC-DG PAIR' ? ? ? 
hydrog3  hydrog ? ? A DG 2  O6 ? ? ? 1_555 A DC 14 N4 ? ? A DG 2  A DC 14 1_555 ? ? ? ? ? ? 'DG-DC PAIR' ? ? ? 
hydrog4  hydrog ? ? A DG 2  N7 ? ? ? 1_555 B DC 1  N4 ? ? A DG 2  B DC 1  1_555 ? ? ? ? ? ? 'DG-DC PAIR' ? ? ? 
hydrog5  hydrog ? ? A DG 2  N1 ? ? ? 1_555 B DC 14 N3 ? ? A DG 2  B DC 14 1_555 ? ? ? ? ? ? WATSON-CRICK ? ? ? 
hydrog6  hydrog ? ? A DG 2  N2 ? ? ? 1_555 B DC 14 O2 ? ? A DG 2  B DC 14 1_555 ? ? ? ? ? ? WATSON-CRICK ? ? ? 
hydrog7  hydrog ? ? A DG 2  O6 ? ? ? 1_555 B DC 14 N4 ? ? A DG 2  B DC 14 1_555 ? ? ? ? ? ? WATSON-CRICK ? ? ? 
hydrog8  hydrog ? ? A DC 3  N4 ? ? ? 1_555 B DC 16 O2 ? ? A DC 3  B DC 16 1_555 ? ? ? ? ? ? TYPE_15_PAIR ? ? ? 
hydrog9  hydrog ? ? A DC 3  O2 ? ? ? 1_555 B DC 16 N4 ? ? A DC 3  B DC 16 1_555 ? ? ? ? ? ? TYPE_15_PAIR ? ? ? 
hydrog10 hydrog ? ? A DC 4  N4 ? ? ? 1_555 B DC 17 O2 ? ? A DC 4  B DC 17 1_555 ? ? ? ? ? ? TYPE_15_PAIR ? ? ? 
hydrog11 hydrog ? ? A DC 4  O2 ? ? ? 1_555 B DC 17 N4 ? ? A DC 4  B DC 17 1_555 ? ? ? ? ? ? TYPE_15_PAIR ? ? ? 
hydrog12 hydrog ? ? A DC 5  N4 ? ? ? 1_555 B DC 18 O2 ? ? A DC 5  B DC 18 1_555 ? ? ? ? ? ? TYPE_15_PAIR ? ? ? 
hydrog13 hydrog ? ? A DC 5  O2 ? ? ? 1_555 B DC 18 N4 ? ? A DC 5  B DC 18 1_555 ? ? ? ? ? ? TYPE_15_PAIR ? ? ? 
hydrog14 hydrog ? ? A DG 6  N2 ? ? ? 1_555 B DG 19 N3 ? ? A DG 6  B DG 19 1_555 ? ? ? ? ? ? TYPE_4_PAIR  ? ? ? 
hydrog15 hydrog ? ? A DG 6  N3 ? ? ? 1_555 B DG 19 N2 ? ? A DG 6  B DG 19 1_555 ? ? ? ? ? ? TYPE_4_PAIR  ? ? ? 
hydrog16 hydrog ? ? A DC 9  N4 ? ? ? 1_555 B DC 23 O2 ? ? A DC 9  B DC 23 1_555 ? ? ? ? ? ? TYPE_15_PAIR ? ? ? 
hydrog17 hydrog ? ? A DC 9  O2 ? ? ? 1_555 B DC 23 N4 ? ? A DC 9  B DC 23 1_555 ? ? ? ? ? ? TYPE_15_PAIR ? ? ? 
hydrog18 hydrog ? ? A DC 10 N4 ? ? ? 1_555 B DC 24 O2 ? ? A DC 10 B DC 24 1_555 ? ? ? ? ? ? TYPE_15_PAIR ? ? ? 
hydrog19 hydrog ? ? A DC 10 O2 ? ? ? 1_555 B DC 24 N4 ? ? A DC 10 B DC 24 1_555 ? ? ? ? ? ? TYPE_15_PAIR ? ? ? 
hydrog20 hydrog ? ? A DC 11 N4 ? ? ? 1_555 B DC 25 O2 ? ? A DC 11 B DC 25 1_555 ? ? ? ? ? ? TYPE_15_PAIR ? ? ? 
hydrog21 hydrog ? ? A DC 11 O2 ? ? ? 1_555 B DC 25 N4 ? ? A DC 11 B DC 25 1_555 ? ? ? ? ? ? TYPE_15_PAIR ? ? ? 
hydrog22 hydrog ? ? A DT 12 N3 ? ? ? 1_555 B DT 12 O2 ? ? A DT 12 B DT 12 1_555 ? ? ? ? ? ? TYPE_13_PAIR ? ? ? 
hydrog23 hydrog ? ? A DT 12 O2 ? ? ? 1_555 B DT 12 N3 ? ? A DT 12 B DT 12 1_555 ? ? ? ? ? ? TYPE_13_PAIR ? ? ? 
hydrog24 hydrog ? ? A DG 13 N2 ? ? ? 1_555 B DG 13 N3 ? ? A DG 13 B DG 13 1_555 ? ? ? ? ? ? TYPE_4_PAIR  ? ? ? 
hydrog25 hydrog ? ? A DG 13 N3 ? ? ? 1_555 B DG 13 N2 ? ? A DG 13 B DG 13 1_555 ? ? ? ? ? ? TYPE_4_PAIR  ? ? ? 
hydrog26 hydrog ? ? A DC 14 N3 ? ? ? 1_555 B DG 2  N1 ? ? A DC 14 B DG 2  1_555 ? ? ? ? ? ? WATSON-CRICK ? ? ? 
hydrog27 hydrog ? ? A DC 14 N4 ? ? ? 1_555 B DG 2  O6 ? ? A DC 14 B DG 2  1_555 ? ? ? ? ? ? WATSON-CRICK ? ? ? 
hydrog28 hydrog ? ? A DC 14 O2 ? ? ? 1_555 B DG 2  N2 ? ? A DC 14 B DG 2  1_555 ? ? ? ? ? ? WATSON-CRICK ? ? ? 
hydrog29 hydrog ? ? A DG 15 O6 ? ? ? 1_555 B DC 1  N4 ? ? A DG 15 B DC 1  1_555 ? ? ? ? ? ? 'DG-DC PAIR' ? ? ? 
hydrog30 hydrog ? ? A DC 16 N4 ? ? ? 1_555 B DC 3  O2 ? ? A DC 16 B DC 3  1_555 ? ? ? ? ? ? TYPE_15_PAIR ? ? ? 
hydrog31 hydrog ? ? A DC 16 O2 ? ? ? 1_555 B DC 3  N4 ? ? A DC 16 B DC 3  1_555 ? ? ? ? ? ? TYPE_15_PAIR ? ? ? 
hydrog32 hydrog ? ? A DC 17 N4 ? ? ? 1_555 B DC 4  O2 ? ? A DC 17 B DC 4  1_555 ? ? ? ? ? ? TYPE_15_PAIR ? ? ? 
hydrog33 hydrog ? ? A DC 17 O2 ? ? ? 1_555 B DC 4  N4 ? ? A DC 17 B DC 4  1_555 ? ? ? ? ? ? TYPE_15_PAIR ? ? ? 
hydrog34 hydrog ? ? A DC 18 N4 ? ? ? 1_555 B DC 5  O2 ? ? A DC 18 B DC 5  1_555 ? ? ? ? ? ? TYPE_15_PAIR ? ? ? 
hydrog35 hydrog ? ? A DC 18 O2 ? ? ? 1_555 B DC 5  N4 ? ? A DC 18 B DC 5  1_555 ? ? ? ? ? ? TYPE_15_PAIR ? ? ? 
hydrog36 hydrog ? ? A DG 19 N2 ? ? ? 1_555 B DG 6  N3 ? ? A DG 19 B DG 6  1_555 ? ? ? ? ? ? TYPE_4_PAIR  ? ? ? 
hydrog37 hydrog ? ? A DG 19 N3 ? ? ? 1_555 B DG 6  N2 ? ? A DG 19 B DG 6  1_555 ? ? ? ? ? ? TYPE_4_PAIR  ? ? ? 
hydrog38 hydrog ? ? A DC 23 N4 ? ? ? 1_555 B DC 9  O2 ? ? A DC 23 B DC 9  1_555 ? ? ? ? ? ? TYPE_15_PAIR ? ? ? 
hydrog39 hydrog ? ? A DC 23 O2 ? ? ? 1_555 B DC 9  N4 ? ? A DC 23 B DC 9  1_555 ? ? ? ? ? ? TYPE_15_PAIR ? ? ? 
hydrog40 hydrog ? ? A DC 24 N4 ? ? ? 1_555 B DC 10 O2 ? ? A DC 24 B DC 10 1_555 ? ? ? ? ? ? TYPE_15_PAIR ? ? ? 
hydrog41 hydrog ? ? A DC 24 O2 ? ? ? 1_555 B DC 10 N4 ? ? A DC 24 B DC 10 1_555 ? ? ? ? ? ? TYPE_15_PAIR ? ? ? 
hydrog42 hydrog ? ? A DC 25 N4 ? ? ? 1_555 B DC 11 O2 ? ? A DC 25 B DC 11 1_555 ? ? ? ? ? ? TYPE_15_PAIR ? ? ? 
hydrog43 hydrog ? ? A DC 25 O2 ? ? ? 1_555 B DC 11 N4 ? ? A DC 25 B DC 11 1_555 ? ? ? ? ? ? TYPE_15_PAIR ? ? ? 
hydrog44 hydrog ? ? B DG 2  O6 ? ? ? 1_555 B DC 14 N4 ? ? B DG 2  B DC 14 1_555 ? ? ? ? ? ? 'DG-DC PAIR' ? ? ? 
# 
_struct_conn_type.id          hydrog 
_struct_conn_type.criteria    ? 
_struct_conn_type.reference   ? 
# 
_atom_sites.entry_id                    8DHC 
_atom_sites.Cartn_transf_matrix[1][1]   ? 
_atom_sites.Cartn_transf_matrix[1][2]   ? 
_atom_sites.Cartn_transf_matrix[1][3]   ? 
_atom_sites.Cartn_transf_matrix[2][1]   ? 
_atom_sites.Cartn_transf_matrix[2][2]   ? 
_atom_sites.Cartn_transf_matrix[2][3]   ? 
_atom_sites.Cartn_transf_matrix[3][1]   ? 
_atom_sites.Cartn_transf_matrix[3][2]   ? 
_atom_sites.Cartn_transf_matrix[3][3]   ? 
_atom_sites.Cartn_transf_vector[1]      ? 
_atom_sites.Cartn_transf_vector[2]      ? 
_atom_sites.Cartn_transf_vector[3]      ? 
_atom_sites.fract_transf_matrix[1][1]   -0.00342203 
_atom_sites.fract_transf_matrix[1][2]   -0.00154136 
_atom_sites.fract_transf_matrix[1][3]   -0.00752198 
_atom_sites.fract_transf_matrix[2][1]   -0.01607446 
_atom_sites.fract_transf_matrix[2][2]   0.02961591 
_atom_sites.fract_transf_matrix[2][3]   0.00124414 
_atom_sites.fract_transf_matrix[3][1]   0.01393523 
_atom_sites.fract_transf_matrix[3][2]   0.00794511 
_atom_sites.fract_transf_matrix[3][3]   -0.00908278 
_atom_sites.fract_transf_vector[1]      0.503733 
_atom_sites.fract_transf_vector[2]      0.430196 
_atom_sites.fract_transf_vector[3]      0.278239 
_atom_sites.solution_primary            ? 
_atom_sites.solution_secondary          ? 
_atom_sites.solution_hydrogens          ? 
_atom_sites.special_details             ? 
# 
loop_
_atom_type.symbol 
_atom_type.scat_dispersion_real 
_atom_type.scat_dispersion_imag 
_atom_type.scat_Cromer_Mann_a1 
_atom_type.scat_Cromer_Mann_a2 
_atom_type.scat_Cromer_Mann_a3 
_atom_type.scat_Cromer_Mann_a4 
_atom_type.scat_Cromer_Mann_b1 
_atom_type.scat_Cromer_Mann_b2 
_atom_type.scat_Cromer_Mann_b3 
_atom_type.scat_Cromer_Mann_b4 
_atom_type.scat_Cromer_Mann_c 
_atom_type.scat_source 
_atom_type.scat_dispersion_source 
C   ? ? 3.54356 2.42580 ? ? 25.62398 1.50364  ? ? 0.0 
;2-Gaussian fit: Grosse-Kunstleve RW, Sauter NK, Adams PD: Newsletter of the IUCr Commission on Crystallographic Computing 2004, 3, 22-31.
;
? 
N   ? ? 4.01032 2.96436 ? ? 19.97189 1.75589  ? ? 0.0 
;2-Gaussian fit: Grosse-Kunstleve RW, Sauter NK, Adams PD: Newsletter of the IUCr Commission on Crystallographic Computing 2004, 3, 22-31.
;
? 
O   ? ? 4.49882 3.47563 ? ? 15.80542 1.70748  ? ? 0.0 
;2-Gaussian fit: Grosse-Kunstleve RW, Sauter NK, Adams PD: Newsletter of the IUCr Commission on Crystallographic Computing 2004, 3, 22-31.
;
? 
O1- ? ? 5.12366 3.84317 ? ? 3.49406  27.47979 ? ? 0.0 
;2-Gaussian fit: Grosse-Kunstleve RW, Sauter NK, Adams PD: Newsletter of the IUCr Commission on Crystallographic Computing 2004, 3, 22-31.
;
? 
P   ? ? 9.51135 5.44231 ? ? 1.42069  35.72801 ? ? 0.0 
;2-Gaussian fit: Grosse-Kunstleve RW, Sauter NK, Adams PD: Newsletter of the IUCr Commission on Crystallographic Computing 2004, 3, 22-31.
;
? 
# 
loop_
_atom_site.group_PDB 
_atom_site.id 
_atom_site.type_symbol 
_atom_site.label_atom_id 
_atom_site.label_alt_id 
_atom_site.label_comp_id 
_atom_site.label_asym_id 
_atom_site.label_entity_id 
_atom_site.label_seq_id 
_atom_site.pdbx_PDB_ins_code 
_atom_site.Cartn_x 
_atom_site.Cartn_y 
_atom_site.Cartn_z 
_atom_site.occupancy 
_atom_site.B_iso_or_equiv 
_atom_site.pdbx_formal_charge 
_atom_site.auth_seq_id 
_atom_site.auth_comp_id 
_atom_site.auth_asym_id 
_atom_site.auth_atom_id 
_atom_site.pdbx_PDB_model_num 
ATOM   1    C "C5'" . DC  A 1 1  ? 0.21598   -1.70333  2.39489   1.000 52.89838  ?  1   DC  A "C5'" 1 
ATOM   2    C "C4'" . DC  A 1 1  ? 0.84803   -0.86980  3.52980   1.000 53.93661  ?  1   DC  A "C4'" 1 
ATOM   3    O "O4'" . DC  A 1 1  ? 1.35355   0.39949   2.99220   1.000 50.30275  ?  1   DC  A "O4'" 1 
ATOM   4    C "C3'" . DC  A 1 1  ? -0.12970  -0.44310  4.60347   1.000 50.78987  ?  1   DC  A "C3'" 1 
ATOM   5    O "O3'" . DC  A 1 1  ? 0.58631   0.01656   5.76483   1.000 55.40177  ?  1   DC  A "O3'" 1 
ATOM   6    C "C2'" . DC  A 1 1  ? -0.78396  0.72549   3.90099   1.000 51.14421  ?  1   DC  A "C2'" 1 
ATOM   7    C "C1'" . DC  A 1 1  ? 0.46410   1.43633   3.37706   1.000 51.72287  ?  1   DC  A "C1'" 1 
ATOM   8    N N1    . DC  A 1 1  ? 0.18804   2.32618   2.22710   1.000 55.02633  ?  1   DC  A N1    1 
ATOM   9    C C2    . DC  A 1 1  ? 0.36837   3.70644   2.35546   1.000 57.36647  ?  1   DC  A C2    1 
ATOM   10   O O2    . DC  A 1 1  ? 0.78926   4.15924   3.42201   1.000 55.70595  ?  1   DC  A O2    1 
ATOM   11   N N3    . DC  A 1 1  ? 0.09080   4.51385   1.29570   1.000 54.00959  ?  1   DC  A N3    1 
ATOM   12   C C4    . DC  A 1 1  ? -0.35277  3.98891   0.15945   1.000 58.70580  ?  1   DC  A C4    1 
ATOM   13   N N4    . DC  A 1 1  ? -0.62928  4.82416   -0.85174  1.000 56.04859  ?  1   DC  A N4    1 
ATOM   14   C C5    . DC  A 1 1  ? -0.55896  2.58474   0.01310   1.000 57.31540  ?  1   DC  A C5    1 
ATOM   15   C C6    . DC  A 1 1  ? -0.28615  1.79825   1.06014   1.000 57.71041  ?  1   DC  A C6    1 
ATOM   16   P P     . DG  A 1 2  ? 0.43043   -0.70772  7.18533   1.000 56.85344  ?  2   DG  A P     1 
ATOM   17   O OP1   . DG  A 1 2  ? -0.89099  -1.37452  7.29324   1.000 55.73448  ?  2   DG  A OP1   1 
ATOM   18   O OP2   . DG  A 1 2  ? 0.81029   0.33055   8.16388   1.000 59.06971  -1 2   DG  A OP2   1 
ATOM   19   O "O5'" . DG  A 1 2  ? 1.55927   -1.82260  7.15678   1.000 55.38873  ?  2   DG  A "O5'" 1 
ATOM   20   C "C5'" . DG  A 1 2  ? 2.87167   -1.44508  6.85358   1.000 58.81512  ?  2   DG  A "C5'" 1 
ATOM   21   C "C4'" . DG  A 1 2  ? 3.72298   -2.64190  6.49816   1.000 60.79526  ?  2   DG  A "C4'" 1 
ATOM   22   O "O4'" . DG  A 1 2  ? 3.55871   -2.93876  5.08317   1.000 59.46996  ?  2   DG  A "O4'" 1 
ATOM   23   C "C3'" . DG  A 1 2  ? 5.21302   -2.41231  6.71962   1.000 65.35744  ?  2   DG  A "C3'" 1 
ATOM   24   O "O3'" . DG  A 1 2  ? 5.81448   -3.56026  7.29416   1.000 68.83712  ?  2   DG  A "O3'" 1 
ATOM   25   C "C2'" . DG  A 1 2  ? 5.75231   -2.09959  5.32299   1.000 59.65170  ?  2   DG  A "C2'" 1 
ATOM   26   C "C1'" . DG  A 1 2  ? 4.80896   -2.88337  4.42680   1.000 60.00155  ?  2   DG  A "C1'" 1 
ATOM   27   N N9    . DG  A 1 2  ? 4.59529   -2.28989  3.11394   1.000 59.24431  ?  2   DG  A N9    1 
ATOM   28   C C8    . DG  A 1 2  ? 4.49448   -2.97293  1.92981   1.000 57.63727  ?  2   DG  A C8    1 
ATOM   29   N N7    . DG  A 1 2  ? 4.27734   -2.20279  0.90281   1.000 60.72785  ?  2   DG  A N7    1 
ATOM   30   C C5    . DG  A 1 2  ? 4.18571   -0.93056  1.42925   1.000 58.44260  ?  2   DG  A C5    1 
ATOM   31   C C6    . DG  A 1 2  ? 3.95698   0.30620   0.77794   1.000 57.28112  ?  2   DG  A C6    1 
ATOM   32   O O6    . DG  A 1 2  ? 3.77377   0.52024   -0.43198  1.000 60.18103  ?  2   DG  A O6    1 
ATOM   33   N N1    . DG  A 1 2  ? 3.94881   1.36690   1.67750   1.000 59.46842  ?  2   DG  A N1    1 
ATOM   34   C C2    . DG  A 1 2  ? 4.14663   1.25064   3.02746   1.000 57.69679  ?  2   DG  A C2    1 
ATOM   35   N N2    . DG  A 1 2  ? 4.09772   2.39556   3.72694   1.000 56.59506  ?  2   DG  A N2    1 
ATOM   36   N N3    . DG  A 1 2  ? 4.36349   0.09285   3.65653   1.000 60.36628  ?  2   DG  A N3    1 
ATOM   37   C C4    . DG  A 1 2  ? 4.37542   -0.95416  2.79756   1.000 58.76200  ?  2   DG  A C4    1 
ATOM   38   P P     . DC  A 1 3  ? 5.97454   -3.64819  8.88661   1.000 62.26529  ?  3   DC  A P     1 
ATOM   39   O OP1   . DC  A 1 3  ? 6.83467   -4.79998  9.23799   1.000 66.43167  ?  3   DC  A OP1   1 
ATOM   40   O OP2   . DC  A 1 3  ? 4.60934   -3.53922  9.44625   1.000 60.35985  -1 3   DC  A OP2   1 
ATOM   41   O "O5'" . DC  A 1 3  ? 6.76027   -2.31406  9.28594   1.000 62.46215  ?  3   DC  A "O5'" 1 
ATOM   42   C "C5'" . DC  A 1 3  ? 8.10832   -2.13000  8.88731   1.000 58.13071  ?  3   DC  A "C5'" 1 
ATOM   43   C "C4'" . DC  A 1 3  ? 8.63064   -0.81536  9.41919   1.000 62.12508  ?  3   DC  A "C4'" 1 
ATOM   44   O "O4'" . DC  A 1 3  ? 7.85929   0.26716   8.86033   1.000 58.92592  ?  3   DC  A "O4'" 1 
ATOM   45   C "C3'" . DC  A 1 3  ? 8.51908   -0.64676  10.93490  1.000 59.78129  ?  3   DC  A "C3'" 1 
ATOM   46   O "O3'" . DC  A 1 3  ? 9.67678   -1.19282  11.55103  1.000 63.11952  ?  3   DC  A "O3'" 1 
ATOM   47   C "C2'" . DC  A 1 3  ? 8.46123   0.87112   11.09274  1.000 59.00201  ?  3   DC  A "C2'" 1 
ATOM   48   C "C1'" . DC  A 1 3  ? 7.80054   1.34541   9.79022   1.000 55.46520  ?  3   DC  A "C1'" 1 
ATOM   49   N N1    . DC  A 1 3  ? 6.37262   1.74231   9.94296   1.000 55.09665  ?  3   DC  A N1    1 
ATOM   50   C C2    . DC  A 1 3  ? 5.97049   3.06353   9.66616   1.000 54.79770  ?  3   DC  A C2    1 
ATOM   51   O O2    . DC  A 1 3  ? 6.80725   3.89435   9.31375   1.000 55.52447  ?  3   DC  A O2    1 
ATOM   52   N N3    . DC  A 1 3  ? 4.65758   3.38342   9.76631   1.000 53.03113  ?  3   DC  A N3    1 
ATOM   53   C C4    . DC  A 1 3  ? 3.76580   2.45548   10.13388  1.000 52.02280  ?  3   DC  A C4    1 
ATOM   54   N N4    . DC  A 1 3  ? 2.49572   2.83279   10.25753  1.000 51.82216  ?  3   DC  A N4    1 
ATOM   55   C C5    . DC  A 1 3  ? 4.14693   1.10691   10.40752  1.000 53.29449  ?  3   DC  A C5    1 
ATOM   56   C C6    . DC  A 1 3  ? 5.44578   0.79415   10.28201  1.000 54.89869  ?  3   DC  A C6    1 
ATOM   57   P P     . DC  A 1 4  ? 9.68938   -1.66113  13.09637  1.000 72.02583  ?  4   DC  A P     1 
ATOM   58   O OP1   . DC  A 1 4  ? 10.68236  -2.75753  13.15632  1.000 76.71527  ?  4   DC  A OP1   1 
ATOM   59   O OP2   . DC  A 1 4  ? 8.33443   -1.88048  13.65538  1.000 69.66394  -1 4   DC  A OP2   1 
ATOM   60   O "O5'" . DC  A 1 4  ? 10.25895  -0.38829  13.87663  1.000 71.88148  ?  4   DC  A "O5'" 1 
ATOM   61   C "C5'" . DC  A 1 4  ? 11.49000  0.19246   13.49505  1.000 67.43183  ?  4   DC  A "C5'" 1 
ATOM   62   C "C4'" . DC  A 1 4  ? 11.64693  1.55316   14.14056  1.000 64.32017  ?  4   DC  A "C4'" 1 
ATOM   63   O "O4'" . DC  A 1 4  ? 10.46691  2.33358   13.88049  1.000 63.62347  ?  4   DC  A "O4'" 1 
ATOM   64   C "C3'" . DC  A 1 4  ? 11.75732  1.52958   15.65291  1.000 62.91001  ?  4   DC  A "C3'" 1 
ATOM   65   O "O3'" . DC  A 1 4  ? 13.11178  1.35708   16.02390  1.000 66.02516  ?  4   DC  A "O3'" 1 
ATOM   66   C "C2'" . DC  A 1 4  ? 11.25492  2.91694   16.03971  1.000 58.75127  ?  4   DC  A "C2'" 1 
ATOM   67   C "C1'" . DC  A 1 4  ? 10.28101  3.27074   14.91873  1.000 58.91362  ?  4   DC  A "C1'" 1 
ATOM   68   N N1    . DC  A 1 4  ? 8.85475   3.24614   15.32351  1.000 54.40040  ?  4   DC  A N1    1 
ATOM   69   C C2    . DC  A 1 4  ? 8.15678   4.45449   15.45473  1.000 55.06439  ?  4   DC  A C2    1 
ATOM   70   O O2    . DC  A 1 4  ? 8.74655   5.52998   15.24542  1.000 53.55615  ?  4   DC  A O2    1 
ATOM   71   N N3    . DC  A 1 4  ? 6.85461   4.42112   15.80590  1.000 53.98349  ?  4   DC  A N3    1 
ATOM   72   C C4    . DC  A 1 4  ? 6.24718   3.25584   16.02312  1.000 54.74043  ?  4   DC  A C4    1 
ATOM   73   N N4    . DC  A 1 4  ? 4.96455   3.29027   16.37796  1.000 50.60973  ?  4   DC  A N4    1 
ATOM   74   C C5    . DC  A 1 4  ? 6.93440   2.00899   15.88993  1.000 56.84068  ?  4   DC  A C5    1 
ATOM   75   C C6    . DC  A 1 4  ? 8.23154   2.05578   15.54002  1.000 58.02008  ?  4   DC  A C6    1 
ATOM   76   P P     . DC  A 1 5  ? 13.48530  0.70233   17.43653  1.000 69.09601  ?  5   DC  A P     1 
ATOM   77   O OP1   . DC  A 1 5  ? 14.93562  0.42908   17.44412  1.000 73.31276  ?  5   DC  A OP1   1 
ATOM   78   O OP2   . DC  A 1 5  ? 12.51646  -0.40640  17.60663  1.000 74.09394  -1 5   DC  A OP2   1 
ATOM   79   O "O5'" . DC  A 1 5  ? 13.12357  1.85643   18.50024  1.000 67.73744  ?  5   DC  A "O5'" 1 
ATOM   80   C "C5'" . DC  A 1 5  ? 14.06737  2.27714   19.54510  1.000 58.76516  ?  5   DC  A "C5'" 1 
ATOM   81   C "C4'" . DC  A 1 5  ? 14.05828  3.79811   19.66600  1.000 55.44252  ?  5   DC  A "C4'" 1 
ATOM   82   O "O4'" . DC  A 1 5  ? 12.69434  4.27246   19.59535  1.000 55.62248  ?  5   DC  A "O4'" 1 
ATOM   83   C "C3'" . DC  A 1 5  ? 14.63021  4.38296   20.96238  1.000 57.03005  ?  5   DC  A "C3'" 1 
ATOM   84   O "O3'" . DC  A 1 5  ? 15.22672  5.64351   20.68955  1.000 57.93115  ?  5   DC  A "O3'" 1 
ATOM   85   C "C2'" . DC  A 1 5  ? 13.38978  4.55481   21.81892  1.000 51.99778  ?  5   DC  A "C2'" 1 
ATOM   86   C "C1'" . DC  A 1 5  ? 12.36550  4.97499   20.76479  1.000 53.50604  ?  5   DC  A "C1'" 1 
ATOM   87   N N1    . DC  A 1 5  ? 10.99630  4.64004   21.14939  1.000 51.20382  ?  5   DC  A N1    1 
ATOM   88   C C2    . DC  A 1 5  ? 10.00983  5.62013   21.11732  1.000 50.76073  ?  5   DC  A C2    1 
ATOM   89   O O2    . DC  A 1 5  ? 10.29707  6.74766   20.71329  1.000 48.97318  ?  5   DC  A O2    1 
ATOM   90   N N3    . DC  A 1 5  ? 8.75447   5.29988   21.50949  1.000 49.17694  ?  5   DC  A N3    1 
ATOM   91   C C4    . DC  A 1 5  ? 8.48054   4.06521   21.93801  1.000 53.31052  ?  5   DC  A C4    1 
ATOM   92   N N4    . DC  A 1 5  ? 7.22408   3.79291   22.32777  1.000 54.89698  ?  5   DC  A N4    1 
ATOM   93   C C5    . DC  A 1 5  ? 9.47841   3.05420   21.97948  1.000 55.43713  ?  5   DC  A C5    1 
ATOM   94   C C6    . DC  A 1 5  ? 10.71425  3.38731   21.59027  1.000 54.37953  ?  5   DC  A C6    1 
ATOM   95   P P     . DG  A 1 6  ? 16.28461  6.26212   21.72848  1.000 61.12661  ?  6   DG  A P     1 
ATOM   96   O OP1   . DG  A 1 6  ? 16.99591  7.34863   21.02398  1.000 59.72632  ?  6   DG  A OP1   1 
ATOM   97   O OP2   . DG  A 1 6  ? 16.99210  5.09449   22.30197  1.000 58.80822  -1 6   DG  A OP2   1 
ATOM   98   O "O5'" . DG  A 1 6  ? 15.37067  6.86861   22.89993  1.000 54.43891  ?  6   DG  A "O5'" 1 
ATOM   99   C "C5'" . DG  A 1 6  ? 14.53245  7.99501   22.63361  1.000 53.36047  ?  6   DG  A "C5'" 1 
ATOM   100  C "C4'" . DG  A 1 6  ? 13.64876  8.29467   23.83434  1.000 53.69959  ?  6   DG  A "C4'" 1 
ATOM   101  O "O4'" . DG  A 1 6  ? 12.57917  7.31802   23.91904  1.000 48.58602  ?  6   DG  A "O4'" 1 
ATOM   102  C "C3'" . DG  A 1 6  ? 14.36334  8.25283   25.18865  1.000 51.90569  ?  6   DG  A "C3'" 1 
ATOM   103  O "O3'" . DG  A 1 6  ? 13.87795  9.28167   26.00590  1.000 52.25904  ?  6   DG  A "O3'" 1 
ATOM   104  C "C2'" . DG  A 1 6  ? 13.95590  6.90153   25.74697  1.000 53.60083  ?  6   DG  A "C2'" 1 
ATOM   105  C "C1'" . DG  A 1 6  ? 12.53568  6.78366   25.18884  1.000 50.02047  ?  6   DG  A "C1'" 1 
ATOM   106  N N9    . DG  A 1 6  ? 12.07202  5.42405   25.14111  1.000 45.54147  ?  6   DG  A N9    1 
ATOM   107  C C8    . DG  A 1 6  ? 12.84755  4.30107   25.20556  1.000 51.53196  ?  6   DG  A C8    1 
ATOM   108  N N7    . DG  A 1 6  ? 12.16090  3.19520   25.23136  1.000 55.53795  ?  6   DG  A N7    1 
ATOM   109  C C5    . DG  A 1 6  ? 10.84198  3.61360   25.18808  1.000 52.25328  ?  6   DG  A C5    1 
ATOM   110  C C6    . DG  A 1 6  ? 9.64965   2.85834   25.18831  1.000 55.63553  ?  6   DG  A C6    1 
ATOM   111  O O6    . DG  A 1 6  ? 9.51611   1.62395   25.21699  1.000 60.11257  ?  6   DG  A O6    1 
ATOM   112  N N1    . DG  A 1 6  ? 8.52680   3.67503   25.15240  1.000 54.35868  ?  6   DG  A N1    1 
ATOM   113  C C2    . DG  A 1 6  ? 8.55458   5.04661   25.11876  1.000 53.33519  ?  6   DG  A C2    1 
ATOM   114  N N2    . DG  A 1 6  ? 7.36322   5.66010   25.07862  1.000 54.24012  ?  6   DG  A N2    1 
ATOM   115  N N3    . DG  A 1 6  ? 9.66637   5.76966   25.13005  1.000 53.75815  ?  6   DG  A N3    1 
ATOM   116  C C4    . DG  A 1 6  ? 10.76978  4.98742   25.17564  1.000 53.07725  ?  6   DG  A C4    1 
ATOM   117  P P     . DT  A 1 7  ? 14.80073  9.85299   27.17860  1.000 57.48454  ?  7   DT  A P     1 
ATOM   118  O OP1   . DT  A 1 7  ? 15.92348  8.89609   27.37158  1.000 55.97508  ?  7   DT  A OP1   1 
ATOM   119  O OP2   . DT  A 1 7  ? 13.84711  10.11797  28.28276  1.000 58.59005  -1 7   DT  A OP2   1 
ATOM   120  O "O5'" . DT  A 1 7  ? 15.38514  11.23088  26.58678  1.000 56.25478  ?  7   DT  A "O5'" 1 
ATOM   121  C "C5'" . DT  A 1 7  ? 16.45086  11.22062  25.60780  1.000 60.76266  ?  7   DT  A "C5'" 1 
ATOM   122  C "C4'" . DT  A 1 7  ? 17.36741  12.43692  25.78919  1.000 63.29184  ?  7   DT  A "C4'" 1 
ATOM   123  O "O4'" . DT  A 1 7  ? 17.78713  12.49793  27.16080  1.000 71.05388  ?  7   DT  A "O4'" 1 
ATOM   124  C "C3'" . DT  A 1 7  ? 18.65895  12.42745  24.97653  1.000 64.99869  ?  7   DT  A "C3'" 1 
ATOM   125  O "O3'" . DT  A 1 7  ? 18.46946  13.14210  23.79631  1.000 64.53857  ?  7   DT  A "O3'" 1 
ATOM   126  C "C2'" . DT  A 1 7  ? 19.67446  13.16511  25.87485  1.000 69.62850  ?  7   DT  A "C2'" 1 
ATOM   127  C "C1'" . DT  A 1 7  ? 19.03162  13.15839  27.25945  1.000 70.20481  ?  7   DT  A "C1'" 1 
ATOM   128  N N1    . DT  A 1 7  ? 19.84397  12.46321  28.31320  1.000 74.91547  ?  7   DT  A N1    1 
ATOM   129  C C2    . DT  A 1 7  ? 20.25060  11.15305  28.12217  1.000 75.74714  ?  7   DT  A C2    1 
ATOM   130  O O2    . DT  A 1 7  ? 20.00976  10.50687  27.11575  1.000 78.52292  ?  7   DT  A O2    1 
ATOM   131  N N3    . DT  A 1 7  ? 20.96271  10.62032  29.15817  1.000 76.42235  ?  7   DT  A N3    1 
ATOM   132  C C4    . DT  A 1 7  ? 21.30726  11.24037  30.34221  1.000 82.14395  ?  7   DT  A C4    1 
ATOM   133  O O4    . DT  A 1 7  ? 21.96326  10.67076  31.20863  1.000 86.28954  ?  7   DT  A O4    1 
ATOM   134  C C5    . DT  A 1 7  ? 20.84377  12.60580  30.48854  1.000 82.55918  ?  7   DT  A C5    1 
ATOM   135  C C7    . DT  A 1 7  ? 21.15776  13.38638  31.73933  1.000 81.71436  ?  7   DT  A C7    1 
ATOM   136  C C6    . DT  A 1 7  ? 20.14014  13.14143  29.47982  1.000 78.25077  ?  7   DT  A C6    1 
ATOM   137  P P     . DG  A 1 8  ? 19.29812  12.76939  22.46445  1.000 77.49134  ?  8   DG  A P     1 
ATOM   138  O OP1   . DG  A 1 8  ? 20.18841  11.62619  22.79719  1.000 73.46317  ?  8   DG  A OP1   1 
ATOM   139  O OP2   . DG  A 1 8  ? 19.81506  14.02189  21.87888  1.000 69.04321  -1 8   DG  A OP2   1 
ATOM   140  O "O5'" . DG  A 1 8  ? 18.15736  12.36895  21.40996  1.000 69.46684  ?  8   DG  A "O5'" 1 
ATOM   141  C "C5'" . DG  A 1 8  ? 17.84015  11.00762  21.13378  1.000 66.63472  ?  8   DG  A "C5'" 1 
ATOM   142  C "C4'" . DG  A 1 8  ? 16.36257  10.86285  20.80612  1.000 61.52318  ?  8   DG  A "C4'" 1 
ATOM   143  O "O4'" . DG  A 1 8  ? 15.57684  11.26426  21.94933  1.000 61.93362  ?  8   DG  A "O4'" 1 
ATOM   144  C "C3'" . DG  A 1 8  ? 15.83906  11.72068  19.65378  1.000 62.59438  ?  8   DG  A "C3'" 1 
ATOM   145  O "O3'" . DG  A 1 8  ? 14.71222  11.08421  19.08620  1.000 62.35389  ?  8   DG  A "O3'" 1 
ATOM   146  C "C2'" . DG  A 1 8  ? 15.41810  12.99777  20.35902  1.000 59.61419  ?  8   DG  A "C2'" 1 
ATOM   147  C "C1'" . DG  A 1 8  ? 14.80611  12.41066  21.62083  1.000 61.19231  ?  8   DG  A "C1'" 1 
ATOM   148  N N9    . DG  A 1 8  ? 14.81313  13.30828  22.77019  1.000 57.20325  ?  8   DG  A N9    1 
ATOM   149  C C8    . DG  A 1 8  ? 15.59638  14.41656  22.96393  1.000 58.94285  ?  8   DG  A C8    1 
ATOM   150  N N7    . DG  A 1 8  ? 15.36846  15.01243  24.10805  1.000 59.06558  ?  8   DG  A N7    1 
ATOM   151  C C5    . DG  A 1 8  ? 14.37468  14.24767  24.69851  1.000 55.64548  ?  8   DG  A C5    1 
ATOM   152  C C6    . DG  A 1 8  ? 13.72054  14.40305  25.94372  1.000 56.26929  ?  8   DG  A C6    1 
ATOM   153  O O6    . DG  A 1 8  ? 13.89097  15.28221  26.78763  1.000 53.98687  ?  8   DG  A O6    1 
ATOM   154  N N1    . DG  A 1 8  ? 12.77668  13.41280  26.16497  1.000 55.78861  ?  8   DG  A N1    1 
ATOM   155  C C2    . DG  A 1 8  ? 12.48286  12.39483  25.28357  1.000 55.83713  ?  8   DG  A C2    1 
ATOM   156  N N2    . DG  A 1 8  ? 11.53263  11.52548  25.67865  1.000 52.51864  ?  8   DG  A N2    1 
ATOM   157  N N3    . DG  A 1 8  ? 13.08831  12.23329  24.10851  1.000 50.48393  ?  8   DG  A N3    1 
ATOM   158  C C4    . DG  A 1 8  ? 14.01798  13.19652  23.88677  1.000 56.12549  ?  8   DG  A C4    1 
ATOM   159  P P     . DC  A 1 9  ? 14.59223  10.92284  17.50162  1.000 64.50533  ?  9   DC  A P     1 
ATOM   160  O OP1   . DC  A 1 9  ? 15.97418  10.90571  16.96598  1.000 62.69097  ?  9   DC  A OP1   1 
ATOM   161  O OP2   . DC  A 1 9  ? 13.58298  11.88502  17.00796  1.000 62.42731  -1 9   DC  A OP2   1 
ATOM   162  O "O5'" . DC  A 1 9  ? 13.90327  9.51382   17.33701  1.000 60.58209  ?  9   DC  A "O5'" 1 
ATOM   163  C "C5'" . DC  A 1 9  ? 14.49249  8.35899   17.86230  1.000 55.93818  ?  9   DC  A "C5'" 1 
ATOM   164  C "C4'" . DC  A 1 9  ? 13.58784  7.18017   17.56940  1.000 58.14981  ?  9   DC  A "C4'" 1 
ATOM   165  O "O4'" . DC  A 1 9  ? 12.33265  7.39036   18.21712  1.000 52.25976  ?  9   DC  A "O4'" 1 
ATOM   166  C "C3'" . DC  A 1 9  ? 13.23340  7.00735   16.09064  1.000 56.99231  ?  9   DC  A "C3'" 1 
ATOM   167  O "O3'" . DC  A 1 9  ? 14.05835  6.01683   15.53835  1.000 65.12645  ?  9   DC  A "O3'" 1 
ATOM   168  C "C2'" . DC  A 1 9  ? 11.75591  6.55936   16.10140  1.000 55.25726  ?  9   DC  A "C2'" 1 
ATOM   169  C "C1'" . DC  A 1 9  ? 11.36553  6.61129   17.58625  1.000 54.99091  ?  9   DC  A "C1'" 1 
ATOM   170  N N1    . DC  A 1 9  ? 10.08542  7.25513   17.81010  1.000 51.73224  ?  9   DC  A N1    1 
ATOM   171  C C2    . DC  A 1 9  ? 9.00175   6.49258   18.19795  1.000 50.14265  ?  9   DC  A C2    1 
ATOM   172  O O2    . DC  A 1 9  ? 9.16614   5.28975   18.37634  1.000 51.39622  ?  9   DC  A O2    1 
ATOM   173  N N3    . DC  A 1 9  ? 7.81457   7.09772   18.41175  1.000 48.50831  ?  9   DC  A N3    1 
ATOM   174  C C4    . DC  A 1 9  ? 7.69410   8.40735   18.22300  1.000 50.63331  ?  9   DC  A C4    1 
ATOM   175  N N4    . DC  A 1 9  ? 6.49812   8.96426   18.43095  1.000 52.02034  ?  9   DC  A N4    1 
ATOM   176  C C5    . DC  A 1 9  ? 8.79767   9.20968   17.80236  1.000 52.90392  ?  9   DC  A C5    1 
ATOM   177  C C6    . DC  A 1 9  ? 9.96475   8.59557   17.61237  1.000 53.17014  ?  9   DC  A C6    1 
ATOM   178  P P     . DC  A 1 10 ? 14.70079  6.19448   14.07624  1.000 69.22037  ?  10  DC  A P     1 
ATOM   179  O OP1   . DC  A 1 10 ? 16.11109  5.75526   14.15890  1.000 71.30821  ?  10  DC  A OP1   1 
ATOM   180  O OP2   . DC  A 1 10 ? 14.36547  7.52392   13.48548  1.000 63.28486  -1 10  DC  A OP2   1 
ATOM   181  O "O5'" . DC  A 1 10 ? 13.94687  5.10610   13.23516  1.000 67.61599  ?  10  DC  A "O5'" 1 
ATOM   182  C "C5'" . DC  A 1 10 ? 13.36946  5.46625   12.03678  1.000 60.76342  ?  10  DC  A "C5'" 1 
ATOM   183  C "C4'" . DC  A 1 10 ? 12.16960  4.60203   11.80734  1.000 59.40415  ?  10  DC  A "C4'" 1 
ATOM   184  O "O4'" . DC  A 1 10 ? 10.99905  5.29066   12.23150  1.000 61.95106  ?  10  DC  A "O4'" 1 
ATOM   185  C "C3'" . DC  A 1 10 ? 11.91926  4.21159   10.36182  1.000 58.89807  ?  10  DC  A "C3'" 1 
ATOM   186  O "O3'" . DC  A 1 10 ? 12.20527  2.82816   10.23279  1.000 62.57634  ?  10  DC  A "O3'" 1 
ATOM   187  C "C2'" . DC  A 1 10 ? 10.41794  4.51762   10.14332  1.000 61.12166  ?  10  DC  A "C2'" 1 
ATOM   188  C "C1'" . DC  A 1 10 ? 9.91969   4.72356   11.57143  1.000 54.14606  ?  10  DC  A "C1'" 1 
ATOM   189  N N1    . DC  A 1 10 ? 8.78510   5.64621   11.70037  1.000 50.15773  ?  10  DC  A N1    1 
ATOM   190  C C2    . DC  A 1 10 ? 7.56419   5.16686   12.17431  1.000 52.97714  ?  10  DC  A C2    1 
ATOM   191  O O2    . DC  A 1 10 ? 7.46748   3.97285   12.46099  1.000 51.42647  ?  10  DC  A O2    1 
ATOM   192  N N3    . DC  A 1 10 ? 6.52599   6.02521   12.30558  1.000 48.49289  ?  10  DC  A N3    1 
ATOM   193  C C4    . DC  A 1 10 ? 6.68392   7.30474   11.98121  1.000 50.31063  ?  10  DC  A C4    1 
ATOM   194  N N4    . DC  A 1 10 ? 5.63617   8.12083   12.11786  1.000 46.65603  ?  10  DC  A N4    1 
ATOM   195  C C5    . DC  A 1 10 ? 7.92978   7.80983   11.49921  1.000 47.06787  ?  10  DC  A C5    1 
ATOM   196  C C6    . DC  A 1 10 ? 8.93767   6.95047   11.37551  1.000 46.61575  ?  10  DC  A C6    1 
ATOM   197  P P     . DC  A 1 11 ? 12.64676  2.21370   8.82113   1.000 66.93036  ?  11  DC  A P     1 
ATOM   198  O OP1   . DC  A 1 11 ? 13.30466  0.91890   9.11536   1.000 65.57226  ?  11  DC  A OP1   1 
ATOM   199  O OP2   . DC  A 1 11 ? 13.37550  3.25337   8.04860   1.000 54.11297  -1 11  DC  A OP2   1 
ATOM   200  O "O5'" . DC  A 1 11 ? 11.24223  1.91183   8.13372   1.000 61.83253  ?  11  DC  A "O5'" 1 
ATOM   201  C "C5'" . DC  A 1 11 ? 11.10952  2.03094   6.72594   1.000 60.11914  ?  11  DC  A "C5'" 1 
ATOM   202  C "C4'" . DC  A 1 11 ? 9.71879   1.62050   6.28890   1.000 58.37476  ?  11  DC  A "C4'" 1 
ATOM   203  O "O4'" . DC  A 1 11 ? 8.77209   2.62337   6.67867   1.000 57.87848  ?  11  DC  A "O4'" 1 
ATOM   204  C "C3'" . DC  A 1 11 ? 9.54250   1.51070   4.78648   1.000 59.55647  ?  11  DC  A "C3'" 1 
ATOM   205  O "O3'" . DC  A 1 11 ? 9.84988   0.19067   4.35916   1.000 55.36498  ?  11  DC  A "O3'" 1 
ATOM   206  C "C2'" . DC  A 1 11 ? 8.05892   1.85648   4.56183   1.000 60.37927  ?  11  DC  A "C2'" 1 
ATOM   207  C "C1'" . DC  A 1 11 ? 7.61506   2.44284   5.91095   1.000 56.58118  ?  11  DC  A "C1'" 1 
ATOM   208  N N1    . DC  A 1 11 ? 6.87622   3.73975   5.80936   1.000 51.14680  ?  11  DC  A N1    1 
ATOM   209  C C2    . DC  A 1 11 ? 5.54595   3.79661   6.22553   1.000 48.97404  ?  11  DC  A C2    1 
ATOM   210  O O2    . DC  A 1 11 ? 5.01858   2.78394   6.67666   1.000 53.59866  ?  11  DC  A O2    1 
ATOM   211  N N3    . DC  A 1 11 ? 4.88325   4.96082   6.15396   1.000 44.93858  ?  11  DC  A N3    1 
ATOM   212  C C4    . DC  A 1 11 ? 5.47604   6.02611   5.66250   1.000 50.31196  ?  11  DC  A C4    1 
ATOM   213  N N4    . DC  A 1 11 ? 4.76678   7.15288   5.60505   1.000 53.80640  ?  11  DC  A N4    1 
ATOM   214  C C5    . DC  A 1 11 ? 6.83278   5.99885   5.22244   1.000 55.12913  ?  11  DC  A C5    1 
ATOM   215  C C6    . DC  A 1 11 ? 7.49594   4.84365   5.32765   1.000 52.31154  ?  11  DC  A C6    1 
ATOM   216  P P     . DT  A 1 12 ? 10.35515  -0.06305  2.85219   1.000 68.79174  ?  12  DT  A P     1 
ATOM   217  O OP1   . DT  A 1 12 ? 11.03727  -1.38340  2.91324   1.000 67.74018  ?  12  DT  A OP1   1 
ATOM   218  O OP2   . DT  A 1 12 ? 11.02493  1.15430   2.30394   1.000 54.57279  -1 12  DT  A OP2   1 
ATOM   219  O "O5'" . DT  A 1 12 ? 9.00394   -0.19285  2.02178   1.000 59.99359  ?  12  DT  A "O5'" 1 
ATOM   220  C "C5'" . DT  A 1 12 ? 8.25215   -1.38328  2.06902   1.000 59.56587  ?  12  DT  A "C5'" 1 
ATOM   221  C "C4'" . DT  A 1 12 ? 7.67288   -1.66298  0.69633   1.000 58.59347  ?  12  DT  A "C4'" 1 
ATOM   222  O "O4'" . DT  A 1 12 ? 6.85504   -0.53794  0.29596   1.000 53.63140  ?  12  DT  A "O4'" 1 
ATOM   223  C "C3'" . DT  A 1 12 ? 8.71568   -1.83053  -0.39389  1.000 58.88015  ?  12  DT  A "C3'" 1 
ATOM   224  O "O3'" . DT  A 1 12 ? 8.36623   -2.93417  -1.23183  1.000 65.11456  ?  12  DT  A "O3'" 1 
ATOM   225  C "C2'" . DT  A 1 12 ? 8.68128   -0.48265  -1.12804  1.000 57.84560  ?  12  DT  A "C2'" 1 
ATOM   226  C "C1'" . DT  A 1 12 ? 7.23048   -0.08296  -0.97151  1.000 57.21931  ?  12  DT  A "C1'" 1 
ATOM   227  N N1    . DT  A 1 12 ? 6.97368   1.38291   -1.00290  1.000 55.63874  ?  12  DT  A N1    1 
ATOM   228  C C2    . DT  A 1 12 ? 6.23541   1.92216   -2.01929  1.000 58.54658  ?  12  DT  A C2    1 
ATOM   229  O O2    . DT  A 1 12 ? 5.77861   1.26924   -2.94878  1.000 60.68488  ?  12  DT  A O2    1 
ATOM   230  N N3    . DT  A 1 12 ? 6.04422   3.27327   -1.93214  1.000 58.51656  ?  12  DT  A N3    1 
ATOM   231  C C4    . DT  A 1 12 ? 6.48678   4.12624   -0.94852  1.000 53.91062  ?  12  DT  A C4    1 
ATOM   232  O O4    . DT  A 1 12 ? 6.24204   5.32831   -0.96566  1.000 53.31085  ?  12  DT  A O4    1 
ATOM   233  C C5    . DT  A 1 12 ? 7.25819   3.50768   0.09204   1.000 55.98177  ?  12  DT  A C5    1 
ATOM   234  C C7    . DT  A 1 12 ? 7.78959   4.33401   1.21793   1.000 58.77078  ?  12  DT  A C7    1 
ATOM   235  C C6    . DT  A 1 12 ? 7.45961   2.17793   0.02525   1.000 59.73461  ?  12  DT  A C6    1 
ATOM   236  P P     . DG  A 1 13 ? 9.37891   -3.44465  -2.36937  1.000 65.83149  ?  13  DG  A P     1 
ATOM   237  O OP1   . DG  A 1 13 ? 8.85307   -4.69564  -2.94586  1.000 72.08570  ?  13  DG  A OP1   1 
ATOM   238  O OP2   . DG  A 1 13 ? 10.73654  -3.41256  -1.80389  1.000 68.13352  -1 13  DG  A OP2   1 
ATOM   239  O "O5'" . DG  A 1 13 ? 9.25364   -2.33406  -3.48495  1.000 61.60345  ?  13  DG  A "O5'" 1 
ATOM   240  C "C5'" . DG  A 1 13 ? 7.98417   -2.01148  -3.99821  1.000 60.97918  ?  13  DG  A "C5'" 1 
ATOM   241  C "C4'" . DG  A 1 13 ? 8.11772   -1.07995  -5.18003  1.000 61.18117  ?  13  DG  A "C4'" 1 
ATOM   242  O "O4'" . DG  A 1 13 ? 8.31271   0.28520   -4.72902  1.000 56.54783  ?  13  DG  A "O4'" 1 
ATOM   243  C "C3'" . DG  A 1 13 ? 9.29209   -1.37491  -6.09574  1.000 59.15971  ?  13  DG  A "C3'" 1 
ATOM   244  O "O3'" . DG  A 1 13 ? 8.95162   -0.96185  -7.37029  1.000 52.02617  ?  13  DG  A "O3'" 1 
ATOM   245  C "C2'" . DG  A 1 13 ? 10.41374  -0.50128  -5.49390  1.000 56.63940  ?  13  DG  A "C2'" 1 
ATOM   246  C "C1'" . DG  A 1 13 ? 9.62831   0.73147   -5.04392  1.000 59.37936  ?  13  DG  A "C1'" 1 
ATOM   247  N N9    . DG  A 1 13 ? 10.16188  1.42985   -3.84889  1.000 53.96143  ?  13  DG  A N9    1 
ATOM   248  C C8    . DG  A 1 13 ? 11.05930  0.95937   -2.92053  1.000 52.55177  ?  13  DG  A C8    1 
ATOM   249  N N7    . DG  A 1 13 ? 11.29845  1.81741   -1.95930  1.000 55.05318  ?  13  DG  A N7    1 
ATOM   250  C C5    . DG  A 1 13 ? 10.51412  2.92387   -2.28552  1.000 54.13365  ?  13  DG  A C5    1 
ATOM   251  C C6    . DG  A 1 13 ? 10.34795  4.16682   -1.61994  1.000 54.51924  ?  13  DG  A C6    1 
ATOM   252  O O6    . DG  A 1 13 ? 10.88475  4.55003   -0.60105  1.000 59.19426  ?  13  DG  A O6    1 
ATOM   253  N N1    . DG  A 1 13 ? 9.45481   5.00329   -2.28054  1.000 58.48750  ?  13  DG  A N1    1 
ATOM   254  C C2    . DG  A 1 13 ? 8.79502   4.66864   -3.44763  1.000 53.52071  ?  13  DG  A C2    1 
ATOM   255  N N2    . DG  A 1 13 ? 7.95955   5.59292   -3.96337  1.000 52.12503  ?  13  DG  A N2    1 
ATOM   256  N N3    . DG  A 1 13 ? 8.94301   3.51432   -4.06287  1.000 54.14620  ?  13  DG  A N3    1 
ATOM   257  C C4    . DG  A 1 13 ? 9.81226   2.69523   -3.43378  1.000 50.79461  ?  13  DG  A C4    1 
ATOM   258  P P     . DC  A 1 14 ? 8.52137   -2.02188  -8.50760  1.000 58.58647  ?  14  DC  A P     1 
ATOM   259  O OP1   . DC  A 1 14 ? 9.65692   -2.96017  -8.74071  1.000 50.07946  -1 14  DC  A OP1   1 
ATOM   260  O OP2   . DC  A 1 14 ? 7.89816   -1.15312  -9.52246  1.000 43.02230  ?  14  DC  A OP2   1 
ATOM   261  O "O5'" . DC  A 1 14 ? 7.38339   -2.89978  -7.80482  1.000 55.26421  ?  14  DC  A "O5'" 1 
ATOM   262  C "C5'" . DC  A 1 14 ? 7.11928   -4.20071  -8.24326  1.000 61.77199  ?  14  DC  A "C5'" 1 
ATOM   263  C "C4'" . DC  A 1 14 ? 5.64593   -4.35419  -8.51282  1.000 62.31600  ?  14  DC  A "C4'" 1 
ATOM   264  O "O4'" . DC  A 1 14 ? 4.89822   -4.05518  -7.30020  1.000 60.42059  ?  14  DC  A "O4'" 1 
ATOM   265  C "C3'" . DC  A 1 14 ? 5.08369   -3.42016  -9.59430  1.000 57.96893  ?  14  DC  A "C3'" 1 
ATOM   266  O "O3'" . DC  A 1 14 ? 4.04759   -4.07955  -10.27291 1.000 59.84408  ?  14  DC  A "O3'" 1 
ATOM   267  C "C2'" . DC  A 1 14 ? 4.50432   -2.27803  -8.77219  1.000 57.67456  ?  14  DC  A "C2'" 1 
ATOM   268  C "C1'" . DC  A 1 14 ? 3.93735   -3.05762  -7.59727  1.000 58.96707  ?  14  DC  A "C1'" 1 
ATOM   269  N N1    . DC  A 1 14 ? 3.67040   -2.21730  -6.36080  1.000 60.20311  ?  14  DC  A N1    1 
ATOM   270  C C2    . DC  A 1 14 ? 2.54549   -1.38744  -6.34552  1.000 59.30015  ?  14  DC  A C2    1 
ATOM   271  O O2    . DC  A 1 14 ? 1.80178   -1.36305  -7.34497  1.000 59.86226  ?  14  DC  A O2    1 
ATOM   272  N N3    . DC  A 1 14 ? 2.28923   -0.64323  -5.26013  1.000 55.96170  ?  14  DC  A N3    1 
ATOM   273  C C4    . DC  A 1 14 ? 3.11856   -0.68494  -4.20961  1.000 59.49673  ?  14  DC  A C4    1 
ATOM   274  N N4    . DC  A 1 14 ? 2.81494   0.07276   -3.16117  1.000 56.97358  ?  14  DC  A N4    1 
ATOM   275  C C5    . DC  A 1 14 ? 4.27776   -1.52897  -4.18985  1.000 58.85353  ?  14  DC  A C5    1 
ATOM   276  C C6    . DC  A 1 14 ? 4.51706   -2.26895  -5.28976  1.000 62.98857  ?  14  DC  A C6    1 
ATOM   277  P P     . DG  A 1 15 ? 4.28543   -4.78407  -11.69425 1.000 63.53132  ?  15  DG  A P     1 
ATOM   278  O OP1   . DG  A 1 15 ? 5.68226   -4.54238  -12.13674 1.000 62.17657  ?  15  DG  A OP1   1 
ATOM   279  O OP2   . DG  A 1 15 ? 3.15292   -4.31957  -12.51509 1.000 58.36768  -1 15  DG  A OP2   1 
ATOM   280  O "O5'" . DG  A 1 15 ? 4.09083   -6.34399  -11.36320 1.000 68.12667  ?  15  DG  A "O5'" 1 
ATOM   281  C "C5'" . DG  A 1 15 ? 5.12067   -7.05222  -10.65408 1.000 67.02262  ?  15  DG  A "C5'" 1 
ATOM   282  C "C4'" . DG  A 1 15 ? 4.55342   -8.12690  -9.71861  1.000 68.62202  ?  15  DG  A "C4'" 1 
ATOM   283  O "O4'" . DG  A 1 15 ? 4.92336   -7.82403  -8.34138  1.000 71.54486  ?  15  DG  A "O4'" 1 
ATOM   284  C "C3'" . DG  A 1 15 ? 3.03264   -8.30263  -9.70123  1.000 68.38193  ?  15  DG  A "C3'" 1 
ATOM   285  O "O3'" . DG  A 1 15 ? 2.70436   -9.69574  -9.48201  1.000 72.31623  ?  15  DG  A "O3'" 1 
ATOM   286  C "C2'" . DG  A 1 15 ? 2.63858   -7.47061  -8.49020  1.000 68.29004  ?  15  DG  A "C2'" 1 
ATOM   287  C "C1'" . DG  A 1 15 ? 3.76237   -7.83812  -7.54370  1.000 71.61937  ?  15  DG  A "C1'" 1 
ATOM   288  N N9    . DG  A 1 15 ? 3.93498   -6.90693  -6.43027  1.000 73.95502  ?  15  DG  A N9    1 
ATOM   289  C C8    . DG  A 1 15 ? 3.00212   -6.02503  -5.94589  1.000 67.80323  ?  15  DG  A C8    1 
ATOM   290  N N7    . DG  A 1 15 ? 3.43128   -5.31759  -4.95132  1.000 68.90155  ?  15  DG  A N7    1 
ATOM   291  C C5    . DG  A 1 15 ? 4.73599   -5.76351  -4.74965  1.000 73.35207  ?  15  DG  A C5    1 
ATOM   292  C C6    . DG  A 1 15 ? 5.70313   -5.36070  -3.78943  1.000 75.76814  ?  15  DG  A C6    1 
ATOM   293  O O6    . DG  A 1 15 ? 5.58914   -4.50764  -2.90140  1.000 71.82201  ?  15  DG  A O6    1 
ATOM   294  N N1    . DG  A 1 15 ? 6.90499   -6.06106  -3.93331  1.000 76.21975  ?  15  DG  A N1    1 
ATOM   295  C C2    . DG  A 1 15 ? 7.13345   -7.02751  -4.88295  1.000 78.13146  ?  15  DG  A C2    1 
ATOM   296  N N2    . DG  A 1 15 ? 8.35082   -7.59784  -4.87079  1.000 75.87480  ?  15  DG  A N2    1 
ATOM   297  N N3    . DG  A 1 15 ? 6.23022   -7.41304  -5.78018  1.000 72.43237  ?  15  DG  A N3    1 
ATOM   298  C C4    . DG  A 1 15 ? 5.06249   -6.73614  -5.65430  1.000 72.04124  ?  15  DG  A C4    1 
ATOM   299  P P     . DC  A 1 16 ? 2.58726   -10.74300 -10.71582 1.000 68.78651  ?  16  DC  A P     1 
ATOM   300  O OP1   . DC  A 1 16 ? 2.73717   -12.07437 -10.07376 1.000 67.98248  ?  16  DC  A OP1   1 
ATOM   301  O OP2   . DC  A 1 16 ? 3.40238   -10.34071 -11.88858 1.000 65.25982  -1 16  DC  A OP2   1 
ATOM   302  O "O5'" . DC  A 1 16 ? 1.07917   -10.60409 -11.22565 1.000 69.69499  ?  16  DC  A "O5'" 1 
ATOM   303  C "C5'" . DC  A 1 16 ? 0.16240   -11.62554 -10.93209 1.000 68.92782  ?  16  DC  A "C5'" 1 
ATOM   304  C "C4'" . DC  A 1 16 ? -1.23342  -11.06935 -10.84176 1.000 65.61188  ?  16  DC  A "C4'" 1 
ATOM   305  O "O4'" . DC  A 1 16 ? -1.17271  -9.69239  -10.44688 1.000 64.69832  ?  16  DC  A "O4'" 1 
ATOM   306  C "C3'" . DC  A 1 16 ? -1.97216  -11.01858 -12.14744 1.000 62.24876  ?  16  DC  A "C3'" 1 
ATOM   307  O "O3'" . DC  A 1 16 ? -2.52594  -12.29593 -12.42160 1.000 67.68766  ?  16  DC  A "O3'" 1 
ATOM   308  C "C2'" . DC  A 1 16 ? -3.06120  -9.98554  -11.83251 1.000 63.82137  ?  16  DC  A "C2'" 1 
ATOM   309  C "C1'" . DC  A 1 16 ? -2.39758  -9.08759  -10.76725 1.000 58.42784  ?  16  DC  A "C1'" 1 
ATOM   310  N N1    . DC  A 1 16 ? -2.14267  -7.71464  -11.27101 1.000 58.07952  ?  16  DC  A N1    1 
ATOM   311  C C2    . DC  A 1 16 ? -3.08302  -6.69905  -11.02433 1.000 56.42317  ?  16  DC  A C2    1 
ATOM   312  O O2    . DC  A 1 16 ? -4.09002  -6.95469  -10.35047 1.000 57.40948  ?  16  DC  A O2    1 
ATOM   313  N N3    . DC  A 1 16 ? -2.85742  -5.45952  -11.52297 1.000 55.17483  ?  16  DC  A N3    1 
ATOM   314  C C4    . DC  A 1 16 ? -1.76625  -5.22328  -12.25781 1.000 51.67350  ?  16  DC  A C4    1 
ATOM   315  N N4    . DC  A 1 16 ? -1.59817  -3.98931  -12.73715 1.000 48.64957  ?  16  DC  A N4    1 
ATOM   316  C C5    . DC  A 1 16 ? -0.79884  -6.24347  -12.52673 1.000 51.71714  ?  16  DC  A C5    1 
ATOM   317  C C6    . DC  A 1 16 ? -1.02936  -7.46561  -12.02544 1.000 56.21581  ?  16  DC  A C6    1 
ATOM   318  P P     . DC  A 1 17 ? -2.53806  -12.86849 -13.92663 1.000 65.86059  ?  17  DC  A P     1 
ATOM   319  O OP1   . DC  A 1 17 ? -1.81304  -14.16364 -13.90790 1.000 64.01046  ?  17  DC  A OP1   1 
ATOM   320  O OP2   . DC  A 1 17 ? -2.14315  -11.79057 -14.85284 1.000 62.85693  -1 17  DC  A OP2   1 
ATOM   321  O "O5'" . DC  A 1 17 ? -4.08797  -13.08196 -14.23684 1.000 64.77793  ?  17  DC  A "O5'" 1 
ATOM   322  C "C5'" . DC  A 1 17 ? -5.00760  -13.27548 -13.18664 1.000 61.37617  ?  17  DC  A "C5'" 1 
ATOM   323  C "C4'" . DC  A 1 17 ? -6.33567  -12.66101 -13.55916 1.000 57.31668  ?  17  DC  A "C4'" 1 
ATOM   324  O "O4'" . DC  A 1 17 ? -6.22638  -11.23718 -13.50284 1.000 53.77877  ?  17  DC  A "O4'" 1 
ATOM   325  C "C3'" . DC  A 1 17 ? -6.78933  -12.93839 -14.98286 1.000 58.87769  ?  17  DC  A "C3'" 1 
ATOM   326  O "O3'" . DC  A 1 17 ? -7.45422  -14.20007 -15.02407 1.000 61.14837  ?  17  DC  A "O3'" 1 
ATOM   327  C "C2'" . DC  A 1 17 ? -7.75714  -11.77484 -15.22662 1.000 57.34808  ?  17  DC  A "C2'" 1 
ATOM   328  C "C1'" . DC  A 1 17 ? -7.21747  -10.66291 -14.28988 1.000 52.40463  ?  17  DC  A "C1'" 1 
ATOM   329  N N1    . DC  A 1 17 ? -6.62681  -9.55183  -15.03342 1.000 52.39555  ?  17  DC  A N1    1 
ATOM   330  C C2    . DC  A 1 17 ? -7.31114  -8.34881  -15.10922 1.000 51.95396  ?  17  DC  A C2    1 
ATOM   331  O O2    . DC  A 1 17 ? -8.38081  -8.22974  -14.49745 1.000 50.70860  ?  17  DC  A O2    1 
ATOM   332  N N3    . DC  A 1 17 ? -6.78553  -7.34410  -15.83792 1.000 47.55806  ?  17  DC  A N3    1 
ATOM   333  C C4    . DC  A 1 17 ? -5.62791  -7.50983  -16.46906 1.000 49.06787  ?  17  DC  A C4    1 
ATOM   334  N N4    . DC  A 1 17 ? -5.14786  -6.48152  -17.16497 1.000 46.16721  ?  17  DC  A N4    1 
ATOM   335  C C5    . DC  A 1 17 ? -4.90692  -8.73115  -16.40263 1.000 49.86612  ?  17  DC  A C5    1 
ATOM   336  C C6    . DC  A 1 17 ? -5.44601  -9.72242  -15.68377 1.000 50.81250  ?  17  DC  A C6    1 
ATOM   337  P P     . DC  A 1 18 ? -7.61037  -15.03227 -16.39963 1.000 66.78172  ?  18  DC  A P     1 
ATOM   338  O OP1   . DC  A 1 18 ? -7.77312  -16.43205 -15.93910 1.000 63.21617  ?  18  DC  A OP1   1 
ATOM   339  O OP2   . DC  A 1 18 ? -6.58240  -14.66298 -17.39133 1.000 70.20716  -1 18  DC  A OP2   1 
ATOM   340  O "O5'" . DC  A 1 18 ? -9.00360  -14.53751 -16.98870 1.000 58.98400  ?  18  DC  A "O5'" 1 
ATOM   341  C "C5'" . DC  A 1 18 ? -10.18480 -14.80921 -16.26510 1.000 59.45174  ?  18  DC  A "C5'" 1 
ATOM   342  C "C4'" . DC  A 1 18 ? -11.26187 -13.83934 -16.66916 1.000 57.02400  ?  18  DC  A "C4'" 1 
ATOM   343  O "O4'" . DC  A 1 18 ? -10.63527 -12.70818 -17.29564 1.000 55.53196  ?  18  DC  A "O4'" 1 
ATOM   344  C "C3'" . DC  A 1 18 ? -12.28032 -14.37102 -17.69365 1.000 55.38335  ?  18  DC  A "C3'" 1 
ATOM   345  O "O3'" . DC  A 1 18 ? -13.57606 -14.29142 -17.14512 1.000 58.14643  ?  18  DC  A "O3'" 1 
ATOM   346  C "C2'" . DC  A 1 18 ? -12.13853 -13.41409 -18.87356 1.000 50.71302  ?  18  DC  A "C2'" 1 
ATOM   347  C "C1'" . DC  A 1 18 ? -11.53941 -12.18858 -18.21393 1.000 53.39460  ?  18  DC  A "C1'" 1 
ATOM   348  N N1    . DC  A 1 18 ? -10.83600 -11.33595 -19.17017 1.000 46.70180  ?  18  DC  A N1    1 
ATOM   349  C C2    . DC  A 1 18 ? -11.36836 -10.08871 -19.49419 1.000 49.94506  ?  18  DC  A C2    1 
ATOM   350  O O2    . DC  A 1 18 ? -12.38210 -9.70345  -18.90638 1.000 48.22872  ?  18  DC  A O2    1 
ATOM   351  N N3    . DC  A 1 18 ? -10.75278 -9.33002  -20.44775 1.000 44.13432  ?  18  DC  A N3    1 
ATOM   352  C C4    . DC  A 1 18 ? -9.66066  -9.79266  -21.05728 1.000 47.34407  ?  18  DC  A C4    1 
ATOM   353  N N4    . DC  A 1 18 ? -9.06319  -9.00498  -21.97286 1.000 47.04178  ?  18  DC  A N4    1 
ATOM   354  C C5    . DC  A 1 18 ? -9.12231  -11.08048 -20.75538 1.000 47.46074  ?  18  DC  A C5    1 
ATOM   355  C C6    . DC  A 1 18 ? -9.73585  -11.80833 -19.81056 1.000 50.23150  ?  18  DC  A C6    1 
ATOM   356  P P     . DG  A 1 19 ? -14.76866 -15.21957 -17.67745 1.000 61.55068  ?  19  DG  A P     1 
ATOM   357  O OP1   . DG  A 1 19 ? -15.76993 -15.15687 -16.58931 1.000 71.60503  ?  19  DG  A OP1   1 
ATOM   358  O OP2   . DG  A 1 19 ? -14.27109 -16.53690 -18.13536 1.000 60.10041  -1 19  DG  A OP2   1 
ATOM   359  O "O5'" . DG  A 1 19 ? -15.33804 -14.44799 -18.94852 1.000 55.71838  ?  19  DG  A "O5'" 1 
ATOM   360  C "C5'" . DG  A 1 19 ? -15.76568 -13.11533 -18.82929 1.000 52.70652  ?  19  DG  A "C5'" 1 
ATOM   361  C "C4'" . DG  A 1 19 ? -15.87728 -12.46877 -20.20127 1.000 49.42930  ?  19  DG  A "C4'" 1 
ATOM   362  O "O4'" . DG  A 1 19 ? -14.56485 -12.31631 -20.79234 1.000 50.58980  ?  19  DG  A "O4'" 1 
ATOM   363  C "C3'" . DG  A 1 19 ? -16.69073 -13.23394 -21.23317 1.000 47.43568  ?  19  DG  A "C3'" 1 
ATOM   364  O "O3'" . DG  A 1 19 ? -17.33309 -12.28757 -22.01642 1.000 53.16830  ?  19  DG  A "O3'" 1 
ATOM   365  C "C2'" . DG  A 1 19 ? -15.60098 -13.91942 -22.06555 1.000 51.11178  ?  19  DG  A "C2'" 1 
ATOM   366  C "C1'" . DG  A 1 19 ? -14.61731 -12.75953 -22.12903 1.000 51.30889  ?  19  DG  A "C1'" 1 
ATOM   367  N N9    . DG  A 1 19 ? -13.25281 -13.08021 -22.55012 1.000 46.53995  ?  19  DG  A N9    1 
ATOM   368  C C8    . DG  A 1 19 ? -12.58744 -14.27731 -22.43124 1.000 47.35484  ?  19  DG  A C8    1 
ATOM   369  N N7    . DG  A 1 19 ? -11.34614 -14.22681 -22.85939 1.000 51.75141  ?  19  DG  A N7    1 
ATOM   370  C C5    . DG  A 1 19 ? -11.17999 -12.91196 -23.27292 1.000 43.94656  ?  19  DG  A C5    1 
ATOM   371  C C6    . DG  A 1 19 ? -10.04421 -12.25829 -23.82839 1.000 46.12250  ?  19  DG  A C6    1 
ATOM   372  O O6    . DG  A 1 19 ? -8.92098  -12.73526 -24.09684 1.000 42.67539  ?  19  DG  A O6    1 
ATOM   373  N N1    . DG  A 1 19 ? -10.30769 -10.91478 -24.08423 1.000 43.46908  ?  19  DG  A N1    1 
ATOM   374  C C2    . DG  A 1 19 ? -11.51884 -10.29520 -23.85827 1.000 46.48870  ?  19  DG  A C2    1 
ATOM   375  N N2    . DG  A 1 19 ? -11.59229 -8.99988  -24.18255 1.000 47.84029  ?  19  DG  A N2    1 
ATOM   376  N N3    . DG  A 1 19 ? -12.58331 -10.89834 -23.34856 1.000 45.78894  ?  19  DG  A N3    1 
ATOM   377  C C4    . DG  A 1 19 ? -12.34373 -12.19663 -23.08573 1.000 45.80934  ?  19  DG  A C4    1 
ATOM   378  P P     . DC  A 1 20 ? -18.91543 -12.11984 -22.03595 1.000 54.93819  ?  20  DC  A P     1 
ATOM   379  O OP1   . DC  A 1 20 ? -19.55173 -12.16316 -20.69690 1.000 55.79579  ?  20  DC  A OP1   1 
ATOM   380  O OP2   . DC  A 1 20 ? -19.40562 -13.07993 -23.04713 1.000 48.25210  -1 20  DC  A OP2   1 
ATOM   381  O "O5'" . DC  A 1 20 ? -19.08624 -10.64194 -22.57524 1.000 55.36060  ?  20  DC  A "O5'" 1 
ATOM   382  C "C5'" . DC  A 1 20 ? -18.81096 -9.54800  -21.72542 1.000 52.54119  ?  20  DC  A "C5'" 1 
ATOM   383  C "C4'" . DC  A 1 20 ? -18.82875 -8.27083  -22.53459 1.000 52.51886  ?  20  DC  A "C4'" 1 
ATOM   384  O "O4'" . DC  A 1 20 ? -17.58566 -8.16419  -23.26006 1.000 48.76369  ?  20  DC  A "O4'" 1 
ATOM   385  C "C3'" . DC  A 1 20 ? -19.94232 -8.20203  -23.58110 1.000 58.60405  ?  20  DC  A "C3'" 1 
ATOM   386  O "O3'" . DC  A 1 20 ? -20.43187 -6.87277  -23.68217 1.000 63.64002  ?  20  DC  A "O3'" 1 
ATOM   387  C "C2'" . DC  A 1 20 ? -19.23156 -8.63180  -24.87349 1.000 52.52433  ?  20  DC  A "C2'" 1 
ATOM   388  C "C1'" . DC  A 1 20 ? -17.84731 -8.04871  -24.65530 1.000 53.38529  ?  20  DC  A "C1'" 1 
ATOM   389  N N1    . DC  A 1 20 ? -16.77348 -8.76325  -25.40742 1.000 51.82887  ?  20  DC  A N1    1 
ATOM   390  C C2    . DC  A 1 20 ? -16.17770 -8.15086  -26.51521 1.000 50.06244  ?  20  DC  A C2    1 
ATOM   391  O O2    . DC  A 1 20 ? -16.54519 -7.02291  -26.84822 1.000 53.57020  ?  20  DC  A O2    1 
ATOM   392  N N3    . DC  A 1 20 ? -15.21024 -8.80989  -27.18444 1.000 46.69850  ?  20  DC  A N3    1 
ATOM   393  C C4    . DC  A 1 20 ? -14.84320 -10.02690 -26.80139 1.000 46.97371  ?  20  DC  A C4    1 
ATOM   394  N N4    . DC  A 1 20 ? -13.87786 -10.63279 -27.49185 1.000 49.95520  ?  20  DC  A N4    1 
ATOM   395  C C5    . DC  A 1 20 ? -15.43795 -10.67496 -25.67646 1.000 47.12271  ?  20  DC  A C5    1 
ATOM   396  C C6    . DC  A 1 20 ? -16.39326 -10.01295 -25.02045 1.000 51.81072  ?  20  DC  A C6    1 
ATOM   397  P P     . DA  A 1 21 ? -21.47369 -6.29448  -22.61158 1.000 70.03493  ?  21  DA  A P     1 
ATOM   398  O OP1   . DA  A 1 21 ? -22.36155 -7.39960  -22.19033 1.000 68.42757  -1 21  DA  A OP1   1 
ATOM   399  O OP2   . DA  A 1 21 ? -22.05735 -5.07334  -23.20946 1.000 69.69520  ?  21  DA  A OP2   1 
ATOM   400  O "O5'" . DA  A 1 21 ? -20.55556 -5.96268  -21.35010 1.000 66.49969  ?  21  DA  A "O5'" 1 
ATOM   401  C "C5'" . DA  A 1 21 ? -20.70780 -4.75680  -20.63521 1.000 67.47879  ?  21  DA  A "C5'" 1 
ATOM   402  C "C4'" . DA  A 1 21 ? -19.82048 -4.75546  -19.40207 1.000 65.96955  ?  21  DA  A "C4'" 1 
ATOM   403  O "O4'" . DA  A 1 21 ? -20.65124 -4.82105  -18.23025 1.000 69.55489  ?  21  DA  A "O4'" 1 
ATOM   404  C "C3'" . DA  A 1 21 ? -18.88630 -5.94814  -19.24989 1.000 64.11656  ?  21  DA  A "C3'" 1 
ATOM   405  O "O3'" . DA  A 1 21 ? -17.87327 -5.62814  -18.32138 1.000 58.16728  ?  21  DA  A "O3'" 1 
ATOM   406  C "C2'" . DA  A 1 21 ? -19.81418 -6.99062  -18.65932 1.000 65.18716  ?  21  DA  A "C2'" 1 
ATOM   407  C "C1'" . DA  A 1 21 ? -20.63361 -6.13331  -17.70472 1.000 65.54055  ?  21  DA  A "C1'" 1 
ATOM   408  N N9    . DA  A 1 21 ? -22.01605 -6.55635  -17.58174 1.000 67.55711  ?  21  DA  A N9    1 
ATOM   409  C C8    . DA  A 1 21 ? -22.82605 -7.05003  -18.56403 1.000 68.94222  ?  21  DA  A C8    1 
ATOM   410  N N7    . DA  A 1 21 ? -24.04248 -7.32847  -18.15025 1.000 70.67295  ?  21  DA  A N7    1 
ATOM   411  C C5    . DA  A 1 21 ? -24.02015 -6.98226  -16.81426 1.000 68.68126  ?  21  DA  A C5    1 
ATOM   412  C C6    . DA  A 1 21 ? -24.99554 -7.03679  -15.81103 1.000 68.80055  ?  21  DA  A C6    1 
ATOM   413  N N6    . DA  A 1 21 ? -26.22807 -7.48347  -16.02378 1.000 68.26396  ?  21  DA  A N6    1 
ATOM   414  N N1    . DA  A 1 21 ? -24.65158 -6.61597  -14.58036 1.000 64.45204  ?  21  DA  A N1    1 
ATOM   415  C C2    . DA  A 1 21 ? -23.40937 -6.16850  -14.37467 1.000 66.80045  ?  21  DA  A C2    1 
ATOM   416  N N3    . DA  A 1 21 ? -22.39881 -6.07160  -15.23906 1.000 66.18620  ?  21  DA  A N3    1 
ATOM   417  C C4    . DA  A 1 21 ? -22.77927 -6.49999  -16.45241 1.000 67.50594  ?  21  DA  A C4    1 
ATOM   418  P P     . DA  A 1 22 ? -16.74922 -6.71272  -17.92807 1.000 59.24563  ?  22  DA  A P     1 
ATOM   419  O OP1   . DA  A 1 22 ? -15.52533 -5.97779  -17.59095 1.000 53.86970  ?  22  DA  A OP1   1 
ATOM   420  O OP2   . DA  A 1 22 ? -16.75811 -7.79292  -18.95536 1.000 57.36600  -1 22  DA  A OP2   1 
ATOM   421  O "O5'" . DA  A 1 22 ? -17.33203 -7.42648  -16.62138 1.000 55.77566  ?  22  DA  A "O5'" 1 
ATOM   422  C "C5'" . DA  A 1 22 ? -17.40540 -6.75052  -15.37476 1.000 60.75334  ?  22  DA  A "C5'" 1 
ATOM   423  C "C4'" . DA  A 1 22 ? -17.98005 -7.69560  -14.32664 1.000 56.28357  ?  22  DA  A "C4'" 1 
ATOM   424  O "O4'" . DA  A 1 22 ? -19.38561 -7.89909  -14.60341 1.000 56.06163  ?  22  DA  A "O4'" 1 
ATOM   425  C "C3'" . DA  A 1 22 ? -17.34376 -9.09596  -14.32479 1.000 52.54841  ?  22  DA  A "C3'" 1 
ATOM   426  O "O3'" . DA  A 1 22 ? -17.06481 -9.51498  -13.01999 1.000 61.30669  ?  22  DA  A "O3'" 1 
ATOM   427  C "C2'" . DA  A 1 22 ? -18.42816 -9.97768  -14.94103 1.000 58.72685  ?  22  DA  A "C2'" 1 
ATOM   428  C "C1'" . DA  A 1 22 ? -19.68019 -9.26895  -14.47641 1.000 61.28154  ?  22  DA  A "C1'" 1 
ATOM   429  N N9    . DA  A 1 22 ? -20.86873 -9.59871  -15.27904 1.000 62.84424  ?  22  DA  A N9    1 
ATOM   430  C C8    . DA  A 1 22 ? -20.90601 -9.88893  -16.60586 1.000 63.61928  ?  22  DA  A C8    1 
ATOM   431  N N7    . DA  A 1 22 ? -22.11118 -10.16911 -17.05680 1.000 65.49785  ?  22  DA  A N7    1 
ATOM   432  C C5    . DA  A 1 22 ? -22.91818 -10.07302 -15.93810 1.000 64.57696  ?  22  DA  A C5    1 
ATOM   433  C C6    . DA  A 1 22 ? -24.30445 -10.25167 -15.74955 1.000 63.45454  ?  22  DA  A C6    1 
ATOM   434  N N6    . DA  A 1 22 ? -25.14752 -10.58072 -16.73732 1.000 63.90345  ?  22  DA  A N6    1 
ATOM   435  N N1    . DA  A 1 22 ? -24.79022 -10.08230 -14.51044 1.000 63.36039  ?  22  DA  A N1    1 
ATOM   436  C C2    . DA  A 1 22 ? -23.94824 -9.74728  -13.52889 1.000 64.53961  ?  22  DA  A C2    1 
ATOM   437  N N3    . DA  A 1 22 ? -22.62903 -9.55013  -13.58121 1.000 64.53136  ?  22  DA  A N3    1 
ATOM   438  C C4    . DA  A 1 22 ? -22.17192 -9.73012  -14.83050 1.000 63.18391  ?  22  DA  A C4    1 
ATOM   439  P P     . DC  A 1 23 ? -15.65801 -9.20852  -12.31324 1.000 58.43392  ?  23  DC  A P     1 
ATOM   440  O OP1   . DC  A 1 23 ? -15.67568 -10.08551 -11.11850 1.000 64.10809  ?  23  DC  A OP1   1 
ATOM   441  O OP2   . DC  A 1 23 ? -15.56905 -7.73336  -12.18940 1.000 56.33113  -1 23  DC  A OP2   1 
ATOM   442  O "O5'" . DC  A 1 23 ? -14.53848 -9.71914  -13.34672 1.000 59.14122  ?  23  DC  A "O5'" 1 
ATOM   443  C "C5'" . DC  A 1 23 ? -14.51975 -11.07715 -13.77504 1.000 57.35543  ?  23  DC  A "C5'" 1 
ATOM   444  C "C4'" . DC  A 1 23 ? -13.11267 -11.51264 -14.14695 1.000 57.59125  ?  23  DC  A "C4'" 1 
ATOM   445  O "O4'" . DC  A 1 23 ? -12.62852 -10.77054 -15.31184 1.000 56.37224  ?  23  DC  A "O4'" 1 
ATOM   446  C "C3'" . DC  A 1 23 ? -12.06453 -11.31207 -13.05872 1.000 54.55527  ?  23  DC  A "C3'" 1 
ATOM   447  O "O3'" . DC  A 1 23 ? -11.13779 -12.36827 -13.12142 1.000 58.12745  ?  23  DC  A "O3'" 1 
ATOM   448  C "C2'" . DC  A 1 23 ? -11.41137 -10.00078 -13.47539 1.000 53.83986  ?  23  DC  A "C2'" 1 
ATOM   449  C "C1'" . DC  A 1 23 ? -11.41574 -10.11332 -14.99238 1.000 56.52035  ?  23  DC  A "C1'" 1 
ATOM   450  N N1    . DC  A 1 23 ? -11.40811 -8.78013  -15.66137 1.000 53.35341  ?  23  DC  A N1    1 
ATOM   451  C C2    . DC  A 1 23 ? -10.40559 -8.44653  -16.61259 1.000 51.30118  ?  23  DC  A C2    1 
ATOM   452  O O2    . DC  A 1 23 ? -9.52094  -9.27380  -16.90102 1.000 49.69902  ?  23  DC  A O2    1 
ATOM   453  N N3    . DC  A 1 23 ? -10.43051 -7.21363  -17.17101 1.000 47.09828  ?  23  DC  A N3    1 
ATOM   454  C C4    . DC  A 1 23 ? -11.39430 -6.35416  -16.84887 1.000 49.48889  ?  23  DC  A C4    1 
ATOM   455  N N4    . DC  A 1 23 ? -11.39059 -5.15935  -17.43870 1.000 47.12211  ?  23  DC  A N4    1 
ATOM   456  C C5    . DC  A 1 23 ? -12.41404 -6.67847  -15.89491 1.000 51.08600  ?  23  DC  A C5    1 
ATOM   457  C C6    . DC  A 1 23 ? -12.37856 -7.88314  -15.33514 1.000 50.80551  ?  23  DC  A C6    1 
ATOM   458  P P     . DC  A 1 24 ? -10.68057 -13.16151 -11.80437 1.000 67.57624  ?  24  DC  A P     1 
ATOM   459  O OP1   . DC  A 1 24 ? -10.47094 -14.55486 -12.28168 1.000 63.67526  ?  24  DC  A OP1   1 
ATOM   460  O OP2   . DC  A 1 24 ? -11.62782 -12.82166 -10.70901 1.000 58.00559  -1 24  DC  A OP2   1 
ATOM   461  O "O5'" . DC  A 1 24 ? -9.25618  -12.54426 -11.43146 1.000 56.14825  ?  24  DC  A "O5'" 1 
ATOM   462  C "C5'" . DC  A 1 24 ? -9.13732  -11.55296 -10.40084 1.000 58.77820  ?  24  DC  A "C5'" 1 
ATOM   463  C "C4'" . DC  A 1 24 ? -7.78211  -10.88249 -10.49614 1.000 58.25546  ?  24  DC  A "C4'" 1 
ATOM   464  O "O4'" . DC  A 1 24 ? -7.91503  -9.65855  -11.21581 1.000 60.41883  ?  24  DC  A "O4'" 1 
ATOM   465  C "C3'" . DC  A 1 24 ? -7.14018  -10.48956 -9.17310  1.000 60.58623  ?  24  DC  A "C3'" 1 
ATOM   466  O "O3'" . DC  A 1 24 ? -6.18721  -11.45713 -8.82117  1.000 63.27410  ?  24  DC  A "O3'" 1 
ATOM   467  C "C2'" . DC  A 1 24 ? -6.45305  -9.13916  -9.47414  1.000 63.08696  ?  24  DC  A "C2'" 1 
ATOM   468  C "C1'" . DC  A 1 24 ? -6.78543  -8.88630  -10.94294 1.000 56.02735  ?  24  DC  A "C1'" 1 
ATOM   469  N N1    . DC  A 1 24 ? -7.08894  -7.45958  -11.26138 1.000 56.58126  ?  24  DC  A N1    1 
ATOM   470  C C2    . DC  A 1 24 ? -6.35284  -6.80073  -12.27037 1.000 53.22558  ?  24  DC  A C2    1 
ATOM   471  O O2    . DC  A 1 24 ? -5.46330  -7.42017  -12.85781 1.000 50.65819  ?  24  DC  A O2    1 
ATOM   472  N N3    . DC  A 1 24 ? -6.62245  -5.49668  -12.54234 1.000 49.77362  ?  24  DC  A N3    1 
ATOM   473  C C4    . DC  A 1 24 ? -7.59645  -4.86317  -11.87419 1.000 54.95324  ?  24  DC  A C4    1 
ATOM   474  N N4    . DC  A 1 24 ? -7.82334  -3.57060  -12.15939 1.000 53.58247  ?  24  DC  A N4    1 
ATOM   475  C C5    . DC  A 1 24 ? -8.36933  -5.52317  -10.85962 1.000 52.93699  ?  24  DC  A C5    1 
ATOM   476  C C6    . DC  A 1 24 ? -8.08332  -6.80893  -10.59014 1.000 52.31262  ?  24  DC  A C6    1 
ATOM   477  P P     . DC  A 1 25 ? -5.82632  -11.72166 -7.28085  1.000 78.52059  ?  25  DC  A P     1 
ATOM   478  O OP1   . DC  A 1 25 ? -5.65554  -13.18834 -7.18781  1.000 77.30784  ?  25  DC  A OP1   1 
ATOM   479  O OP2   . DC  A 1 25 ? -6.73034  -10.97384 -6.36786  1.000 63.10977  -1 25  DC  A OP2   1 
ATOM   480  O "O5'" . DC  A 1 25 ? -4.40980  -11.02140 -7.08076  1.000 67.16740  ?  25  DC  A "O5'" 1 
ATOM   481  C "C5'" . DC  A 1 25 ? -3.27504  -11.80607 -6.93219  1.000 65.07658  ?  25  DC  A "C5'" 1 
ATOM   482  C "C4'" . DC  A 1 25 ? -2.05665  -10.97620 -7.20267  1.000 66.34306  ?  25  DC  A "C4'" 1 
ATOM   483  O "O4'" . DC  A 1 25 ? -2.46379  -9.65711  -7.62060  1.000 58.93498  ?  25  DC  A "O4'" 1 
ATOM   484  C "C3'" . DC  A 1 25 ? -1.14424  -10.77412 -5.98911  1.000 70.59621  ?  25  DC  A "C3'" 1 
ATOM   485  O "O3'" . DC  A 1 25 ? 0.11619   -11.24449 -6.30612  1.000 74.79708  ?  25  DC  A "O3'" 1 
ATOM   486  C "C2'" . DC  A 1 25 ? -1.13717  -9.25790  -5.76822  1.000 65.39083  ?  25  DC  A "C2'" 1 
ATOM   487  C "C1'" . DC  A 1 25 ? -1.50626  -8.74940  -7.15257  1.000 65.23357  ?  25  DC  A "C1'" 1 
ATOM   488  N N1    . DC  A 1 25 ? -2.08956  -7.38323  -7.16408  1.000 58.84150  ?  25  DC  A N1    1 
ATOM   489  C C2    . DC  A 1 25 ? -1.45378  -6.38917  -7.88748  1.000 53.93556  ?  25  DC  A C2    1 
ATOM   490  O O2    . DC  A 1 25 ? -0.41714  -6.66802  -8.48831  1.000 55.62248  ?  25  DC  A O2    1 
ATOM   491  N N3    . DC  A 1 25 ? -1.98437  -5.14874  -7.91502  1.000 53.30475  ?  25  DC  A N3    1 
ATOM   492  C C4    . DC  A 1 25 ? -3.09581  -4.88756  -7.24398  1.000 55.48359  ?  25  DC  A C4    1 
ATOM   493  N N4    . DC  A 1 25 ? -3.57279  -3.64192  -7.29456  1.000 55.44586  ?  25  DC  A N4    1 
ATOM   494  C C5    . DC  A 1 25 ? -3.77850  -5.89517  -6.49725  1.000 59.72066  ?  25  DC  A C5    1 
ATOM   495  C C6    . DC  A 1 25 ? -3.24798  -7.12435  -6.49093  1.000 60.91651  ?  25  DC  A C6    1 
ATOM   496  P P     . DG  A 1 26 ? 0.78961   -12.36394 -5.38600  1.000 89.94135  ?  26  DG  A P     1 
ATOM   497  O OP1   . DG  A 1 26 ? -0.15636  -13.49564 -5.24112  1.000 84.29048  ?  26  DG  A OP1   1 
ATOM   498  O OP2   . DG  A 1 26 ? 1.19329   -11.63846 -4.15927  1.000 87.69213  -1 26  DG  A OP2   1 
ATOM   499  O "O5'" . DG  A 1 26 ? 2.09636   -12.80803 -6.23035  1.000 86.96858  ?  26  DG  A "O5'" 1 
ATOM   500  C "C5'" . DG  A 1 26 ? 2.98163   -11.80838 -6.78471  1.000 82.84913  ?  26  DG  A "C5'" 1 
ATOM   501  C "C4'" . DG  A 1 26 ? 4.44394   -12.09848 -6.43988  1.000 93.42069  ?  26  DG  A "C4'" 1 
ATOM   502  O "O4'" . DG  A 1 26 ? 5.03864   -10.94548 -5.76153  1.000 91.51293  ?  26  DG  A "O4'" 1 
ATOM   503  C "C3'" . DG  A 1 26 ? 4.68312   -13.29418 -5.50320  1.000 101.51395 ?  26  DG  A "C3'" 1 
ATOM   504  O "O3'" . DG  A 1 26 ? 5.85031   -14.01712 -5.91335  1.000 108.93234 ?  26  DG  A "O3'" 1 
ATOM   505  C "C2'" . DG  A 1 26 ? 4.90921   -12.62073 -4.15253  1.000 99.67460  ?  26  DG  A "C2'" 1 
ATOM   506  C "C1'" . DG  A 1 26 ? 5.70154   -11.40028 -4.59214  1.000 95.41863  ?  26  DG  A "C1'" 1 
ATOM   507  N N9    . DG  A 1 26 ? 5.74658   -10.32879 -3.58697  1.000 89.76899  ?  26  DG  A N9    1 
ATOM   508  C C8    . DG  A 1 26 ? 6.80647   -10.00758 -2.75594  1.000 90.26596  ?  26  DG  A C8    1 
ATOM   509  N N7    . DG  A 1 26 ? 6.55385   -9.01113  -1.94743  1.000 87.34387  ?  26  DG  A N7    1 
ATOM   510  C C5    . DG  A 1 26 ? 5.24011   -8.65474  -2.25620  1.000 85.79311  ?  26  DG  A C5    1 
ATOM   511  C C6    . DG  A 1 26 ? 4.41743   -7.64194  -1.70805  1.000 83.38203  ?  26  DG  A C6    1 
ATOM   512  O O6    . DG  A 1 26 ? 4.70003   -6.82659  -0.82149  1.000 83.22678  ?  26  DG  A O6    1 
ATOM   513  N N1    . DG  A 1 26 ? 3.15048   -7.62176  -2.30106  1.000 82.75661  ?  26  DG  A N1    1 
ATOM   514  C C2    . DG  A 1 26 ? 2.73664   -8.47357  -3.30347  1.000 82.03504  ?  26  DG  A C2    1 
ATOM   515  N N2    . DG  A 1 26 ? 1.48701   -8.30406  -3.75251  1.000 80.95650  ?  26  DG  A N2    1 
ATOM   516  N N3    . DG  A 1 26 ? 3.49618   -9.42651  -3.82655  1.000 84.47144  ?  26  DG  A N3    1 
ATOM   517  C C4    . DG  A 1 26 ? 4.73209   -9.45902  -3.25946  1.000 86.80298  ?  26  DG  A C4    1 
ATOM   518  P P     . DA  A 1 27 ? 6.36845   -15.27590 -5.05048  1.000 126.78139 ?  27  DA  A P     1 
ATOM   519  O OP1   . DA  A 1 27 ? 5.23398   -16.22475 -4.92369  1.000 119.22662 ?  27  DA  A OP1   1 
ATOM   520  O OP2   . DA  A 1 27 ? 7.02780   -14.77878 -3.81132  1.000 116.14397 -1 27  DA  A OP2   1 
ATOM   521  O "O5'" . DA  A 1 27 ? 7.49179   -15.92859 -5.98581  1.000 121.92982 ?  27  DA  A "O5'" 1 
ATOM   522  C "C5'" . DC  B 1 1  ? -3.40833  0.32512   -1.31652  1.000 44.15195  ?  1   DC  B "C5'" 1 
ATOM   523  C "C4'" . DC  B 1 1  ? -3.47891  -0.29758  -2.72355  1.000 52.24540  ?  1   DC  B "C4'" 1 
ATOM   524  O "O4'" . DC  B 1 1  ? -2.12478  -0.55655  -3.22697  1.000 48.75137  ?  1   DC  B "O4'" 1 
ATOM   525  C "C3'" . DC  B 1 1  ? -4.15986  -1.65217  -2.77276  1.000 48.93411  ?  1   DC  B "C3'" 1 
ATOM   526  O "O3'" . DC  B 1 1  ? -4.56484  -1.96584  -4.13994  1.000 53.78324  ?  1   DC  B "O3'" 1 
ATOM   527  C "C2'" . DC  B 1 1  ? -3.01399  -2.54375  -2.33483  1.000 45.37521  ?  1   DC  B "C2'" 1 
ATOM   528  C "C1'" . DC  B 1 1  ? -1.89149  -1.96083  -3.18845  1.000 50.14198  ?  1   DC  B "C1'" 1 
ATOM   529  N N1    . DC  B 1 1  ? -0.52571  -2.26341  -2.66286  1.000 53.85493  ?  1   DC  B N1    1 
ATOM   530  C C2    . DC  B 1 1  ? 0.36071   -3.03104  -3.42766  1.000 58.32443  ?  1   DC  B C2    1 
ATOM   531  O O2    . DC  B 1 1  ? 0.00354   -3.42182  -4.55021  1.000 58.71442  ?  1   DC  B O2    1 
ATOM   532  N N3    . DC  B 1 1  ? 1.58741   -3.32467  -2.92229  1.000 56.43740  ?  1   DC  B N3    1 
ATOM   533  C C4    . DC  B 1 1  ? 1.92845   -2.89255  -1.70845  1.000 63.38795  ?  1   DC  B C4    1 
ATOM   534  N N4    . DC  B 1 1  ? 3.14723   -3.20703  -1.23959  1.000 59.92341  ?  1   DC  B N4    1 
ATOM   535  C C5    . DC  B 1 1  ? 1.02989   -2.12863  -0.90793  1.000 61.22610  ?  1   DC  B C5    1 
ATOM   536  C C6    . DC  B 1 1  ? -0.17657  -1.84503  -1.41600  1.000 57.78827  ?  1   DC  B C6    1 
ATOM   537  P P     . DG  B 1 2  ? -6.11254  -2.14719  -4.51329  1.000 52.70949  ?  2   DG  B P     1 
ATOM   538  O OP1   . DG  B 1 2  ? -6.88647  -2.57201  -3.31701  1.000 51.97804  -1 2   DG  B OP1   1 
ATOM   539  O OP2   . DG  B 1 2  ? -6.14788  -3.03584  -5.67997  1.000 60.48398  ?  2   DG  B OP2   1 
ATOM   540  O "O5'" . DG  B 1 2  ? -6.57409  -0.66946  -4.88887  1.000 49.00023  ?  2   DG  B "O5'" 1 
ATOM   541  C "C5'" . DG  B 1 2  ? -5.81790  0.08352   -5.78410  1.000 51.33879  ?  2   DG  B "C5'" 1 
ATOM   542  C "C4'" . DG  B 1 2  ? -6.26749  1.53214   -5.78766  1.000 54.59029  ?  2   DG  B "C4'" 1 
ATOM   543  O "O4'" . DG  B 1 2  ? -5.52740  2.27688   -4.76238  1.000 49.56435  ?  2   DG  B "O4'" 1 
ATOM   544  C "C3'" . DG  B 1 2  ? -6.00810  2.25235   -7.10727  1.000 57.10773  ?  2   DG  B "C3'" 1 
ATOM   545  O "O3'" . DG  B 1 2  ? -7.07613  3.17755   -7.41173  1.000 59.87510  ?  2   DG  B "O3'" 1 
ATOM   546  C "C2'" . DG  B 1 2  ? -4.65638  2.94930   -6.87835  1.000 53.35937  ?  2   DG  B "C2'" 1 
ATOM   547  C "C1'" . DG  B 1 2  ? -4.66491  3.22756   -5.37026  1.000 55.49987  ?  2   DG  B "C1'" 1 
ATOM   548  N N9    . DG  B 1 2  ? -3.34948  3.13657   -4.72013  1.000 55.47837  ?  2   DG  B N9    1 
ATOM   549  C C8    . DG  B 1 2  ? -2.89652  3.92303   -3.68340  1.000 55.97569  ?  2   DG  B C8    1 
ATOM   550  N N7    . DG  B 1 2  ? -1.69312  3.61331   -3.27506  1.000 53.00385  ?  2   DG  B N7    1 
ATOM   551  C C5    . DG  B 1 2  ? -1.32676  2.53756   -4.07442  1.000 57.02171  ?  2   DG  B C5    1 
ATOM   552  C C6    . DG  B 1 2  ? -0.12716  1.78471   -4.08713  1.000 56.31953  ?  2   DG  B C6    1 
ATOM   553  O O6    . DG  B 1 2  ? 0.87394   1.91881   -3.36910  1.000 55.19979  ?  2   DG  B O6    1 
ATOM   554  N N1    . DG  B 1 2  ? -0.15590  0.78391   -5.04243  1.000 54.23047  ?  2   DG  B N1    1 
ATOM   555  C C2    . DG  B 1 2  ? -1.20856  0.53994   -5.90288  1.000 57.77466  ?  2   DG  B C2    1 
ATOM   556  N N2    . DG  B 1 2  ? -1.04371  -0.47833  -6.75875  1.000 49.96167  ?  2   DG  B N2    1 
ATOM   557  N N3    . DG  B 1 2  ? -2.34327  1.23688   -5.91171  1.000 55.96546  ?  2   DG  B N3    1 
ATOM   558  C C4    . DG  B 1 2  ? -2.33330  2.22337   -4.97191  1.000 54.11814  ?  2   DG  B C4    1 
ATOM   559  P P     . DC  B 1 3  ? -8.36453  2.68638   -8.26423  1.000 59.64018  ?  3   DC  B P     1 
ATOM   560  O OP1   . DC  B 1 3  ? -9.23947  3.84981   -8.53926  1.000 55.49698  -1 3   DC  B OP1   1 
ATOM   561  O OP2   . DC  B 1 3  ? -8.93391  1.51832   -7.56658  1.000 54.86459  ?  3   DC  B OP2   1 
ATOM   562  O "O5'" . DC  B 1 3  ? -7.73778  2.18402   -9.63608  1.000 57.14290  ?  3   DC  B "O5'" 1 
ATOM   563  C "C5'" . DC  B 1 3  ? -6.88980  3.02375   -10.37921 1.000 53.30484  ?  3   DC  B "C5'" 1 
ATOM   564  C "C4'" . DC  B 1 3  ? -6.37062  2.28355   -11.58739 1.000 58.58175  ?  3   DC  B "C4'" 1 
ATOM   565  O "O4'" . DC  B 1 3  ? -5.39195  1.30596   -11.19507 1.000 57.39278  ?  3   DC  B "O4'" 1 
ATOM   566  C "C3'" . DC  B 1 3  ? -7.43206  1.50164   -12.33059 1.000 56.19747  ?  3   DC  B "C3'" 1 
ATOM   567  O "O3'" . DC  B 1 3  ? -8.05257  2.37809   -13.22140 1.000 57.04781  ?  3   DC  B "O3'" 1 
ATOM   568  C "C2'" . DC  B 1 3  ? -6.61096  0.43607   -13.04558 1.000 54.85796  ?  3   DC  B "C2'" 1 
ATOM   569  C "C1'" . DC  B 1 3  ? -5.40578  0.23083   -12.11267 1.000 54.39997  ?  3   DC  B "C1'" 1 
ATOM   570  N N1    . DC  B 1 3  ? -5.43087  -1.04934  -11.34495 1.000 53.06041  ?  3   DC  B N1    1 
ATOM   571  C C2    . DC  B 1 3  ? -4.38704  -1.97373  -11.50480 1.000 52.16915  ?  3   DC  B C2    1 
ATOM   572  O O2    . DC  B 1 3  ? -3.47760  -1.72119  -12.29740 1.000 50.03871  ?  3   DC  B O2    1 
ATOM   573  N N3    . DC  B 1 3  ? -4.40606  -3.12065  -10.78556 1.000 49.16281  ?  3   DC  B N3    1 
ATOM   574  C C4    . DC  B 1 3  ? -5.40124  -3.34929  -9.91747  1.000 52.22385  ?  3   DC  B C4    1 
ATOM   575  N N4    . DC  B 1 3  ? -5.39189  -4.49898  -9.25218  1.000 53.66304  ?  3   DC  B N4    1 
ATOM   576  C C5    . DC  B 1 3  ? -6.45828  -2.41336  -9.71385  1.000 51.18971  ?  3   DC  B C5    1 
ATOM   577  C C6    . DC  B 1 3  ? -6.43058  -1.28333  -10.44291 1.000 55.24164  ?  3   DC  B C6    1 
ATOM   578  P P     . DC  B 1 4  ? -9.43282  2.00011   -13.95290 1.000 64.33571  ?  4   DC  B P     1 
ATOM   579  O OP1   . DC  B 1 4  ? -9.96274  3.30050   -14.41716 1.000 66.23825  ?  4   DC  B OP1   1 
ATOM   580  O OP2   . DC  B 1 4  ? -10.29167 1.11697   -13.13197 1.000 57.28786  -1 4   DC  B OP2   1 
ATOM   581  O "O5'" . DC  B 1 4  ? -8.94521  1.11569   -15.18197 1.000 62.11251  ?  4   DC  B "O5'" 1 
ATOM   582  C "C5'" . DC  B 1 4  ? -8.06430  1.65647   -16.15576 1.000 59.56767  ?  4   DC  B "C5'" 1 
ATOM   583  C "C4'" . DC  B 1 4  ? -7.79402  0.63646   -17.25145 1.000 60.74629  ?  4   DC  B "C4'" 1 
ATOM   584  O "O4'" . DC  B 1 4  ? -7.31346  -0.57556  -16.64643 1.000 60.20216  ?  4   DC  B "O4'" 1 
ATOM   585  C "C3'" . DC  B 1 4  ? -9.01312  0.22045   -18.05766 1.000 59.53234  ?  4   DC  B "C3'" 1 
ATOM   586  O "O3'" . DC  B 1 4  ? -9.11704  1.03948   -19.20597 1.000 64.75152  ?  4   DC  B "O3'" 1 
ATOM   587  C "C2'" . DC  B 1 4  ? -8.69783  -1.21679  -18.46558 1.000 56.72196  ?  4   DC  B "C2'" 1 
ATOM   588  C "C1'" . DC  B 1 4  ? -7.67303  -1.68082  -17.43850 1.000 56.03430  ?  4   DC  B "C1'" 1 
ATOM   589  N N1    . DC  B 1 4  ? -8.17844  -2.71847  -16.56098 1.000 53.55574  ?  4   DC  B N1    1 
ATOM   590  C C2    . DC  B 1 4  ? -7.64031  -4.00410  -16.64569 1.000 53.00530  ?  4   DC  B C2    1 
ATOM   591  O O2    . DC  B 1 4  ? -6.74284  -4.23480  -17.46550 1.000 52.16371  ?  4   DC  B O2    1 
ATOM   592  N N3    . DC  B 1 4  ? -8.11673  -4.96243  -15.83254 1.000 52.32712  ?  4   DC  B N3    1 
ATOM   593  C C4    . DC  B 1 4  ? -9.07828  -4.68001  -14.95311 1.000 55.04822  ?  4   DC  B C4    1 
ATOM   594  N N4    . DC  B 1 4  ? -9.51388  -5.67801  -14.17089 1.000 51.99337  ?  4   DC  B N4    1 
ATOM   595  C C5    . DC  B 1 4  ? -9.64472  -3.36852  -14.84789 1.000 53.95793  ?  4   DC  B C5    1 
ATOM   596  C C6    . DC  B 1 4  ? -9.17373  -2.42948  -15.67586 1.000 52.85591  ?  4   DC  B C6    1 
ATOM   597  P P     . DC  B 1 5  ? -10.50588 1.16001   -19.99932 1.000 65.41742  ?  5   DC  B P     1 
ATOM   598  O OP1   . DC  B 1 5  ? -10.28064 2.01473   -21.19040 1.000 66.42142  ?  5   DC  B OP1   1 
ATOM   599  O OP2   . DC  B 1 5  ? -11.48644 1.52343   -18.94573 1.000 62.89771  -1 5   DC  B OP2   1 
ATOM   600  O "O5'" . DC  B 1 5  ? -10.78483 -0.32268  -20.53107 1.000 61.25428  ?  5   DC  B "O5'" 1 
ATOM   601  C "C5'" . DC  B 1 5  ? -11.33848 -0.54404  -21.83462 1.000 55.53565  ?  5   DC  B "C5'" 1 
ATOM   602  C "C4'" . DC  B 1 5  ? -10.42645 -1.45838  -22.62708 1.000 57.06894  ?  5   DC  B "C4'" 1 
ATOM   603  O "O4'" . DC  B 1 5  ? -10.22866 -2.68409  -21.88415 1.000 56.95570  ?  5   DC  B "O4'" 1 
ATOM   604  C "C3'" . DC  B 1 5  ? -10.93636 -1.88817  -24.01229 1.000 54.94042  ?  5   DC  B "C3'" 1 
ATOM   605  O "O3'" . DC  B 1 5  ? -9.82760  -2.19690  -24.84892 1.000 57.79739  ?  5   DC  B "O3'" 1 
ATOM   606  C "C2'" . DC  B 1 5  ? -11.71804 -3.14400  -23.68412 1.000 53.80024  ?  5   DC  B "C2'" 1 
ATOM   607  C "C1'" . DC  B 1 5  ? -10.81022 -3.76325  -22.60598 1.000 48.64063  ?  5   DC  B "C1'" 1 
ATOM   608  N N1    . DC  B 1 5  ? -11.51210 -4.61131  -21.67074 1.000 44.34987  ?  5   DC  B N1    1 
ATOM   609  C C2    . DC  B 1 5  ? -10.97550 -5.85395  -21.32719 1.000 49.06164  ?  5   DC  B C2    1 
ATOM   610  O O2    . DC  B 1 5  ? -9.90782  -6.20746  -21.81959 1.000 46.64196  ?  5   DC  B O2    1 
ATOM   611  N N3    . DC  B 1 5  ? -11.63240 -6.63112  -20.42940 1.000 47.61517  ?  5   DC  B N3    1 
ATOM   612  C C4    . DC  B 1 5  ? -12.78229 -6.21661  -19.91074 1.000 51.10629  ?  5   DC  B C4    1 
ATOM   613  N N4    . DC  B 1 5  ? -13.40168 -7.02441  -19.03853 1.000 52.24797  ?  5   DC  B N4    1 
ATOM   614  C C5    . DC  B 1 5  ? -13.34472 -4.94827  -20.25174 1.000 49.46148  ?  5   DC  B C5    1 
ATOM   615  C C6    . DC  B 1 5  ? -12.67603 -4.18415  -21.12541 1.000 47.31988  ?  5   DC  B C6    1 
ATOM   616  P P     . DG  B 1 6  ? -10.03041 -2.40033  -26.43867 1.000 54.07842  ?  6   DG  B P     1 
ATOM   617  O OP1   . DG  B 1 6  ? -8.66144  -2.38115  -26.99974 1.000 52.65420  ?  6   DG  B OP1   1 
ATOM   618  O OP2   . DG  B 1 6  ? -11.09239 -1.44759  -26.85045 1.000 51.25460  -1 6   DG  B OP2   1 
ATOM   619  O "O5'" . DG  B 1 6  ? -10.66394 -3.86189  -26.58671 1.000 51.86649  ?  6   DG  B "O5'" 1 
ATOM   620  C "C5'" . DG  B 1 6  ? -9.85156  -5.02246  -26.44830 1.000 48.40589  ?  6   DG  B "C5'" 1 
ATOM   621  C "C4'" . DG  B 1 6  ? -10.70323 -6.27496  -26.53315 1.000 50.13397  ?  6   DG  B "C4'" 1 
ATOM   622  O "O4'" . DG  B 1 6  ? -11.61603 -6.34180  -25.39374 1.000 47.23155  ?  6   DG  B "O4'" 1 
ATOM   623  C "C3'" . DG  B 1 6  ? -11.60491 -6.35726  -27.78764 1.000 43.86591  ?  6   DG  B "C3'" 1 
ATOM   624  O "O3'" . DG  B 1 6  ? -11.70694 -7.68927  -28.22177 1.000 44.21271  ?  6   DG  B "O3'" 1 
ATOM   625  C "C2'" . DG  B 1 6  ? -12.93574 -5.87390  -27.26339 1.000 47.20830  ?  6   DG  B "C2'" 1 
ATOM   626  C "C1'" . DG  B 1 6  ? -12.92334 -6.54683  -25.88411 1.000 48.28670  ?  6   DG  B "C1'" 1 
ATOM   627  N N9    . DG  B 1 6  ? -13.88652 -6.00617  -24.95003 1.000 48.77903  ?  6   DG  B N9    1 
ATOM   628  C C8    . DG  B 1 6  ? -14.60455 -4.84697  -25.09411 1.000 51.52132  ?  6   DG  B C8    1 
ATOM   629  N N7    . DG  B 1 6  ? -15.42252 -4.61452  -24.08253 1.000 56.58234  ?  6   DG  B N7    1 
ATOM   630  C C5    . DG  B 1 6  ? -15.23176 -5.69346  -23.21404 1.000 50.40061  ?  6   DG  B C5    1 
ATOM   631  C C6    . DG  B 1 6  ? -15.84598 -5.98804  -21.95115 1.000 52.65580  ?  6   DG  B C6    1 
ATOM   632  O O6    . DG  B 1 6  ? -16.68932 -5.32721  -21.32977 1.000 52.79058  ?  6   DG  B O6    1 
ATOM   633  N N1    . DG  B 1 6  ? -15.37746 -7.18073  -21.40856 1.000 49.23393  ?  6   DG  B N1    1 
ATOM   634  C C2    . DG  B 1 6  ? -14.44030 -7.99693  -22.00214 1.000 52.35880  ?  6   DG  B C2    1 
ATOM   635  N N2    . DG  B 1 6  ? -14.10257 -9.10266  -21.31062 1.000 51.72913  ?  6   DG  B N2    1 
ATOM   636  N N3    . DG  B 1 6  ? -13.85155 -7.73638  -23.18253 1.000 48.06048  ?  6   DG  B N3    1 
ATOM   637  C C4    . DG  B 1 6  ? -14.30078 -6.57053  -23.73232 1.000 50.12140  ?  6   DG  B C4    1 
ATOM   638  P P     . DT  B 1 7  ? -12.23799 -7.99598  -29.72906 1.000 53.74392  ?  7   DT  B P     1 
ATOM   639  O OP1   . DT  B 1 7  ? -12.79317 -6.71111  -30.23120 1.000 45.47142  ?  7   DT  B OP1   1 
ATOM   640  O OP2   . DT  B 1 7  ? -13.04896 -9.23858  -29.70207 1.000 53.78518  -1 7   DT  B OP2   1 
ATOM   641  O "O5'" . DT  B 1 7  ? -10.92503 -8.13893  -30.58255 1.000 48.08894  ?  7   DT  B "O5'" 1 
ATOM   642  C "C5'" . DT  B 1 7  ? -10.33472 -6.95135  -31.01786 1.000 56.01795  ?  7   DT  B "C5'" 1 
ATOM   643  C "C4'" . DT  B 1 7  ? -9.14446  -7.19549  -31.90473 1.000 58.13276  ?  7   DT  B "C4'" 1 
ATOM   644  O "O4'" . DT  B 1 7  ? -9.59473  -7.59031  -33.22460 1.000 66.41169  ?  7   DT  B "O4'" 1 
ATOM   645  C "C3'" . DT  B 1 7  ? -8.32542  -5.95124  -32.12752 1.000 59.74017  ?  7   DT  B "C3'" 1 
ATOM   646  O "O3'" . DT  B 1 7  ? -7.01876  -6.29697  -32.43036 1.000 60.97807  ?  7   DT  B "O3'" 1 
ATOM   647  C "C2'" . DT  B 1 7  ? -9.01831  -5.31521  -33.31638 1.000 67.34937  ?  7   DT  B "C2'" 1 
ATOM   648  C "C1'" . DT  B 1 7  ? -9.35357  -6.53933  -34.14505 1.000 67.60341  ?  7   DT  B "C1'" 1 
ATOM   649  N N1    . DT  B 1 7  ? -10.55886 -6.34522  -34.95465 1.000 69.96289  ?  7   DT  B N1    1 
ATOM   650  C C2    . DT  B 1 7  ? -10.93121 -7.31834  -35.84878 1.000 78.17595  ?  7   DT  B C2    1 
ATOM   651  O O2    . DT  B 1 7  ? -10.31078 -8.36047  -36.00360 1.000 79.47966  ?  7   DT  B O2    1 
ATOM   652  N N3    . DT  B 1 7  ? -12.06753 -7.02981  -36.56148 1.000 80.41988  ?  7   DT  B N3    1 
ATOM   653  C C4    . DT  B 1 7  ? -12.84692 -5.88647  -36.46526 1.000 81.64099  ?  7   DT  B C4    1 
ATOM   654  O O4    . DT  B 1 7  ? -13.85122 -5.71802  -37.14936 1.000 89.57351  ?  7   DT  B O4    1 
ATOM   655  C C5    . DT  B 1 7  ? -12.39098 -4.90342  -35.50893 1.000 77.46536  ?  7   DT  B C5    1 
ATOM   656  C C7    . DT  B 1 7  ? -13.15242 -3.62396  -35.32005 1.000 76.74699  ?  7   DT  B C7    1 
ATOM   657  C C6    . DT  B 1 7  ? -11.28190 -5.17734  -34.81089 1.000 72.36677  ?  7   DT  B C6    1 
ATOM   658  P P     . DG  B 1 8  ? -5.87242  -5.18918  -32.28527 1.000 70.32031  ?  8   DG  B P     1 
ATOM   659  O OP1   . DG  B 1 8  ? -6.51056  -3.88677  -32.62524 1.000 56.92696  ?  8   DG  B OP1   1 
ATOM   660  O OP2   . DG  B 1 8  ? -4.69663  -5.71112  -33.02796 1.000 67.00194  -1 8   DG  B OP2   1 
ATOM   661  O "O5'" . DG  B 1 8  ? -5.50576  -5.20550  -30.70713 1.000 60.20372  ?  8   DG  B "O5'" 1 
ATOM   662  C "C5'" . DG  B 1 8  ? -6.16564  -4.33222  -29.80731 1.000 57.42634  ?  8   DG  B "C5'" 1 
ATOM   663  C "C4'" . DG  B 1 8  ? -6.25607  -4.93860  -28.40995 1.000 56.72671  ?  8   DG  B "C4'" 1 
ATOM   664  O "O4'" . DG  B 1 8  ? -7.08208  -6.13155  -28.44656 1.000 56.57540  ?  8   DG  B "O4'" 1 
ATOM   665  C "C3'" . DG  B 1 8  ? -4.94189  -5.39494  -27.76330 1.000 58.58088  ?  8   DG  B "C3'" 1 
ATOM   666  O "O3'" . DG  B 1 8  ? -5.13175  -5.45592  -26.35838 1.000 56.06190  ?  8   DG  B "O3'" 1 
ATOM   667  C "C2'" . DG  B 1 8  ? -4.81612  -6.80792  -28.32482 1.000 57.40063  ?  8   DG  B "C2'" 1 
ATOM   668  C "C1'" . DG  B 1 8  ? -6.26999  -7.27614  -28.20995 1.000 57.62891  ?  8   DG  B "C1'" 1 
ATOM   669  N N9    . DG  B 1 8  ? -6.66407  -8.30238  -29.16642 1.000 55.74770  ?  8   DG  B N9    1 
ATOM   670  C C8    . DG  B 1 8  ? -6.12900  -8.54430  -30.41123 1.000 56.78943  ?  8   DG  B C8    1 
ATOM   671  N N7    . DG  B 1 8  ? -6.72668  -9.52130  -31.04629 1.000 58.54431  ?  8   DG  B N7    1 
ATOM   672  C C5    . DG  B 1 8  ? -7.72089  -9.93441  -30.17005 1.000 54.60821  ?  8   DG  B C5    1 
ATOM   673  C C6    . DG  B 1 8  ? -8.67678  -10.95887 -30.30044 1.000 56.47689  ?  8   DG  B C6    1 
ATOM   674  O O6    . DG  B 1 8  ? -8.85103  -11.73061 -31.26463 1.000 57.56214  ?  8   DG  B O6    1 
ATOM   675  N N1    . DG  B 1 8  ? -9.49590  -11.04340 -29.16832 1.000 50.73876  ?  8   DG  B N1    1 
ATOM   676  C C2    . DG  B 1 8  ? -9.37651  -10.23213 -28.05750 1.000 52.99395  ?  8   DG  B C2    1 
ATOM   677  N N2    . DG  B 1 8  ? -10.23729 -10.44794 -27.04808 1.000 52.31302  ?  8   DG  B N2    1 
ATOM   678  N N3    . DG  B 1 8  ? -8.48783  -9.28119  -27.93901 1.000 50.92325  ?  8   DG  B N3    1 
ATOM   679  C C4    . DG  B 1 8  ? -7.69098  -9.19175  -29.01709 1.000 55.62885  ?  8   DG  B C4    1 
ATOM   680  P P     . DC  B 1 9  ? -4.16495  -4.70659  -25.29194 1.000 58.70315  ?  9   DC  B P     1 
ATOM   681  O OP1   . DC  B 1 9  ? -3.73464  -3.41556  -25.86128 1.000 59.26932  ?  9   DC  B OP1   1 
ATOM   682  O OP2   . DC  B 1 9  ? -3.16711  -5.66411  -24.75875 1.000 55.13520  -1 9   DC  B OP2   1 
ATOM   683  O "O5'" . DC  B 1 9  ? -5.16745  -4.43090  -24.09606 1.000 50.92134  ?  9   DC  B "O5'" 1 
ATOM   684  C "C5'" . DC  B 1 9  ? -6.22757  -3.50720  -24.25317 1.000 47.54678  ?  9   DC  B "C5'" 1 
ATOM   685  C "C4'" . DC  B 1 9  ? -6.80601  -3.16532  -22.90095 1.000 50.94982  ?  9   DC  B "C4'" 1 
ATOM   686  O "O4'" . DC  B 1 9  ? -7.33377  -4.35093  -22.27865 1.000 48.60737  ?  9   DC  B "O4'" 1 
ATOM   687  C "C3'" . DC  B 1 9  ? -5.78061  -2.59554  -21.92234 1.000 50.10474  ?  9   DC  B "C3'" 1 
ATOM   688  O "O3'" . DC  B 1 9  ? -6.07110  -1.23153  -21.72335 1.000 58.50065  ?  9   DC  B "O3'" 1 
ATOM   689  C "C2'" . DC  B 1 9  ? -5.97400  -3.41701  -20.63431 1.000 51.23624  ?  9   DC  B "C2'" 1 
ATOM   690  C "C1'" . DC  B 1 9  ? -7.26685  -4.20291  -20.89218 1.000 53.72978  ?  9   DC  B "C1'" 1 
ATOM   691  N N1    . DC  B 1 9  ? -7.25580  -5.55987  -20.28430 1.000 50.72874  ?  9   DC  B N1    1 
ATOM   692  C C2    . DC  B 1 9  ? -8.26547  -5.94448  -19.38468 1.000 46.90476  ?  9   DC  B C2    1 
ATOM   693  O O2    . DC  B 1 9  ? -9.18376  -5.16856  -19.13127 1.000 48.42839  ?  9   DC  B O2    1 
ATOM   694  N N3    . DC  B 1 9  ? -8.23235  -7.17795  -18.86333 1.000 42.14251  ?  9   DC  B N3    1 
ATOM   695  C C4    . DC  B 1 9  ? -7.23704  -8.00826  -19.15329 1.000 47.53215  ?  9   DC  B C4    1 
ATOM   696  N N4    . DC  B 1 9  ? -7.25895  -9.22818  -18.59574 1.000 50.41077  ?  9   DC  B N4    1 
ATOM   697  C C5    . DC  B 1 9  ? -6.17923  -7.63619  -20.04525 1.000 51.44177  ?  9   DC  B C5    1 
ATOM   698  C C6    . DC  B 1 9  ? -6.23390  -6.41543  -20.58382 1.000 50.90980  ?  9   DC  B C6    1 
ATOM   699  P P     . DC  B 1 10 ? -4.92954  -0.18540  -21.27918 1.000 62.91070  ?  10  DC  B P     1 
ATOM   700  O OP1   . DC  B 1 10 ? -5.60934  1.13853   -21.24934 1.000 60.34016  ?  10  DC  B OP1   1 
ATOM   701  O OP2   . DC  B 1 10 ? -3.66221  -0.41269  -22.01154 1.000 53.96351  -1 10  DC  B OP2   1 
ATOM   702  O "O5'" . DC  B 1 10 ? -4.56583  -0.65012  -19.80652 1.000 61.91837  ?  10  DC  B "O5'" 1 
ATOM   703  C "C5'" . DC  B 1 10 ? -3.66978  0.08115   -19.03522 1.000 53.72897  ?  10  DC  B "C5'" 1 
ATOM   704  C "C4'" . DC  B 1 10 ? -4.21385  0.19568   -17.62774 1.000 57.45233  ?  10  DC  B "C4'" 1 
ATOM   705  O "O4'" . DC  B 1 10 ? -4.61257  -1.11637  -17.14014 1.000 55.37336  ?  10  DC  B "O4'" 1 
ATOM   706  C "C3'" . DC  B 1 10 ? -3.23850  0.74293   -16.59414 1.000 55.25272  ?  10  DC  B "C3'" 1 
ATOM   707  O "O3'" . DC  B 1 10 ? -3.95279  1.58945   -15.71451 1.000 64.50359  ?  10  DC  B "O3'" 1 
ATOM   708  C "C2'" . DC  B 1 10 ? -2.80244  -0.52076  -15.86832 1.000 57.13003  ?  10  DC  B "C2'" 1 
ATOM   709  C "C1'" . DC  B 1 10 ? -4.12029  -1.27381  -15.84280 1.000 56.38506  ?  10  DC  B "C1'" 1 
ATOM   710  N N1    . DC  B 1 10 ? -3.96340  -2.71434  -15.52899 1.000 53.81908  ?  10  DC  B N1    1 
ATOM   711  C C2    . DC  B 1 10 ? -4.85445  -3.33619  -14.64622 1.000 54.98397  ?  10  DC  B C2    1 
ATOM   712  O O2    . DC  B 1 10 ? -5.79933  -2.68514  -14.18157 1.000 53.71073  ?  10  DC  B O2    1 
ATOM   713  N N3    . DC  B 1 10 ? -4.66753  -4.64058  -14.34262 1.000 52.05021  ?  10  DC  B N3    1 
ATOM   714  C C4    . DC  B 1 10 ? -3.64304  -5.30079  -14.86304 1.000 51.23837  ?  10  DC  B C4    1 
ATOM   715  N N4    . DC  B 1 10 ? -3.49586  -6.58025  -14.53658 1.000 49.21120  ?  10  DC  B N4    1 
ATOM   716  C C5    . DC  B 1 10 ? -2.71462  -4.67827  -15.74010 1.000 50.05999  ?  10  DC  B C5    1 
ATOM   717  C C6    . DC  B 1 10 ? -2.90822  -3.39687  -16.03504 1.000 51.47258  ?  10  DC  B C6    1 
ATOM   718  P P     . DC  B 1 11 ? -3.48127  3.10112   -15.45358 1.000 69.62507  ?  11  DC  B P     1 
ATOM   719  O OP1   . DC  B 1 11 ? -4.65039  3.95734   -15.80331 1.000 66.56073  ?  11  DC  B OP1   1 
ATOM   720  O OP2   . DC  B 1 11 ? -2.16044  3.30356   -16.09253 1.000 52.96985  -1 11  DC  B OP2   1 
ATOM   721  O "O5'" . DC  B 1 11 ? -3.29461  3.15223   -13.87468 1.000 63.39380  ?  11  DC  B "O5'" 1 
ATOM   722  C "C5'" . DC  B 1 11 ? -2.00446  2.94262   -13.29043 1.000 61.80262  ?  11  DC  B "C5'" 1 
ATOM   723  C "C4'" . DC  B 1 11 ? -2.15939  2.47559   -11.85444 1.000 58.47116  ?  11  DC  B "C4'" 1 
ATOM   724  O "O4'" . DC  B 1 11 ? -1.89051  1.07510   -11.78193 1.000 61.28307  ?  11  DC  B "O4'" 1 
ATOM   725  C "C3'" . DC  B 1 11 ? -1.19639  3.08985   -10.84135 1.000 62.10058  ?  11  DC  B "C3'" 1 
ATOM   726  O "O3'" . DC  B 1 11 ? -1.78903  4.24064   -10.24436 1.000 58.08322  ?  11  DC  B "O3'" 1 
ATOM   727  C "C2'" . DC  B 1 11 ? -0.98991  1.95646   -9.81269  1.000 58.87837  ?  11  DC  B "C2'" 1 
ATOM   728  C "C1'" . DC  B 1 11 ? -1.73575  0.75822   -10.43891 1.000 55.59264  ?  11  DC  B "C1'" 1 
ATOM   729  N N1    . DC  B 1 11 ? -0.99449  -0.53529  -10.33296 1.000 57.12544  ?  11  DC  B N1    1 
ATOM   730  C C2    . DC  B 1 11 ? -1.52088  -1.56892  -9.55355  1.000 54.86885  ?  11  DC  B C2    1 
ATOM   731  O O2    . DC  B 1 11 ? -2.60470  -1.40185  -8.98149  1.000 55.26883  ?  11  DC  B O2    1 
ATOM   732  N N3    . DC  B 1 11 ? -0.83300  -2.72642  -9.44524  1.000 52.02519  ?  11  DC  B N3    1 
ATOM   733  C C4    . DC  B 1 11 ? 0.32555   -2.87618  -10.06950 1.000 55.98980  ?  11  DC  B C4    1 
ATOM   734  N N4    . DC  B 1 11 ? 0.95098   -4.04980  -9.93832  1.000 56.99622  ?  11  DC  B N4    1 
ATOM   735  C C5    . DC  B 1 11 ? 0.90309   -1.82730  -10.85766 1.000 58.68585  ?  11  DC  B C5    1 
ATOM   736  C C6    . DC  B 1 11 ? 0.20856   -0.68570  -10.96643 1.000 57.87971  ?  11  DC  B C6    1 
ATOM   737  P P     . DT  B 1 12 ? -0.88081  5.50081   -9.83294  1.000 66.33483  ?  12  DT  B P     1 
ATOM   738  O OP1   . DT  B 1 12 ? -1.73689  6.71199   -9.97941  1.000 63.10268  ?  12  DT  B OP1   1 
ATOM   739  O OP2   . DT  B 1 12 ? 0.44215   5.40913   -10.50995 1.000 58.95060  -1 12  DT  B OP2   1 
ATOM   740  O "O5'" . DT  B 1 12 ? -0.50859  5.18294   -8.32587  1.000 58.51884  ?  12  DT  B "O5'" 1 
ATOM   741  C "C5'" . DT  B 1 12 ? -1.44312  5.33206   -7.26628  1.000 51.95272  ?  12  DT  B "C5'" 1 
ATOM   742  C "C4'" . DT  B 1 12 ? -0.68155  5.69743   -5.99735  1.000 58.97786  ?  12  DT  B "C4'" 1 
ATOM   743  O "O4'" . DT  B 1 12 ? 0.19373   4.59483   -5.63139  1.000 55.41067  ?  12  DT  B "O4'" 1 
ATOM   744  C "C3'" . DT  B 1 12 ? 0.23179   6.90927   -6.15780  1.000 57.50281  ?  12  DT  B "C3'" 1 
ATOM   745  O "O3'" . DT  B 1 12 ? 0.21510   7.72542   -4.97075  1.000 61.64839  ?  12  DT  B "O3'" 1 
ATOM   746  C "C2'" . DT  B 1 12 ? 1.60158   6.28242   -6.40437  1.000 57.88528  ?  12  DT  B "C2'" 1 
ATOM   747  C "C1'" . DT  B 1 12 ? 1.51600   5.05501   -5.51879  1.000 57.12506  ?  12  DT  B "C1'" 1 
ATOM   748  N N1    . DT  B 1 12 ? 2.44367   3.94780   -5.89789  1.000 57.60553  ?  12  DT  B N1    1 
ATOM   749  C C2    . DT  B 1 12 ? 3.40267   3.55059   -5.00101  1.000 55.90741  ?  12  DT  B C2    1 
ATOM   750  O O2    . DT  B 1 12 ? 3.54843   4.06389   -3.90050  1.000 58.79000  ?  12  DT  B O2    1 
ATOM   751  N N3    . DT  B 1 12 ? 4.20269   2.52797   -5.42703  1.000 56.16986  ?  12  DT  B N3    1 
ATOM   752  C C4    . DT  B 1 12 ? 4.15676   1.87289   -6.64648  1.000 55.74415  ?  12  DT  B C4    1 
ATOM   753  O O4    . DT  B 1 12 ? 4.92356   0.95675   -6.92219  1.000 51.81404  ?  12  DT  B O4    1 
ATOM   754  C C5    . DT  B 1 12 ? 3.12948   2.32800   -7.55388  1.000 51.93287  ?  12  DT  B C5    1 
ATOM   755  C C7    . DT  B 1 12 ? 2.98188   1.67543   -8.89247  1.000 60.61096  ?  12  DT  B C7    1 
ATOM   756  C C6    . DT  B 1 12 ? 2.32965   3.33940   -7.15542  1.000 55.56468  ?  12  DT  B C6    1 
ATOM   757  P P     . DG  B 1 13 ? 0.93414   9.15704   -5.02989  1.000 60.25851  ?  13  DG  B P     1 
ATOM   758  O OP1   . DG  B 1 13 ? 0.45224   10.08208  -3.98477  1.000 61.65558  ?  13  DG  B OP1   1 
ATOM   759  O OP2   . DG  B 1 13 ? 0.79944   9.56639   -6.43365  1.000 63.42988  -1 13  DG  B OP2   1 
ATOM   760  O "O5'" . DG  B 1 13 ? 2.44964   8.80532   -4.75002  1.000 61.92497  ?  13  DG  B "O5'" 1 
ATOM   761  C "C5'" . DG  B 1 13 ? 2.80906   8.14737   -3.54029  1.000 56.76992  ?  13  DG  B "C5'" 1 
ATOM   762  C "C4'" . DG  B 1 13 ? 4.30953   8.07045   -3.42333  1.000 57.05451  ?  13  DG  B "C4'" 1 
ATOM   763  O "O4'" . DG  B 1 13 ? 4.82660   7.12039   -4.39958  1.000 54.17014  ?  13  DG  B "O4'" 1 
ATOM   764  C "C3'" . DG  B 1 13 ? 5.02431   9.38861   -3.70912  1.000 57.42199  ?  13  DG  B "C3'" 1 
ATOM   765  O "O3'" . DG  B 1 13 ? 6.19802   9.46732   -2.95861  1.000 49.59728  ?  13  DG  B "O3'" 1 
ATOM   766  C "C2'" . DG  B 1 13 ? 5.32502   9.28054   -5.21956  1.000 55.42766  ?  13  DG  B "C2'" 1 
ATOM   767  C "C1'" . DG  B 1 13 ? 5.60564   7.78908   -5.37240  1.000 56.17933  ?  13  DG  B "C1'" 1 
ATOM   768  N N9    . DG  B 1 13 ? 5.23258   7.26819   -6.68398  1.000 56.81608  ?  13  DG  B N9    1 
ATOM   769  C C8    . DG  B 1 13 ? 4.42014   7.88767   -7.61729  1.000 55.38915  ?  13  DG  B C8    1 
ATOM   770  N N7    . DG  B 1 13 ? 4.24957   7.19012   -8.68702  1.000 58.69291  ?  13  DG  B N7    1 
ATOM   771  C C5    . DG  B 1 13 ? 4.99647   6.03518   -8.47218  1.000 56.05925  ?  13  DG  B C5    1 
ATOM   772  C C6    . DG  B 1 13 ? 5.18085   4.91734   -9.30589  1.000 60.45347  ?  13  DG  B C6    1 
ATOM   773  O O6    . DG  B 1 13 ? 4.71987   4.72544   -10.44666 1.000 55.01467  ?  13  DG  B O6    1 
ATOM   774  N N1    . DG  B 1 13 ? 6.00738   3.96265   -8.71599  1.000 56.93622  ?  13  DG  B N1    1 
ATOM   775  C C2    . DG  B 1 13 ? 6.57879   4.06808   -7.49528  1.000 56.36704  ?  13  DG  B C2    1 
ATOM   776  N N2    . DG  B 1 13 ? 7.33379   3.02586   -7.11597  1.000 60.06065  ?  13  DG  B N2    1 
ATOM   777  N N3    . DG  B 1 13 ? 6.40463   5.11225   -6.67516  1.000 55.68484  ?  13  DG  B N3    1 
ATOM   778  C C4    . DG  B 1 13 ? 5.60653   6.06258   -7.24385  1.000 56.38193  ?  13  DG  B C4    1 
ATOM   779  P P     . DC  B 1 14 ? 6.24404   10.30621  -1.58102  1.000 56.12262  ?  14  DC  B P     1 
ATOM   780  O OP1   . DC  B 1 14 ? 5.97684   11.74422  -1.88513  1.000 44.23006  ?  14  DC  B OP1   1 
ATOM   781  O OP2   . DC  B 1 14 ? 7.48514   9.78626   -0.96889  1.000 46.11469  -1 14  DC  B OP2   1 
ATOM   782  O "O5'" . DC  B 1 14 ? 4.97852   9.74076   -0.75762  1.000 57.04765  ?  14  DC  B "O5'" 1 
ATOM   783  C "C5'" . DC  B 1 14 ? 4.34495   10.51967  0.23605   1.000 55.65687  ?  14  DC  B "C5'" 1 
ATOM   784  C "C4'" . DC  B 1 14 ? 4.24867   9.73647   1.53220   1.000 52.92486  ?  14  DC  B "C4'" 1 
ATOM   785  O "O4'" . DC  B 1 14 ? 3.41082   8.56772   1.35466   1.000 55.17719  ?  14  DC  B "O4'" 1 
ATOM   786  C "C3'" . DC  B 1 14 ? 5.57647   9.20858   2.06421   1.000 54.63190  ?  14  DC  B "C3'" 1 
ATOM   787  O "O3'" . DC  B 1 14 ? 5.57915   9.27985   3.48419   1.000 49.93730  ?  14  DC  B "O3'" 1 
ATOM   788  C "C2'" . DC  B 1 14 ? 5.57465   7.76030   1.60954   1.000 49.76916  ?  14  DC  B "C2'" 1 
ATOM   789  C "C1'" . DC  B 1 14 ? 4.12017   7.41877   1.78225   1.000 51.69520  ?  14  DC  B "C1'" 1 
ATOM   790  N N1    . DC  B 1 14 ? 3.69300   6.23109   0.95172   1.000 56.78422  ?  14  DC  B N1    1 
ATOM   791  C C2    . DC  B 1 14 ? 3.98825   4.93496   1.40432   1.000 58.35764  ?  14  DC  B C2    1 
ATOM   792  O O2    . DC  B 1 14 ? 4.59353   4.79106   2.49020   1.000 57.11317  ?  14  DC  B O2    1 
ATOM   793  N N3    . DC  B 1 14 ? 3.62155   3.87587   0.65006   1.000 53.93633  ?  14  DC  B N3    1 
ATOM   794  C C4    . DC  B 1 14 ? 2.98501   4.06778   -0.50536  1.000 57.26765  ?  14  DC  B C4    1 
ATOM   795  N N4    . DC  B 1 14 ? 2.62949   2.98190   -1.21228  1.000 56.77963  ?  14  DC  B N4    1 
ATOM   796  C C5    . DC  B 1 14 ? 2.66952   5.38070   -0.98277  1.000 56.15439  ?  14  DC  B C5    1 
ATOM   797  C C6    . DC  B 1 14 ? 3.05868   6.42500   -0.23331  1.000 57.52939  ?  14  DC  B C6    1 
ATOM   798  P P     . DG  B 1 15 ? 6.27667   10.51045  4.24549   1.000 55.27189  ?  15  DG  B P     1 
ATOM   799  O OP1   . DG  B 1 15 ? 7.19829   11.25781  3.35167   1.000 48.82241  ?  15  DG  B OP1   1 
ATOM   800  O OP2   . DG  B 1 15 ? 6.81937   9.88070   5.45375   1.000 50.85301  -1 15  DG  B OP2   1 
ATOM   801  O "O5'" . DG  B 1 15 ? 5.02100   11.41773  4.65673   1.000 53.70264  ?  15  DG  B "O5'" 1 
ATOM   802  C "C5'" . DG  B 1 15 ? 3.99513   10.86995  5.48050   1.000 55.25159  ?  15  DG  B "C5'" 1 
ATOM   803  C "C4'" . DG  B 1 15 ? 2.64417   11.43356  5.07404   1.000 58.69154  ?  15  DG  B "C4'" 1 
ATOM   804  O "O4'" . DG  B 1 15 ? 2.28970   10.96118  3.75366   1.000 54.89055  ?  15  DG  B "O4'" 1 
ATOM   805  C "C3'" . DG  B 1 15 ? 1.47059   11.05520  5.97986   1.000 60.04730  ?  15  DG  B "C3'" 1 
ATOM   806  O "O3'" . DG  B 1 15 ? 0.67784   12.20199  6.22136   1.000 62.44652  ?  15  DG  B "O3'" 1 
ATOM   807  C "C2'" . DG  B 1 15 ? 0.70558   10.03766  5.14348   1.000 59.98154  ?  15  DG  B "C2'" 1 
ATOM   808  C "C1'" . DG  B 1 15 ? 0.94687   10.58544  3.74773   1.000 58.73420  ?  15  DG  B "C1'" 1 
ATOM   809  N N9    . DG  B 1 15 ? 0.75512   9.59135   2.70239   1.000 61.07017  ?  15  DG  B N9    1 
ATOM   810  C C8    . DG  B 1 15 ? 0.88171   8.23523   2.84329   1.000 57.05942  ?  15  DG  B C8    1 
ATOM   811  N N7    . DG  B 1 15 ? 0.67006   7.57929   1.73937   1.000 64.36318  ?  15  DG  B N7    1 
ATOM   812  C C5    . DG  B 1 15 ? 0.37741   8.56153   0.80009   1.000 62.51812  ?  15  DG  B C5    1 
ATOM   813  C C6    . DG  B 1 15 ? 0.05429   8.43286   -0.57513  1.000 63.91758  ?  15  DG  B C6    1 
ATOM   814  O O6    . DG  B 1 15 ? -0.04131  7.39564   -1.24041  1.000 60.90553  ?  15  DG  B O6    1 
ATOM   815  N N1    . DG  B 1 15 ? -0.16860  9.66723   -1.17541  1.000 63.47567  ?  15  DG  B N1    1 
ATOM   816  C C2    . DG  B 1 15 ? -0.08428  10.87526  -0.52595  1.000 68.07702  ?  15  DG  B C2    1 
ATOM   817  N N2    . DG  B 1 15 ? -0.33531  11.95972  -1.27808  1.000 65.80239  ?  15  DG  B N2    1 
ATOM   818  N N3    . DG  B 1 15 ? 0.21344   11.01064  0.77732   1.000 60.17874  ?  15  DG  B N3    1 
ATOM   819  C C4    . DG  B 1 15 ? 0.43921   9.81241   1.36746   1.000 61.02320  ?  15  DG  B C4    1 
ATOM   820  P P     . DC  B 1 16 ? 1.03214   13.20635  7.42780   1.000 64.21895  ?  16  DC  B P     1 
ATOM   821  O OP1   . DC  B 1 16 ? 0.15588   14.39174  7.27668   1.000 66.67148  -1 16  DC  B OP1   1 
ATOM   822  O OP2   . DC  B 1 16 ? 2.51281   13.34008  7.55823   1.000 56.85389  ?  16  DC  B OP2   1 
ATOM   823  O "O5'" . DC  B 1 16 ? 0.56262   12.39874  8.71292   1.000 62.85369  ?  16  DC  B "O5'" 1 
ATOM   824  C "C5'" . DC  B 1 16 ? 1.48638   11.56301  9.31049   1.000 55.75949  ?  16  DC  B "C5'" 1 
ATOM   825  C "C4'" . DC  B 1 16 ? 0.85057   10.71535  10.35663  1.000 55.11290  ?  16  DC  B "C4'" 1 
ATOM   826  O "O4'" . DC  B 1 16 ? 0.86257   9.36608   9.88277   1.000 56.20202  ?  16  DC  B "O4'" 1 
ATOM   827  C "C3'" . DC  B 1 16 ? 1.62167   10.74694  11.67212  1.000 51.73987  ?  16  DC  B "C3'" 1 
ATOM   828  O "O3'" . DC  B 1 16 ? 0.88818   11.53028  12.58839  1.000 55.57071  ?  16  DC  B "O3'" 1 
ATOM   829  C "C2'" . DC  B 1 16 ? 1.70271   9.27888   12.08994  1.000 55.49705  ?  16  DC  B "C2'" 1 
ATOM   830  C "C1'" . DC  B 1 16 ? 1.50938   8.51347   10.76841  1.000 53.63903  ?  16  DC  B "C1'" 1 
ATOM   831  N N1    . DC  B 1 16 ? 2.80772   8.04088   10.15684  1.000 54.85922  ?  16  DC  B N1    1 
ATOM   832  C C2    . DC  B 1 16 ? 3.10664   6.67696   10.16789  1.000 54.37026  ?  16  DC  B C2    1 
ATOM   833  O O2    . DC  B 1 16 ? 2.28116   5.88419   10.62349  1.000 54.39044  ?  16  DC  B O2    1 
ATOM   834  N N3    . DC  B 1 16 ? 4.28890   6.25749   9.66028   1.000 52.98448  ?  16  DC  B N3    1 
ATOM   835  C C4    . DC  B 1 16 ? 5.14500   7.13126   9.14988   1.000 49.70059  ?  16  DC  B C4    1 
ATOM   836  N N4    . DC  B 1 16 ? 6.28638   6.65236   8.67387   1.000 51.02458  ?  16  DC  B N4    1 
ATOM   837  C C5    . DC  B 1 16 ? 4.87310   8.53407   9.12192   1.000 46.99844  ?  16  DC  B C5    1 
ATOM   838  C C6    . DC  B 1 16 ? 3.70211   8.94125   9.63500   1.000 52.99378  ?  16  DC  B C6    1 
ATOM   839  P P     . DC  B 1 17 ? 1.62146   12.41792  13.71284  1.000 59.77866  ?  17  DC  B P     1 
ATOM   840  O OP1   . DC  B 1 17 ? 0.70447   13.58437  13.82685  1.000 59.39471  ?  17  DC  B OP1   1 
ATOM   841  O OP2   . DC  B 1 17 ? 3.06020   12.64975  13.44597  1.000 51.72570  -1 17  DC  B OP2   1 
ATOM   842  O "O5'" . DC  B 1 17 ? 1.59626   11.43680  14.95583  1.000 51.13208  ?  17  DC  B "O5'" 1 
ATOM   843  C "C5'" . DC  B 1 17 ? 0.36259   10.94193  15.43564  1.000 51.68490  ?  17  DC  B "C5'" 1 
ATOM   844  C "C4'" . DC  B 1 17 ? 0.60587   9.88693   16.48897  1.000 49.65890  ?  17  DC  B "C4'" 1 
ATOM   845  O "O4'" . DC  B 1 17 ? 1.39011   8.83480   15.90195  1.000 51.24329  ?  17  DC  B "O4'" 1 
ATOM   846  C "C3'" . DC  B 1 17 ? 1.42776   10.37433  17.67268  1.000 47.97041  ?  17  DC  B "C3'" 1 
ATOM   847  O "O3'" . DC  B 1 17 ? 0.55907   10.91029  18.65876  1.000 48.54866  ?  17  DC  B "O3'" 1 
ATOM   848  C "C2'" . DC  B 1 17 ? 2.12627   9.09627   18.13999  1.000 50.80749  ?  17  DC  B "C2'" 1 
ATOM   849  C "C1'" . DC  B 1 17 ? 2.24102   8.25711   16.85055  1.000 50.85346  ?  17  DC  B "C1'" 1 
ATOM   850  N N1    . DC  B 1 17 ? 3.60529   8.22612   16.26445  1.000 48.29997  ?  17  DC  B N1    1 
ATOM   851  C C2    . DC  B 1 17 ? 4.29231   7.01766   16.15284  1.000 50.37152  ?  17  DC  B C2    1 
ATOM   852  O O2    . DC  B 1 17 ? 3.75782   5.98731   16.52771  1.000 51.32097  ?  17  DC  B O2    1 
ATOM   853  N N3    . DC  B 1 17 ? 5.53401   7.01122   15.61488  1.000 49.58268  ?  17  DC  B N3    1 
ATOM   854  C C4    . DC  B 1 17 ? 6.08708   8.14225   15.20114  1.000 47.66532  ?  17  DC  B C4    1 
ATOM   855  N N4    . DC  B 1 17 ? 7.31353   8.07790   14.69317  1.000 48.33645  ?  17  DC  B N4    1 
ATOM   856  C C5    . DC  B 1 17 ? 5.40847   9.38729   15.29399  1.000 47.34558  ?  17  DC  B C5    1 
ATOM   857  C C6    . DC  B 1 17 ? 4.18023   9.38264   15.83101  1.000 50.86128  ?  17  DC  B C6    1 
ATOM   858  P P     . DC  B 1 18 ? 1.17533   11.75302  19.90574  1.000 57.75748  ?  18  DC  B P     1 
ATOM   859  O OP1   . DC  B 1 18 ? 0.06165   12.54752  20.47183  1.000 57.95946  ?  18  DC  B OP1   1 
ATOM   860  O OP2   . DC  B 1 18 ? 2.41384   12.42523  19.49074  1.000 54.18713  -1 18  DC  B OP2   1 
ATOM   861  O "O5'" . DC  B 1 18 ? 1.60242   10.62417  20.93437  1.000 49.41138  ?  18  DC  B "O5'" 1 
ATOM   862  C "C5'" . DC  B 1 18 ? 0.59452   9.81508   21.54212  1.000 52.24186  ?  18  DC  B "C5'" 1 
ATOM   863  C "C4'" . DC  B 1 18 ? 1.25447   8.65124   22.23972  1.000 53.22609  ?  18  DC  B "C4'" 1 
ATOM   864  O "O4'" . DC  B 1 18 ? 2.55551   8.48279   21.65271  1.000 55.21597  ?  18  DC  B "O4'" 1 
ATOM   865  C "C3'" . DC  B 1 18 ? 1.50232   8.83832   23.75317  1.000 50.26861  ?  18  DC  B "C3'" 1 
ATOM   866  O "O3'" . DC  B 1 18 ? 0.89372   7.78218   24.47091  1.000 51.25136  ?  18  DC  B "O3'" 1 
ATOM   867  C "C2'" . DC  B 1 18 ? 3.02203   8.77470   23.88418  1.000 50.03233  ?  18  DC  B "C2'" 1 
ATOM   868  C "C1'" . DC  B 1 18 ? 3.41448   8.00825   22.63171  1.000 49.67877  ?  18  DC  B "C1'" 1 
ATOM   869  N N1    . DC  B 1 18 ? 4.80122   8.25885   22.20947  1.000 48.94241  ?  18  DC  B N1    1 
ATOM   870  C C2    . DC  B 1 18 ? 5.71115   7.20490   22.19519  1.000 51.09001  ?  18  DC  B C2    1 
ATOM   871  O O2    . DC  B 1 18 ? 5.31921   6.07493   22.48405  1.000 46.23841  ?  18  DC  B O2    1 
ATOM   872  N N3    . DC  B 1 18 ? 7.01561   7.45613   21.87279  1.000 49.90852  ?  18  DC  B N3    1 
ATOM   873  C C4    . DC  B 1 18 ? 7.40034   8.68705   21.57024  1.000 49.06172  ?  18  DC  B C4    1 
ATOM   874  N N4    . DC  B 1 18 ? 8.67525   8.86666   21.22811  1.000 50.50590  ?  18  DC  B N4    1 
ATOM   875  C C5    . DC  B 1 18 ? 6.48660   9.78630   21.58413  1.000 51.75613  ?  18  DC  B C5    1 
ATOM   876  C C6    . DC  B 1 18 ? 5.20541   9.52805   21.90637  1.000 51.77945  ?  18  DC  B C6    1 
ATOM   877  P P     . DG  B 1 19 ? 0.70232   7.86647   26.05604  1.000 54.97981  ?  19  DG  B P     1 
ATOM   878  O OP1   . DG  B 1 19 ? -0.15717  6.72560   26.42694  1.000 62.02407  ?  19  DG  B OP1   1 
ATOM   879  O OP2   . DG  B 1 19 ? 0.33172   9.24601   26.44300  1.000 54.04305  -1 19  DG  B OP2   1 
ATOM   880  O "O5'" . DG  B 1 19 ? 2.15038   7.56834   26.64668  1.000 50.10965  ?  19  DG  B "O5'" 1 
ATOM   881  C "C5'" . DG  B 1 19 ? 2.72192   6.29010   26.49912  1.000 48.05064  ?  19  DG  B "C5'" 1 
ATOM   882  C "C4'" . DG  B 1 19 ? 4.13943   6.30084   26.99785  1.000 52.60037  ?  19  DG  B "C4'" 1 
ATOM   883  O "O4'" . DG  B 1 19 ? 4.92756   7.25462   26.21785  1.000 51.68895  ?  19  DG  B "O4'" 1 
ATOM   884  C "C3'" . DG  B 1 19 ? 4.29716   6.75905   28.43705  1.000 45.78456  ?  19  DG  B "C3'" 1 
ATOM   885  O "O3'" . DG  B 1 19 ? 5.44624   6.13193   28.99180  1.000 54.35550  ?  19  DG  B "O3'" 1 
ATOM   886  C "C2'" . DG  B 1 19 ? 4.54397   8.25305   28.26228  1.000 47.94266  ?  19  DG  B "C2'" 1 
ATOM   887  C "C1'" . DG  B 1 19 ? 5.53206   8.17127   27.11992  1.000 48.40422  ?  19  DG  B "C1'" 1 
ATOM   888  N N9    . DG  B 1 19 ? 5.81162   9.43468   26.42682  1.000 49.02468  ?  19  DG  B N9    1 
ATOM   889  C C8    . DG  B 1 19 ? 5.04297   10.58240  26.39772  1.000 47.88656  ?  19  DG  B C8    1 
ATOM   890  N N7    . DG  B 1 19 ? 5.55853   11.52908  25.64274  1.000 52.53154  ?  19  DG  B N7    1 
ATOM   891  C C5    . DG  B 1 19 ? 6.72809   10.96708  25.13766  1.000 45.30119  ?  19  DG  B C5    1 
ATOM   892  C C6    . DG  B 1 19 ? 7.72417   11.52175  24.27967  1.000 46.49717  ?  19  DG  B C6    1 
ATOM   893  O O6    . DG  B 1 19 ? 7.77513   12.66078  23.79191  1.000 47.08667  ?  19  DG  B O6    1 
ATOM   894  N N1    . DG  B 1 19 ? 8.74257   10.61033  24.02023  1.000 42.79167  ?  19  DG  B N1    1 
ATOM   895  C C2    . DG  B 1 19 ? 8.79779   9.33932   24.52680  1.000 47.24852  ?  19  DG  B C2    1 
ATOM   896  N N2    . DG  B 1 19 ? 9.85742   8.61043   24.18558  1.000 49.42467  ?  19  DG  B N2    1 
ATOM   897  N N3    . DG  B 1 19 ? 7.89341   8.82215   25.35588  1.000 48.13369  ?  19  DG  B N3    1 
ATOM   898  C C4    . DG  B 1 19 ? 6.89699   9.68988   25.61684  1.000 46.88610  ?  19  DG  B C4    1 
ATOM   899  P P     . DC  B 1 20 ? 5.28740   4.98592   30.10132  1.000 50.80645  ?  20  DC  B P     1 
ATOM   900  O OP1   . DC  B 1 20 ? 4.15472   4.14171   29.63707  1.000 55.57376  ?  20  DC  B OP1   1 
ATOM   901  O OP2   . DC  B 1 20 ? 5.24103   5.65066   31.41677  1.000 56.80801  -1 20  DC  B OP2   1 
ATOM   902  O "O5'" . DC  B 1 20 ? 6.59485   4.08911   29.92866  1.000 53.58700  ?  20  DC  B "O5'" 1 
ATOM   903  C "C5'" . DC  B 1 20 ? 6.70529   3.19833   28.77890  1.000 56.85273  ?  20  DC  B "C5'" 1 
ATOM   904  C "C4'" . DC  B 1 20 ? 8.09637   2.58357   28.71170  1.000 58.63264  ?  20  DC  B "C4'" 1 
ATOM   905  O "O4'" . DC  B 1 20 ? 9.00321   3.52463   28.08117  1.000 57.79431  ?  20  DC  B "O4'" 1 
ATOM   906  C "C3'" . DC  B 1 20 ? 8.73303   2.25498   30.06454  1.000 54.42962  ?  20  DC  B "C3'" 1 
ATOM   907  O "O3'" . DC  B 1 20 ? 9.62487   1.15732   29.92547  1.000 61.44307  ?  20  DC  B "O3'" 1 
ATOM   908  C "C2'" . DC  B 1 20 ? 9.50352   3.52791   30.36372  1.000 56.11710  ?  20  DC  B "C2'" 1 
ATOM   909  C "C1'" . DC  B 1 20 ? 10.02909  3.88276   28.98039  1.000 53.93531  ?  20  DC  B "C1'" 1 
ATOM   910  N N1    . DC  B 1 20 ? 10.30007  5.32214   28.81064  1.000 49.80052  ?  20  DC  B N1    1 
ATOM   911  C C2    . DC  B 1 20 ? 11.62830  5.77629   28.68591  1.000 54.37626  ?  20  DC  B C2    1 
ATOM   912  O O2    . DC  B 1 20 ? 12.55379  4.95537   28.70076  1.000 57.85829  ?  20  DC  B O2    1 
ATOM   913  N N3    . DC  B 1 20 ? 11.85646  7.10287   28.53518  1.000 50.71835  ?  20  DC  B N3    1 
ATOM   914  C C4    . DC  B 1 20 ? 10.82925  7.95390   28.52557  1.000 53.48581  ?  20  DC  B C4    1 
ATOM   915  N N4    . DC  B 1 20 ? 11.09983  9.25150   28.36930  1.000 55.81659  ?  20  DC  B N4    1 
ATOM   916  C C5    . DC  B 1 20 ? 9.46791   7.50714   28.65137  1.000 49.20747  ?  20  DC  B C5    1 
ATOM   917  C C6    . DC  B 1 20 ? 9.25916   6.19968   28.79172  1.000 47.48186  ?  20  DC  B C6    1 
ATOM   918  P P     . DA  B 1 21 ? 9.08622   -0.35779  29.93628  1.000 69.52017  ?  21  DA  B P     1 
ATOM   919  O OP1   . DA  B 1 21 ? 8.07601   -0.48686  31.00438  1.000 66.96172  -1 21  DA  B OP1   1 
ATOM   920  O OP2   . DA  B 1 21 ? 10.27651  -1.23684  29.91341  1.000 69.38457  ?  21  DA  B OP2   1 
ATOM   921  O "O5'" . DA  B 1 21 ? 8.32936   -0.51338  28.53881  1.000 64.88686  ?  21  DA  B "O5'" 1 
ATOM   922  C "C5'" . DA  B 1 21 ? 8.94178   -1.19738  27.46851  1.000 61.42564  ?  21  DA  B "C5'" 1 
ATOM   923  C "C4'" . DA  B 1 21 ? 7.93922   -1.47117  26.36208  1.000 66.31735  ?  21  DA  B "C4'" 1 
ATOM   924  O "O4'" . DA  B 1 21 ? 7.04174   -2.51451  26.78727  1.000 66.66900  ?  21  DA  B "O4'" 1 
ATOM   925  C "C3'" . DA  B 1 21 ? 7.04504   -0.29851  25.97035  1.000 61.78933  ?  21  DA  B "C3'" 1 
ATOM   926  O "O3'" . DA  B 1 21 ? 6.70497   -0.39258  24.59440  1.000 63.39019  ?  21  DA  B "O3'" 1 
ATOM   927  C "C2'" . DA  B 1 21 ? 5.82385   -0.51941  26.83436  1.000 61.91253  ?  21  DA  B "C2'" 1 
ATOM   928  C "C1'" . DA  B 1 21 ? 5.71760   -2.03441  26.78593  1.000 65.46220  ?  21  DA  B "C1'" 1 
ATOM   929  N N9    . DA  B 1 21 ? 5.06495   -2.60357  27.94274  1.000 65.42889  ?  21  DA  B N9    1 
ATOM   930  C C8    . DA  B 1 21 ? 5.26961   -2.25294  29.24533  1.000 70.18418  ?  21  DA  B C8    1 
ATOM   931  N N7    . DA  B 1 21 ? 4.56681   -2.95041  30.09556  1.000 69.37871  ?  21  DA  B N7    1 
ATOM   932  C C5    . DA  B 1 21 ? 3.86142   -3.82753  29.29636  1.000 66.70545  ?  21  DA  B C5    1 
ATOM   933  C C6    . DA  B 1 21 ? 2.93308   -4.83581  29.59760  1.000 67.49966  ?  21  DA  B C6    1 
ATOM   934  N N6    . DA  B 1 21 ? 2.54974   -5.12707  30.83941  1.000 66.49434  ?  21  DA  B N6    1 
ATOM   935  N N1    . DA  B 1 21 ? 2.41363   -5.52836  28.57701  1.000 62.49150  ?  21  DA  B N1    1 
ATOM   936  C C2    . DA  B 1 21 ? 2.79685   -5.22766  27.32822  1.000 67.40214  ?  21  DA  B C2    1 
ATOM   937  N N3    . DA  B 1 21 ? 3.66416   -4.30256  26.91641  1.000 68.16805  ?  21  DA  B N3    1 
ATOM   938  C C4    . DA  B 1 21 ? 4.16713   -3.63288  27.96466  1.000 66.45540  ?  21  DA  B C4    1 
ATOM   939  P P     . DA  B 1 22 ? 6.07454   0.88524   23.84387  1.000 58.02957  ?  22  DA  B P     1 
ATOM   940  O OP1   . DA  B 1 22 ? 6.59518   0.92278   22.46491  1.000 59.15912  ?  22  DA  B OP1   1 
ATOM   941  O OP2   . DA  B 1 22 ? 6.28389   2.01666   24.80400  1.000 65.48384  -1 22  DA  B OP2   1 
ATOM   942  O "O5'" . DA  B 1 22 ? 4.50058   0.60059   23.84486  1.000 59.26377  ?  22  DA  B "O5'" 1 
ATOM   943  C "C5'" . DA  B 1 22 ? 3.96639   -0.49298  23.13313  1.000 59.30342  ?  22  DA  B "C5'" 1 
ATOM   944  C "C4'" . DA  B 1 22 ? 2.50716   -0.67033  23.49543  1.000 59.42506  ?  22  DA  B "C4'" 1 
ATOM   945  O "O4'" . DA  B 1 22 ? 2.41303   -1.26030  24.81075  1.000 60.19867  ?  22  DA  B "O4'" 1 
ATOM   946  C "C3'" . DA  B 1 22 ? 1.70391   0.63853   23.56824  1.000 57.45600  ?  22  DA  B "C3'" 1 
ATOM   947  O "O3'" . DA  B 1 22 ? 0.49744   0.51973   22.84772  1.000 59.25400  ?  22  DA  B "O3'" 1 
ATOM   948  C "C2'" . DA  B 1 22 ? 1.41423   0.79307   25.05823  1.000 59.04556  ?  22  DA  B "C2'" 1 
ATOM   949  C "C1'" . DA  B 1 22 ? 1.34342   -0.65364  25.48023  1.000 60.26862  ?  22  DA  B "C1'" 1 
ATOM   950  N N9    . DA  B 1 22 ? 1.50714   -0.84517  26.91295  1.000 62.97093  ?  22  DA  B N9    1 
ATOM   951  C C8    . DA  B 1 22 ? 2.24810   -0.08536  27.75815  1.000 62.72379  ?  22  DA  B C8    1 
ATOM   952  N N7    . DA  B 1 22 ? 2.20436   -0.48811  29.00395  1.000 64.91608  ?  22  DA  B N7    1 
ATOM   953  C C5    . DA  B 1 22 ? 1.35239   -1.57593  28.97037  1.000 65.18557  ?  22  DA  B C5    1 
ATOM   954  C C6    . DA  B 1 22 ? 0.88446   -2.44677  29.97582  1.000 64.69053  ?  22  DA  B C6    1 
ATOM   955  N N6    . DA  B 1 22 ? 1.23850   -2.34210  31.26885  1.000 64.44936  ?  22  DA  B N6    1 
ATOM   956  N N1    . DA  B 1 22 ? 0.05267   -3.43377  29.60370  1.000 60.99693  ?  22  DA  B N1    1 
ATOM   957  C C2    . DA  B 1 22 ? -0.28998  -3.53644  28.31930  1.000 65.11373  ?  22  DA  B C2    1 
ATOM   958  N N3    . DA  B 1 22 ? 0.08077   -2.77707  27.28659  1.000 66.32861  ?  22  DA  B N3    1 
ATOM   959  C C4    . DA  B 1 22 ? 0.91524   -1.80824  27.68852  1.000 62.05774  ?  22  DA  B C4    1 
ATOM   960  P P     . DC  B 1 23 ? 0.41529   0.90558   21.29549  1.000 57.01569  ?  23  DC  B P     1 
ATOM   961  O OP1   . DC  B 1 23 ? -1.01048  0.85159   20.92009  1.000 60.76112  ?  23  DC  B OP1   1 
ATOM   962  O OP2   . DC  B 1 23 ? 1.41105   0.03246   20.63389  1.000 58.48330  -1 23  DC  B OP2   1 
ATOM   963  O "O5'" . DC  B 1 23 ? 0.89963   2.43141   21.20570  1.000 58.01300  ?  23  DC  B "O5'" 1 
ATOM   964  C "C5'" . DC  B 1 23 ? 0.42381   3.40736   22.13122  1.000 57.91389  ?  23  DC  B "C5'" 1 
ATOM   965  C "C4'" . DC  B 1 23 ? 0.59929   4.81057   21.58617  1.000 55.45179  ?  23  DC  B "C4'" 1 
ATOM   966  O "O4'" . DC  B 1 23 ? 2.01700   5.14349   21.47596  1.000 57.28891  ?  23  DC  B "O4'" 1 
ATOM   967  C "C3'" . DC  B 1 23 ? 0.01381   5.01949   20.19895  1.000 52.80576  ?  23  DC  B "C3'" 1 
ATOM   968  O "O3'" . DC  B 1 23 ? -0.53591  6.32774   20.09156  1.000 51.66606  ?  23  DC  B "O3'" 1 
ATOM   969  C "C2'" . DC  B 1 23 ? 1.21738   4.82642   19.27951  1.000 52.94448  ?  23  DC  B "C2'" 1 
ATOM   970  C "C1'" . DC  B 1 23 ? 2.34671   5.41306   20.11171  1.000 55.15069  ?  23  DC  B "C1'" 1 
ATOM   971  N N1    . DC  B 1 23 ? 3.68643   4.81435   19.81626  1.000 53.72980  ?  23  DC  B N1    1 
ATOM   972  C C2    . DC  B 1 23 ? 4.77410   5.64923   19.46492  1.000 54.51510  ?  23  DC  B C2    1 
ATOM   973  O O2    . DC  B 1 23 ? 4.59671   6.87541   19.38222  1.000 50.93670  ?  23  DC  B O2    1 
ATOM   974  N N3    . DC  B 1 23 ? 5.99245   5.08305   19.23392  1.000 52.34491  ?  23  DC  B N3    1 
ATOM   975  C C4    . DC  B 1 23 ? 6.13838   3.75931   19.33298  1.000 53.92108  ?  23  DC  B C4    1 
ATOM   976  N N4    . DC  B 1 23 ? 7.34365   3.23899   19.08679  1.000 48.73762  ?  23  DC  B N4    1 
ATOM   977  C C5    . DC  B 1 23 ? 5.04340   2.90228   19.68681  1.000 54.21916  ?  23  DC  B C5    1 
ATOM   978  C C6    . DC  B 1 23 ? 3.85396   3.46677   19.92117  1.000 51.51199  ?  23  DC  B C6    1 
ATOM   979  P P     . DC  B 1 24 ? -1.72155  6.60262   19.04024  1.000 60.91358  ?  24  DC  B P     1 
ATOM   980  O OP1   . DC  B 1 24 ? -2.04141  8.05414   19.10434  1.000 58.17855  ?  24  DC  B OP1   1 
ATOM   981  O OP2   . DC  B 1 24 ? -2.75590  5.60124   19.34129  1.000 54.44076  -1 24  DC  B OP2   1 
ATOM   982  O "O5'" . DC  B 1 24 ? -1.03513  6.22973   17.63956  1.000 55.32759  ?  24  DC  B "O5'" 1 
ATOM   983  C "C5'" . DC  B 1 24 ? -1.79814  6.01805   16.42919  1.000 55.38677  ?  24  DC  B "C5'" 1 
ATOM   984  C "C4'" . DC  B 1 24 ? -0.98585  6.52039   15.24399  1.000 54.26256  ?  24  DC  B "C4'" 1 
ATOM   985  O "O4'" . DC  B 1 24 ? 0.27990   5.86685   15.19037  1.000 53.29204  ?  24  DC  B "O4'" 1 
ATOM   986  C "C3'" . DC  B 1 24 ? -1.58492  6.31077   13.87262  1.000 56.45420  ?  24  DC  B "C3'" 1 
ATOM   987  O "O3'" . DC  B 1 24 ? -2.16753  7.51247   13.50682  1.000 61.51972  ?  24  DC  B "O3'" 1 
ATOM   988  C "C2'" . DC  B 1 24 ? -0.35439  5.97362   12.97547  1.000 57.39938  ?  24  DC  B "C2'" 1 
ATOM   989  C "C1'" . DC  B 1 24 ? 0.82375   6.13468   13.94495  1.000 53.50744  ?  24  DC  B "C1'" 1 
ATOM   990  N N1    . DC  B 1 24 ? 1.95766   5.18957   13.73955  1.000 53.73430  ?  24  DC  B N1    1 
ATOM   991  C C2    . DC  B 1 24 ? 3.23951   5.68198   13.43361  1.000 52.69301  ?  24  DC  B C2    1 
ATOM   992  O O2    . DC  B 1 24 ? 3.40298   6.89183   13.29411  1.000 53.08860  ?  24  DC  B O2    1 
ATOM   993  N N3    . DC  B 1 24 ? 4.26056   4.81099   13.28460  1.000 50.39789  ?  24  DC  B N3    1 
ATOM   994  C C4    . DC  B 1 24 ? 4.04701   3.50893   13.42935  1.000 53.67047  ?  24  DC  B C4    1 
ATOM   995  N N4    . DC  B 1 24 ? 5.07706   2.68165   13.24591  1.000 55.03127  ?  24  DC  B N4    1 
ATOM   996  C C5    . DC  B 1 24 ? 2.76461   2.99065   13.76482  1.000 52.30193  ?  24  DC  B C5    1 
ATOM   997  C C6    . DC  B 1 24 ? 1.76222   3.86186   13.92413  1.000 52.42549  ?  24  DC  B C6    1 
ATOM   998  P P     . DC  B 1 25 ? -3.40669  7.54914   12.50331  1.000 69.38453  ?  25  DC  B P     1 
ATOM   999  O OP1   . DC  B 1 25 ? -4.04118  8.86935   12.74334  1.000 66.59652  ?  25  DC  B OP1   1 
ATOM   1000 O OP2   . DC  B 1 25 ? -4.21411  6.30477   12.62617  1.000 62.43129  -1 25  DC  B OP2   1 
ATOM   1001 O "O5'" . DC  B 1 25 ? -2.67648  7.50571   11.08555  1.000 67.24932  ?  25  DC  B "O5'" 1 
ATOM   1002 C "C5'" . DC  B 1 25 ? -3.32565  7.94364   9.93352   1.000 66.56763  ?  25  DC  B "C5'" 1 
ATOM   1003 C "C4'" . DC  B 1 25 ? -2.30310  8.39032   8.92084   1.000 65.01817  ?  25  DC  B "C4'" 1 
ATOM   1004 O "O4'" . DC  B 1 25 ? -1.13657  7.54789   9.02022   1.000 59.11931  ?  25  DC  B "O4'" 1 
ATOM   1005 C "C3'" . DC  B 1 25 ? -2.78854  8.29923   7.48180   1.000 66.86305  ?  25  DC  B "C3'" 1 
ATOM   1006 O "O3'" . DC  B 1 25 ? -2.88544  9.59286   6.93394   1.000 71.44613  ?  25  DC  B "O3'" 1 
ATOM   1007 C "C2'" . DC  B 1 25 ? -1.73028  7.45043   6.75717   1.000 64.81100  ?  25  DC  B "C2'" 1 
ATOM   1008 C "C1'" . DC  B 1 25 ? -0.57275  7.39547   7.74611   1.000 59.98622  ?  25  DC  B "C1'" 1 
ATOM   1009 N N1    . DC  B 1 25 ? 0.17096   6.10382   7.69969   1.000 56.30788  ?  25  DC  B N1    1 
ATOM   1010 C C2    . DC  B 1 25 ? 1.47450   6.07886   7.20635   1.000 57.64896  ?  25  DC  B C2    1 
ATOM   1011 O O2    . DC  B 1 25 ? 1.99564   7.13377   6.81381   1.000 56.56909  ?  25  DC  B O2    1 
ATOM   1012 N N3    . DC  B 1 25 ? 2.13877   4.90029   7.16934   1.000 56.95387  ?  25  DC  B N3    1 
ATOM   1013 C C4    . DC  B 1 25 ? 1.55070   3.78719   7.58611   1.000 53.67652  ?  25  DC  B C4    1 
ATOM   1014 N N4    . DC  B 1 25 ? 2.25420   2.65151   7.51574   1.000 50.70539  ?  25  DC  B N4    1 
ATOM   1015 C C5    . DC  B 1 25 ? 0.22097   3.78775   8.09493   1.000 56.04364  ?  25  DC  B C5    1 
ATOM   1016 C C6    . DC  B 1 25 ? -0.42606  4.95973   8.13389   1.000 58.42463  ?  25  DC  B C6    1 
ATOM   1017 P P     . DG  B 1 26 ? -4.20832  10.47239  7.17038   1.000 76.72000  ?  26  DG  B P     1 
ATOM   1018 O OP1   . DG  B 1 26 ? -4.28032  10.80045  8.61482   1.000 73.38315  ?  26  DG  B OP1   1 
ATOM   1019 O OP2   . DG  B 1 26 ? -5.34141  9.77569   6.51222   1.000 75.63623  -1 26  DG  B OP2   1 
ATOM   1020 O "O5'" . DG  B 1 26 ? -3.89138  11.82825  6.37656   1.000 76.23122  ?  26  DG  B "O5'" 1 
ATOM   1021 C "C5'" . DG  B 1 26 ? -2.53761  12.20132  6.11843   1.000 74.03277  ?  26  DG  B "C5'" 1 
ATOM   1022 C "C4'" . DG  B 1 26 ? -2.43453  12.95950  4.80210   1.000 76.37682  ?  26  DG  B "C4'" 1 
ATOM   1023 O "O4'" . DG  B 1 26 ? -2.28947  12.03347  3.68040   1.000 73.98457  ?  26  DG  B "O4'" 1 
ATOM   1024 C "C3'" . DG  B 1 26 ? -3.65732  13.83228  4.45886   1.000 81.66748  ?  26  DG  B "C3'" 1 
ATOM   1025 O "O3'" . DG  B 1 26 ? -3.22398  15.12388  4.03432   1.000 85.38747  ?  26  DG  B "O3'" 1 
ATOM   1026 C "C2'" . DG  B 1 26 ? -4.31544  13.06515  3.31054   1.000 79.76062  ?  26  DG  B "C2'" 1 
ATOM   1027 C "C1'" . DG  B 1 26 ? -3.06839  12.55279  2.62301   1.000 77.70379  ?  26  DG  B "C1'" 1 
ATOM   1028 N N9    . DG  B 1 26 ? -3.29178  11.55599  1.55287   1.000 76.06404  ?  26  DG  B N9    1 
ATOM   1029 C C8    . DG  B 1 26 ? -3.57913  11.82852  0.22318   1.000 75.31718  ?  26  DG  B C8    1 
ATOM   1030 N N7    . DG  B 1 26 ? -3.72439  10.76065  -0.51518  1.000 72.89506  ?  26  DG  B N7    1 
ATOM   1031 C C5    . DG  B 1 26 ? -3.51058  9.71001   0.36648   1.000 71.34250  ?  26  DG  B C5    1 
ATOM   1032 C C6    . DG  B 1 26 ? -3.53552  8.31893   0.13861   1.000 68.71204  ?  26  DG  B C6    1 
ATOM   1033 O O6    . DG  B 1 26 ? -3.74600  7.72660   -0.91294  1.000 77.21604  ?  26  DG  B O6    1 
ATOM   1034 N N1    . DG  B 1 26 ? -3.27190  7.59810   1.29465   1.000 70.79963  ?  26  DG  B N1    1 
ATOM   1035 C C2    . DG  B 1 26 ? -3.01350  8.15830   2.53270   1.000 69.41670  ?  26  DG  B C2    1 
ATOM   1036 N N2    . DG  B 1 26 ? -2.79219  7.30067   3.53117   1.000 69.00692  ?  26  DG  B N2    1 
ATOM   1037 N N3    . DG  B 1 26 ? -2.98996  9.46296   2.77050   1.000 66.47524  ?  26  DG  B N3    1 
ATOM   1038 C C4    . DG  B 1 26 ? -3.23916  10.18006  1.64717   1.000 72.97449  ?  26  DG  B C4    1 
ATOM   1039 P P     . DA  B 1 27 ? -4.29641  16.23791  3.58538   1.000 92.62176  ?  27  DA  B P     1 
ATOM   1040 O OP1   . DA  B 1 27 ? -3.63471  17.53239  3.85818   1.000 92.84613  ?  27  DA  B OP1   1 
ATOM   1041 O OP2   . DA  B 1 27 ? -5.62532  15.92356  4.18026   1.000 89.79175  -1 27  DA  B OP2   1 
ATOM   1042 O "O5'" . DA  B 1 27 ? -4.43537  16.04025  1.99820   1.000 90.59236  ?  27  DA  B "O5'" 1 
HETATM 1043 C C1    . PG5 C 2 .  ? 5.43410   -7.15998  28.66344  1.000 79.34000  ?  101 PG5 B C1    1 
HETATM 1044 O O1    . PG5 C 2 .  ? 6.61231   -7.58928  28.03646  1.000 80.57000  ?  101 PG5 B O1    1 
HETATM 1045 C C2    . PG5 C 2 .  ? 7.08315   -6.73049  27.02993  1.000 81.20000  ?  101 PG5 B C2    1 
HETATM 1046 C C3    . PG5 C 2 .  ? 8.23181   -5.85229  27.53818  1.000 77.52000  ?  101 PG5 B C3    1 
HETATM 1047 O O2    . PG5 C 2 .  ? 8.45738   -6.07794  28.90690  1.000 81.74670  ?  101 PG5 B O2    1 
HETATM 1048 C C4    . PG5 C 2 .  ? 8.10637   -5.01406  29.75100  1.000 77.23000  ?  101 PG5 B C4    1 
HETATM 1049 C C5    . PG5 C 2 .  ? 7.54266   -5.55888  31.06769  1.000 78.00471  ?  101 PG5 B C5    1 
HETATM 1050 O O3    . PG5 C 2 .  ? 7.30614   -4.51993  31.98647  1.000 79.20894  ?  101 PG5 B O3    1 
HETATM 1051 C C6    . PG5 C 2 .  ? 8.31639   -3.54618  32.06414  1.000 78.51765  ?  101 PG5 B C6    1 
HETATM 1052 C C7    . PG5 C 2 .  ? 9.47037   -4.04023  32.93868  1.000 79.15000  ?  101 PG5 B C7    1 
HETATM 1053 O O4    . PG5 C 2 .  ? 9.42674   -3.40165  34.18823  1.000 81.40000  ?  101 PG5 B O4    1 
HETATM 1054 C C8    . PG5 C 2 .  ? 8.28462   -3.70226  34.94398  1.000 80.58000  ?  101 PG5 B C8    1 
HETATM 1055 O O     . HOH D 3 .  ? -8.79829  -8.99225  -25.11392 1.000 45.62896  ?  101 HOH A O     1 
HETATM 1056 O O     . HOH D 3 .  ? -15.52904 -7.63837  -29.75700 1.000 56.76678  ?  102 HOH A O     1 
HETATM 1057 O O     . HOH E 3 .  ? 11.07942  10.72890  22.56655  1.000 46.63316  ?  201 HOH B O     1 
HETATM 1058 O O     . HOH E 3 .  ? 2.89364   8.40289   -10.77710 1.000 54.38580  ?  202 HOH B O     1 
HETATM 1059 O O     . HOH E 3 .  ? -9.73471  -10.98911 -34.57683 1.000 58.81340  ?  203 HOH B O     1 
HETATM 1060 O O     . HOH E 3 .  ? 4.75865   -9.54052  30.46182  1.000 72.10842  ?  204 HOH B O     1 
HETATM 1061 O O     . HOH E 3 .  ? 2.21152   8.23122   31.07201  1.000 55.08184  ?  205 HOH B O     1 
# 
loop_
_pdbx_poly_seq_scheme.asym_id 
_pdbx_poly_seq_scheme.entity_id 
_pdbx_poly_seq_scheme.seq_id 
_pdbx_poly_seq_scheme.mon_id 
_pdbx_poly_seq_scheme.ndb_seq_num 
_pdbx_poly_seq_scheme.pdb_seq_num 
_pdbx_poly_seq_scheme.auth_seq_num 
_pdbx_poly_seq_scheme.pdb_mon_id 
_pdbx_poly_seq_scheme.auth_mon_id 
_pdbx_poly_seq_scheme.pdb_strand_id 
_pdbx_poly_seq_scheme.pdb_ins_code 
_pdbx_poly_seq_scheme.hetero 
A 1 1  DC 1  1  1  DC DC A . n 
A 1 2  DG 2  2  2  DG DG A . n 
A 1 3  DC 3  3  3  DC DC A . n 
A 1 4  DC 4  4  4  DC DC A . n 
A 1 5  DC 5  5  5  DC DC A . n 
A 1 6  DG 6  6  6  DG DG A . n 
A 1 7  DT 7  7  7  DT DT A . n 
A 1 8  DG 8  8  8  DG DG A . n 
A 1 9  DC 9  9  9  DC DC A . n 
A 1 10 DC 10 10 10 DC DC A . n 
A 1 11 DC 11 11 11 DC DC A . n 
A 1 12 DT 12 12 12 DT DT A . n 
A 1 13 DG 13 13 13 DG DG A . n 
A 1 14 DC 14 14 14 DC DC A . n 
A 1 15 DG 15 15 15 DG DG A . n 
A 1 16 DC 16 16 16 DC DC A . n 
A 1 17 DC 17 17 17 DC DC A . n 
A 1 18 DC 18 18 18 DC DC A . n 
A 1 19 DG 19 19 19 DG DG A . n 
A 1 20 DC 20 20 20 DC DC A . n 
A 1 21 DA 21 21 21 DA DA A . n 
A 1 22 DA 22 22 22 DA DA A . n 
A 1 23 DC 23 23 23 DC DC A . n 
A 1 24 DC 24 24 24 DC DC A . n 
A 1 25 DC 25 25 25 DC DC A . n 
A 1 26 DG 26 26 26 DG DG A . n 
A 1 27 DA 27 27 27 DA DA A . n 
B 1 1  DC 1  1  1  DC DC B . n 
B 1 2  DG 2  2  2  DG DG B . n 
B 1 3  DC 3  3  3  DC DC B . n 
B 1 4  DC 4  4  4  DC DC B . n 
B 1 5  DC 5  5  5  DC DC B . n 
B 1 6  DG 6  6  6  DG DG B . n 
B 1 7  DT 7  7  7  DT DT B . n 
B 1 8  DG 8  8  8  DG DG B . n 
B 1 9  DC 9  9  9  DC DC B . n 
B 1 10 DC 10 10 10 DC DC B . n 
B 1 11 DC 11 11 11 DC DC B . n 
B 1 12 DT 12 12 12 DT DT B . n 
B 1 13 DG 13 13 13 DG DG B . n 
B 1 14 DC 14 14 14 DC DC B . n 
B 1 15 DG 15 15 15 DG DG B . n 
B 1 16 DC 16 16 16 DC DC B . n 
B 1 17 DC 17 17 17 DC DC B . n 
B 1 18 DC 18 18 18 DC DC B . n 
B 1 19 DG 19 19 19 DG DG B . n 
B 1 20 DC 20 20 20 DC DC B . n 
B 1 21 DA 21 21 21 DA DA B . n 
B 1 22 DA 22 22 22 DA DA B . n 
B 1 23 DC 23 23 23 DC DC B . n 
B 1 24 DC 24 24 24 DC DC B . n 
B 1 25 DC 25 25 25 DC DC B . n 
B 1 26 DG 26 26 26 DG DG B . n 
B 1 27 DA 27 27 27 DA DA B . n 
# 
_pdbx_contact_author.id                 2 
_pdbx_contact_author.email              lyatsun1@swarthmore.edu 
_pdbx_contact_author.name_first         Liliya 
_pdbx_contact_author.name_last          Yatsunyk 
_pdbx_contact_author.name_mi            A 
_pdbx_contact_author.role               'principal investigator/group leader' 
_pdbx_contact_author.identifier_ORCID   0000-0003-3946-0939 
# 
loop_
_pdbx_nonpoly_scheme.asym_id 
_pdbx_nonpoly_scheme.entity_id 
_pdbx_nonpoly_scheme.mon_id 
_pdbx_nonpoly_scheme.ndb_seq_num 
_pdbx_nonpoly_scheme.pdb_seq_num 
_pdbx_nonpoly_scheme.auth_seq_num 
_pdbx_nonpoly_scheme.pdb_mon_id 
_pdbx_nonpoly_scheme.auth_mon_id 
_pdbx_nonpoly_scheme.pdb_strand_id 
_pdbx_nonpoly_scheme.pdb_ins_code 
C 2 PG5 1 101 101 PG5 15P B . 
D 3 HOH 1 101 9   HOH HOH A . 
D 3 HOH 2 102 7   HOH HOH A . 
E 3 HOH 1 201 5   HOH HOH B . 
E 3 HOH 2 202 6   HOH HOH B . 
E 3 HOH 3 203 10  HOH HOH B . 
E 3 HOH 4 204 8   HOH HOH B . 
E 3 HOH 5 205 1   HOH HOH B . 
# 
_pdbx_struct_assembly.id                   1 
_pdbx_struct_assembly.details              author_defined_assembly 
_pdbx_struct_assembly.method_details       ? 
_pdbx_struct_assembly.oligomeric_details   dimeric 
_pdbx_struct_assembly.oligomeric_count     2 
# 
_pdbx_struct_assembly_gen.assembly_id       1 
_pdbx_struct_assembly_gen.oper_expression   1 
_pdbx_struct_assembly_gen.asym_id_list      A,B,C,D,E 
# 
_pdbx_struct_oper_list.id                   1 
_pdbx_struct_oper_list.type                 'identity operation' 
_pdbx_struct_oper_list.name                 1_555 
_pdbx_struct_oper_list.symmetry_operation   x,y,z 
_pdbx_struct_oper_list.matrix[1][1]         1.0000000000 
_pdbx_struct_oper_list.matrix[1][2]         0.0000000000 
_pdbx_struct_oper_list.matrix[1][3]         0.0000000000 
_pdbx_struct_oper_list.vector[1]            0.0000000000 
_pdbx_struct_oper_list.matrix[2][1]         0.0000000000 
_pdbx_struct_oper_list.matrix[2][2]         1.0000000000 
_pdbx_struct_oper_list.matrix[2][3]         0.0000000000 
_pdbx_struct_oper_list.vector[2]            0.0000000000 
_pdbx_struct_oper_list.matrix[3][1]         0.0000000000 
_pdbx_struct_oper_list.matrix[3][2]         0.0000000000 
_pdbx_struct_oper_list.matrix[3][3]         1.0000000000 
_pdbx_struct_oper_list.vector[3]            0.0000000000 
# 
loop_
_pdbx_audit_revision_history.ordinal 
_pdbx_audit_revision_history.data_content_type 
_pdbx_audit_revision_history.major_revision 
_pdbx_audit_revision_history.minor_revision 
_pdbx_audit_revision_history.revision_date 
1 'Structure model' 1 0 2023-05-10 
2 'Structure model' 1 1 2023-06-28 
3 'Structure model' 1 2 2023-10-25 
# 
_pdbx_audit_revision_details.ordinal             1 
_pdbx_audit_revision_details.revision_ordinal    1 
_pdbx_audit_revision_details.data_content_type   'Structure model' 
_pdbx_audit_revision_details.provider            repository 
_pdbx_audit_revision_details.type                'Initial release' 
_pdbx_audit_revision_details.description         ? 
_pdbx_audit_revision_details.details             ? 
# 
loop_
_pdbx_audit_revision_group.ordinal 
_pdbx_audit_revision_group.revision_ordinal 
_pdbx_audit_revision_group.data_content_type 
_pdbx_audit_revision_group.group 
1 2 'Structure model' 'Database references'    
2 3 'Structure model' 'Data collection'        
3 3 'Structure model' 'Refinement description' 
# 
loop_
_pdbx_audit_revision_category.ordinal 
_pdbx_audit_revision_category.revision_ordinal 
_pdbx_audit_revision_category.data_content_type 
_pdbx_audit_revision_category.category 
1 2 'Structure model' citation                      
2 3 'Structure model' chem_comp_atom                
3 3 'Structure model' chem_comp_bond                
4 3 'Structure model' pdbx_initial_refinement_model 
# 
_pdbx_audit_revision_item.ordinal             1 
_pdbx_audit_revision_item.revision_ordinal    2 
_pdbx_audit_revision_item.data_content_type   'Structure model' 
_pdbx_audit_revision_item.item                '_citation.journal_volume' 
# 
loop_
_space_group_symop.id 
_space_group_symop.operation_xyz 
1 x,y,z           
2 -x,y,-z         
3 x+1/2,y+1/2,z   
4 -x+1/2,y+1/2,-z 
# 
loop_
_software.citation_id 
_software.classification 
_software.compiler_name 
_software.compiler_version 
_software.contact_author 
_software.contact_author_email 
_software.date 
_software.description 
_software.dependencies 
_software.hardware 
_software.language 
_software.location 
_software.mods 
_software.name 
_software.os 
_software.os_version 
_software.type 
_software.version 
_software.pdbx_ordinal 
? refinement       ? ? ? ? ? ? ? ? ? ? ? PHENIX ? ? ? 1.20.1_4487 1 
? 'model building' ? ? ? ? ? ? ? ? ? ? ? Coot   ? ? ? .           2 
# 
_pdbx_entry_details.entry_id                 8DHC 
_pdbx_entry_details.has_ligand_of_interest   N 
_pdbx_entry_details.compound_details         ? 
_pdbx_entry_details.source_details           ? 
_pdbx_entry_details.nonpolymer_details       ? 
_pdbx_entry_details.sequence_details         ? 
# 
loop_
_pdbx_validate_rmsd_bond.id 
_pdbx_validate_rmsd_bond.PDB_model_num 
_pdbx_validate_rmsd_bond.auth_atom_id_1 
_pdbx_validate_rmsd_bond.auth_asym_id_1 
_pdbx_validate_rmsd_bond.auth_comp_id_1 
_pdbx_validate_rmsd_bond.auth_seq_id_1 
_pdbx_validate_rmsd_bond.PDB_ins_code_1 
_pdbx_validate_rmsd_bond.label_alt_id_1 
_pdbx_validate_rmsd_bond.auth_atom_id_2 
_pdbx_validate_rmsd_bond.auth_asym_id_2 
_pdbx_validate_rmsd_bond.auth_comp_id_2 
_pdbx_validate_rmsd_bond.auth_seq_id_2 
_pdbx_validate_rmsd_bond.PDB_ins_code_2 
_pdbx_validate_rmsd_bond.label_alt_id_2 
_pdbx_validate_rmsd_bond.bond_value 
_pdbx_validate_rmsd_bond.bond_target_value 
_pdbx_validate_rmsd_bond.bond_deviation 
_pdbx_validate_rmsd_bond.bond_standard_deviation 
_pdbx_validate_rmsd_bond.linker_flag 
1 1 "O3'" A DG 13 ? ? "C3'" A DG 13 ? ? 1.382 1.419 -0.037 0.006 N 
2 1 "O3'" A DC 25 ? ? "C3'" A DC 25 ? ? 1.382 1.419 -0.037 0.006 N 
# 
loop_
_pdbx_validate_rmsd_angle.id 
_pdbx_validate_rmsd_angle.PDB_model_num 
_pdbx_validate_rmsd_angle.auth_atom_id_1 
_pdbx_validate_rmsd_angle.auth_asym_id_1 
_pdbx_validate_rmsd_angle.auth_comp_id_1 
_pdbx_validate_rmsd_angle.auth_seq_id_1 
_pdbx_validate_rmsd_angle.PDB_ins_code_1 
_pdbx_validate_rmsd_angle.label_alt_id_1 
_pdbx_validate_rmsd_angle.auth_atom_id_2 
_pdbx_validate_rmsd_angle.auth_asym_id_2 
_pdbx_validate_rmsd_angle.auth_comp_id_2 
_pdbx_validate_rmsd_angle.auth_seq_id_2 
_pdbx_validate_rmsd_angle.PDB_ins_code_2 
_pdbx_validate_rmsd_angle.label_alt_id_2 
_pdbx_validate_rmsd_angle.auth_atom_id_3 
_pdbx_validate_rmsd_angle.auth_asym_id_3 
_pdbx_validate_rmsd_angle.auth_comp_id_3 
_pdbx_validate_rmsd_angle.auth_seq_id_3 
_pdbx_validate_rmsd_angle.PDB_ins_code_3 
_pdbx_validate_rmsd_angle.label_alt_id_3 
_pdbx_validate_rmsd_angle.angle_value 
_pdbx_validate_rmsd_angle.angle_target_value 
_pdbx_validate_rmsd_angle.angle_deviation 
_pdbx_validate_rmsd_angle.angle_standard_deviation 
_pdbx_validate_rmsd_angle.linker_flag 
1 1 "O4'" A DC 1  ? ? "C1'" A DC 1  ? ? N1 A DC 1  ? ? 110.21 108.30 1.91 0.30 N 
2 1 "O4'" A DG 6  ? ? "C1'" A DG 6  ? ? N9 A DG 6  ? ? 110.26 108.30 1.96 0.30 N 
3 1 "O4'" A DG 26 ? ? "C1'" A DG 26 ? ? N9 A DG 26 ? ? 110.13 108.30 1.83 0.30 N 
4 1 "O4'" B DC 1  ? ? "C1'" B DC 1  ? ? N1 B DC 1  ? ? 111.03 108.30 2.73 0.30 N 
5 1 "O4'" B DG 26 ? ? "C1'" B DG 26 ? ? N9 B DG 26 ? ? 112.15 108.30 3.85 0.30 N 
# 
loop_
_pdbx_unobs_or_zero_occ_atoms.id 
_pdbx_unobs_or_zero_occ_atoms.PDB_model_num 
_pdbx_unobs_or_zero_occ_atoms.polymer_flag 
_pdbx_unobs_or_zero_occ_atoms.occupancy_flag 
_pdbx_unobs_or_zero_occ_atoms.auth_asym_id 
_pdbx_unobs_or_zero_occ_atoms.auth_comp_id 
_pdbx_unobs_or_zero_occ_atoms.auth_seq_id 
_pdbx_unobs_or_zero_occ_atoms.PDB_ins_code 
_pdbx_unobs_or_zero_occ_atoms.auth_atom_id 
_pdbx_unobs_or_zero_occ_atoms.label_alt_id 
_pdbx_unobs_or_zero_occ_atoms.label_asym_id 
_pdbx_unobs_or_zero_occ_atoms.label_comp_id 
_pdbx_unobs_or_zero_occ_atoms.label_seq_id 
_pdbx_unobs_or_zero_occ_atoms.label_atom_id 
1  1 Y 1 A DC 1  ? "O5'" ? A DC 1  "O5'" 
2  1 Y 1 A DA 27 ? "C5'" ? A DA 27 "C5'" 
3  1 Y 1 A DA 27 ? "C4'" ? A DA 27 "C4'" 
4  1 Y 1 A DA 27 ? "O4'" ? A DA 27 "O4'" 
5  1 Y 1 A DA 27 ? "C3'" ? A DA 27 "C3'" 
6  1 Y 1 A DA 27 ? "O3'" ? A DA 27 "O3'" 
7  1 Y 1 A DA 27 ? "C2'" ? A DA 27 "C2'" 
8  1 Y 1 A DA 27 ? "C1'" ? A DA 27 "C1'" 
9  1 Y 1 A DA 27 ? N9    ? A DA 27 N9    
10 1 Y 1 A DA 27 ? C8    ? A DA 27 C8    
11 1 Y 1 A DA 27 ? N7    ? A DA 27 N7    
12 1 Y 1 A DA 27 ? C5    ? A DA 27 C5    
13 1 Y 1 A DA 27 ? C6    ? A DA 27 C6    
14 1 Y 1 A DA 27 ? N6    ? A DA 27 N6    
15 1 Y 1 A DA 27 ? N1    ? A DA 27 N1    
16 1 Y 1 A DA 27 ? C2    ? A DA 27 C2    
17 1 Y 1 A DA 27 ? N3    ? A DA 27 N3    
18 1 Y 1 A DA 27 ? C4    ? A DA 27 C4    
19 1 Y 1 B DC 1  ? "O5'" ? B DC 1  "O5'" 
20 1 Y 1 B DA 27 ? "C5'" ? B DA 27 "C5'" 
21 1 Y 1 B DA 27 ? "C4'" ? B DA 27 "C4'" 
22 1 Y 1 B DA 27 ? "O4'" ? B DA 27 "O4'" 
23 1 Y 1 B DA 27 ? "C3'" ? B DA 27 "C3'" 
24 1 Y 1 B DA 27 ? "O3'" ? B DA 27 "O3'" 
25 1 Y 1 B DA 27 ? "C2'" ? B DA 27 "C2'" 
26 1 Y 1 B DA 27 ? "C1'" ? B DA 27 "C1'" 
27 1 Y 1 B DA 27 ? N9    ? B DA 27 N9    
28 1 Y 1 B DA 27 ? C8    ? B DA 27 C8    
29 1 Y 1 B DA 27 ? N7    ? B DA 27 N7    
30 1 Y 1 B DA 27 ? C5    ? B DA 27 C5    
31 1 Y 1 B DA 27 ? C6    ? B DA 27 C6    
32 1 Y 1 B DA 27 ? N6    ? B DA 27 N6    
33 1 Y 1 B DA 27 ? N1    ? B DA 27 N1    
34 1 Y 1 B DA 27 ? C2    ? B DA 27 C2    
35 1 Y 1 B DA 27 ? N3    ? B DA 27 N3    
36 1 Y 1 B DA 27 ? C4    ? B DA 27 C4    
# 
loop_
_chem_comp_atom.comp_id 
_chem_comp_atom.atom_id 
_chem_comp_atom.type_symbol 
_chem_comp_atom.pdbx_aromatic_flag 
_chem_comp_atom.pdbx_stereo_config 
_chem_comp_atom.pdbx_ordinal 
DA  OP3    O N N 1   
DA  P      P N N 2   
DA  OP1    O N N 3   
DA  OP2    O N N 4   
DA  "O5'"  O N N 5   
DA  "C5'"  C N N 6   
DA  "C4'"  C N R 7   
DA  "O4'"  O N N 8   
DA  "C3'"  C N S 9   
DA  "O3'"  O N N 10  
DA  "C2'"  C N N 11  
DA  "C1'"  C N R 12  
DA  N9     N Y N 13  
DA  C8     C Y N 14  
DA  N7     N Y N 15  
DA  C5     C Y N 16  
DA  C6     C Y N 17  
DA  N6     N N N 18  
DA  N1     N Y N 19  
DA  C2     C Y N 20  
DA  N3     N Y N 21  
DA  C4     C Y N 22  
DA  HOP3   H N N 23  
DA  HOP2   H N N 24  
DA  "H5'"  H N N 25  
DA  "H5''" H N N 26  
DA  "H4'"  H N N 27  
DA  "H3'"  H N N 28  
DA  "HO3'" H N N 29  
DA  "H2'"  H N N 30  
DA  "H2''" H N N 31  
DA  "H1'"  H N N 32  
DA  H8     H N N 33  
DA  H61    H N N 34  
DA  H62    H N N 35  
DA  H2     H N N 36  
DC  OP3    O N N 37  
DC  P      P N N 38  
DC  OP1    O N N 39  
DC  OP2    O N N 40  
DC  "O5'"  O N N 41  
DC  "C5'"  C N N 42  
DC  "C4'"  C N R 43  
DC  "O4'"  O N N 44  
DC  "C3'"  C N S 45  
DC  "O3'"  O N N 46  
DC  "C2'"  C N N 47  
DC  "C1'"  C N R 48  
DC  N1     N N N 49  
DC  C2     C N N 50  
DC  O2     O N N 51  
DC  N3     N N N 52  
DC  C4     C N N 53  
DC  N4     N N N 54  
DC  C5     C N N 55  
DC  C6     C N N 56  
DC  HOP3   H N N 57  
DC  HOP2   H N N 58  
DC  "H5'"  H N N 59  
DC  "H5''" H N N 60  
DC  "H4'"  H N N 61  
DC  "H3'"  H N N 62  
DC  "HO3'" H N N 63  
DC  "H2'"  H N N 64  
DC  "H2''" H N N 65  
DC  "H1'"  H N N 66  
DC  H41    H N N 67  
DC  H42    H N N 68  
DC  H5     H N N 69  
DC  H6     H N N 70  
DG  OP3    O N N 71  
DG  P      P N N 72  
DG  OP1    O N N 73  
DG  OP2    O N N 74  
DG  "O5'"  O N N 75  
DG  "C5'"  C N N 76  
DG  "C4'"  C N R 77  
DG  "O4'"  O N N 78  
DG  "C3'"  C N S 79  
DG  "O3'"  O N N 80  
DG  "C2'"  C N N 81  
DG  "C1'"  C N R 82  
DG  N9     N Y N 83  
DG  C8     C Y N 84  
DG  N7     N Y N 85  
DG  C5     C Y N 86  
DG  C6     C N N 87  
DG  O6     O N N 88  
DG  N1     N N N 89  
DG  C2     C N N 90  
DG  N2     N N N 91  
DG  N3     N N N 92  
DG  C4     C Y N 93  
DG  HOP3   H N N 94  
DG  HOP2   H N N 95  
DG  "H5'"  H N N 96  
DG  "H5''" H N N 97  
DG  "H4'"  H N N 98  
DG  "H3'"  H N N 99  
DG  "HO3'" H N N 100 
DG  "H2'"  H N N 101 
DG  "H2''" H N N 102 
DG  "H1'"  H N N 103 
DG  H8     H N N 104 
DG  H1     H N N 105 
DG  H21    H N N 106 
DG  H22    H N N 107 
DT  OP3    O N N 108 
DT  P      P N N 109 
DT  OP1    O N N 110 
DT  OP2    O N N 111 
DT  "O5'"  O N N 112 
DT  "C5'"  C N N 113 
DT  "C4'"  C N R 114 
DT  "O4'"  O N N 115 
DT  "C3'"  C N S 116 
DT  "O3'"  O N N 117 
DT  "C2'"  C N N 118 
DT  "C1'"  C N R 119 
DT  N1     N N N 120 
DT  C2     C N N 121 
DT  O2     O N N 122 
DT  N3     N N N 123 
DT  C4     C N N 124 
DT  O4     O N N 125 
DT  C5     C N N 126 
DT  C7     C N N 127 
DT  C6     C N N 128 
DT  HOP3   H N N 129 
DT  HOP2   H N N 130 
DT  "H5'"  H N N 131 
DT  "H5''" H N N 132 
DT  "H4'"  H N N 133 
DT  "H3'"  H N N 134 
DT  "HO3'" H N N 135 
DT  "H2'"  H N N 136 
DT  "H2''" H N N 137 
DT  "H1'"  H N N 138 
DT  H3     H N N 139 
DT  H71    H N N 140 
DT  H72    H N N 141 
DT  H73    H N N 142 
DT  H6     H N N 143 
HOH O      O N N 144 
HOH H1     H N N 145 
HOH H2     H N N 146 
PG5 C1     C N N 147 
PG5 O1     O N N 148 
PG5 C2     C N N 149 
PG5 C3     C N N 150 
PG5 O2     O N N 151 
PG5 C4     C N N 152 
PG5 C5     C N N 153 
PG5 O3     O N N 154 
PG5 C6     C N N 155 
PG5 C7     C N N 156 
PG5 O4     O N N 157 
PG5 C8     C N N 158 
PG5 H11    H N N 159 
PG5 H12    H N N 160 
PG5 H13    H N N 161 
PG5 H21    H N N 162 
PG5 H22    H N N 163 
PG5 H31    H N N 164 
PG5 H32    H N N 165 
PG5 H41    H N N 166 
PG5 H42    H N N 167 
PG5 H51    H N N 168 
PG5 H52    H N N 169 
PG5 H61    H N N 170 
PG5 H62    H N N 171 
PG5 H71    H N N 172 
PG5 H72    H N N 173 
PG5 H81    H N N 174 
PG5 H82    H N N 175 
PG5 H83    H N N 176 
# 
loop_
_chem_comp_bond.comp_id 
_chem_comp_bond.atom_id_1 
_chem_comp_bond.atom_id_2 
_chem_comp_bond.value_order 
_chem_comp_bond.pdbx_aromatic_flag 
_chem_comp_bond.pdbx_stereo_config 
_chem_comp_bond.pdbx_ordinal 
DA  OP3   P      sing N N 1   
DA  OP3   HOP3   sing N N 2   
DA  P     OP1    doub N N 3   
DA  P     OP2    sing N N 4   
DA  P     "O5'"  sing N N 5   
DA  OP2   HOP2   sing N N 6   
DA  "O5'" "C5'"  sing N N 7   
DA  "C5'" "C4'"  sing N N 8   
DA  "C5'" "H5'"  sing N N 9   
DA  "C5'" "H5''" sing N N 10  
DA  "C4'" "O4'"  sing N N 11  
DA  "C4'" "C3'"  sing N N 12  
DA  "C4'" "H4'"  sing N N 13  
DA  "O4'" "C1'"  sing N N 14  
DA  "C3'" "O3'"  sing N N 15  
DA  "C3'" "C2'"  sing N N 16  
DA  "C3'" "H3'"  sing N N 17  
DA  "O3'" "HO3'" sing N N 18  
DA  "C2'" "C1'"  sing N N 19  
DA  "C2'" "H2'"  sing N N 20  
DA  "C2'" "H2''" sing N N 21  
DA  "C1'" N9     sing N N 22  
DA  "C1'" "H1'"  sing N N 23  
DA  N9    C8     sing Y N 24  
DA  N9    C4     sing Y N 25  
DA  C8    N7     doub Y N 26  
DA  C8    H8     sing N N 27  
DA  N7    C5     sing Y N 28  
DA  C5    C6     sing Y N 29  
DA  C5    C4     doub Y N 30  
DA  C6    N6     sing N N 31  
DA  C6    N1     doub Y N 32  
DA  N6    H61    sing N N 33  
DA  N6    H62    sing N N 34  
DA  N1    C2     sing Y N 35  
DA  C2    N3     doub Y N 36  
DA  C2    H2     sing N N 37  
DA  N3    C4     sing Y N 38  
DC  OP3   P      sing N N 39  
DC  OP3   HOP3   sing N N 40  
DC  P     OP1    doub N N 41  
DC  P     OP2    sing N N 42  
DC  P     "O5'"  sing N N 43  
DC  OP2   HOP2   sing N N 44  
DC  "O5'" "C5'"  sing N N 45  
DC  "C5'" "C4'"  sing N N 46  
DC  "C5'" "H5'"  sing N N 47  
DC  "C5'" "H5''" sing N N 48  
DC  "C4'" "O4'"  sing N N 49  
DC  "C4'" "C3'"  sing N N 50  
DC  "C4'" "H4'"  sing N N 51  
DC  "O4'" "C1'"  sing N N 52  
DC  "C3'" "O3'"  sing N N 53  
DC  "C3'" "C2'"  sing N N 54  
DC  "C3'" "H3'"  sing N N 55  
DC  "O3'" "HO3'" sing N N 56  
DC  "C2'" "C1'"  sing N N 57  
DC  "C2'" "H2'"  sing N N 58  
DC  "C2'" "H2''" sing N N 59  
DC  "C1'" N1     sing N N 60  
DC  "C1'" "H1'"  sing N N 61  
DC  N1    C2     sing N N 62  
DC  N1    C6     sing N N 63  
DC  C2    O2     doub N N 64  
DC  C2    N3     sing N N 65  
DC  N3    C4     doub N N 66  
DC  C4    N4     sing N N 67  
DC  C4    C5     sing N N 68  
DC  N4    H41    sing N N 69  
DC  N4    H42    sing N N 70  
DC  C5    C6     doub N N 71  
DC  C5    H5     sing N N 72  
DC  C6    H6     sing N N 73  
DG  OP3   P      sing N N 74  
DG  OP3   HOP3   sing N N 75  
DG  P     OP1    doub N N 76  
DG  P     OP2    sing N N 77  
DG  P     "O5'"  sing N N 78  
DG  OP2   HOP2   sing N N 79  
DG  "O5'" "C5'"  sing N N 80  
DG  "C5'" "C4'"  sing N N 81  
DG  "C5'" "H5'"  sing N N 82  
DG  "C5'" "H5''" sing N N 83  
DG  "C4'" "O4'"  sing N N 84  
DG  "C4'" "C3'"  sing N N 85  
DG  "C4'" "H4'"  sing N N 86  
DG  "O4'" "C1'"  sing N N 87  
DG  "C3'" "O3'"  sing N N 88  
DG  "C3'" "C2'"  sing N N 89  
DG  "C3'" "H3'"  sing N N 90  
DG  "O3'" "HO3'" sing N N 91  
DG  "C2'" "C1'"  sing N N 92  
DG  "C2'" "H2'"  sing N N 93  
DG  "C2'" "H2''" sing N N 94  
DG  "C1'" N9     sing N N 95  
DG  "C1'" "H1'"  sing N N 96  
DG  N9    C8     sing Y N 97  
DG  N9    C4     sing Y N 98  
DG  C8    N7     doub Y N 99  
DG  C8    H8     sing N N 100 
DG  N7    C5     sing Y N 101 
DG  C5    C6     sing N N 102 
DG  C5    C4     doub Y N 103 
DG  C6    O6     doub N N 104 
DG  C6    N1     sing N N 105 
DG  N1    C2     sing N N 106 
DG  N1    H1     sing N N 107 
DG  C2    N2     sing N N 108 
DG  C2    N3     doub N N 109 
DG  N2    H21    sing N N 110 
DG  N2    H22    sing N N 111 
DG  N3    C4     sing N N 112 
DT  OP3   P      sing N N 113 
DT  OP3   HOP3   sing N N 114 
DT  P     OP1    doub N N 115 
DT  P     OP2    sing N N 116 
DT  P     "O5'"  sing N N 117 
DT  OP2   HOP2   sing N N 118 
DT  "O5'" "C5'"  sing N N 119 
DT  "C5'" "C4'"  sing N N 120 
DT  "C5'" "H5'"  sing N N 121 
DT  "C5'" "H5''" sing N N 122 
DT  "C4'" "O4'"  sing N N 123 
DT  "C4'" "C3'"  sing N N 124 
DT  "C4'" "H4'"  sing N N 125 
DT  "O4'" "C1'"  sing N N 126 
DT  "C3'" "O3'"  sing N N 127 
DT  "C3'" "C2'"  sing N N 128 
DT  "C3'" "H3'"  sing N N 129 
DT  "O3'" "HO3'" sing N N 130 
DT  "C2'" "C1'"  sing N N 131 
DT  "C2'" "H2'"  sing N N 132 
DT  "C2'" "H2''" sing N N 133 
DT  "C1'" N1     sing N N 134 
DT  "C1'" "H1'"  sing N N 135 
DT  N1    C2     sing N N 136 
DT  N1    C6     sing N N 137 
DT  C2    O2     doub N N 138 
DT  C2    N3     sing N N 139 
DT  N3    C4     sing N N 140 
DT  N3    H3     sing N N 141 
DT  C4    O4     doub N N 142 
DT  C4    C5     sing N N 143 
DT  C5    C7     sing N N 144 
DT  C5    C6     doub N N 145 
DT  C7    H71    sing N N 146 
DT  C7    H72    sing N N 147 
DT  C7    H73    sing N N 148 
DT  C6    H6     sing N N 149 
HOH O     H1     sing N N 150 
HOH O     H2     sing N N 151 
PG5 C1    O1     sing N N 152 
PG5 C1    H11    sing N N 153 
PG5 C1    H12    sing N N 154 
PG5 C1    H13    sing N N 155 
PG5 O1    C2     sing N N 156 
PG5 C2    C3     sing N N 157 
PG5 C2    H21    sing N N 158 
PG5 C2    H22    sing N N 159 
PG5 C3    O2     sing N N 160 
PG5 C3    H31    sing N N 161 
PG5 C3    H32    sing N N 162 
PG5 O2    C4     sing N N 163 
PG5 C4    C5     sing N N 164 
PG5 C4    H41    sing N N 165 
PG5 C4    H42    sing N N 166 
PG5 C5    O3     sing N N 167 
PG5 C5    H51    sing N N 168 
PG5 C5    H52    sing N N 169 
PG5 O3    C6     sing N N 170 
PG5 C6    C7     sing N N 171 
PG5 C6    H61    sing N N 172 
PG5 C6    H62    sing N N 173 
PG5 C7    O4     sing N N 174 
PG5 C7    H71    sing N N 175 
PG5 C7    H72    sing N N 176 
PG5 O4    C8     sing N N 177 
PG5 C8    H81    sing N N 178 
PG5 C8    H82    sing N N 179 
PG5 C8    H83    sing N N 180 
# 
loop_
_ndb_struct_conf_na.entry_id 
_ndb_struct_conf_na.feature 
8DHC 'double helix'        
8DHC 'z-form double helix' 
# 
loop_
_ndb_struct_na_base_pair.model_number 
_ndb_struct_na_base_pair.i_label_asym_id 
_ndb_struct_na_base_pair.i_label_comp_id 
_ndb_struct_na_base_pair.i_label_seq_id 
_ndb_struct_na_base_pair.i_symmetry 
_ndb_struct_na_base_pair.j_label_asym_id 
_ndb_struct_na_base_pair.j_label_comp_id 
_ndb_struct_na_base_pair.j_label_seq_id 
_ndb_struct_na_base_pair.j_symmetry 
_ndb_struct_na_base_pair.shear 
_ndb_struct_na_base_pair.stretch 
_ndb_struct_na_base_pair.stagger 
_ndb_struct_na_base_pair.buckle 
_ndb_struct_na_base_pair.propeller 
_ndb_struct_na_base_pair.opening 
_ndb_struct_na_base_pair.pair_number 
_ndb_struct_na_base_pair.pair_name 
_ndb_struct_na_base_pair.i_auth_asym_id 
_ndb_struct_na_base_pair.i_auth_seq_id 
_ndb_struct_na_base_pair.i_PDB_ins_code 
_ndb_struct_na_base_pair.j_auth_asym_id 
_ndb_struct_na_base_pair.j_auth_seq_id 
_ndb_struct_na_base_pair.j_PDB_ins_code 
_ndb_struct_na_base_pair.hbond_type_28 
_ndb_struct_na_base_pair.hbond_type_12 
1 A DC 1  1_555 B DG 15 1_555 -0.643 3.513  0.257  3.439   -10.421 -79.982  1  A_DC1:DG15_B  A 1  ? B 15 ? ?  ?  
1 B DG 19 1_555 A DG 6  1_555 3.523  7.998  0.353  -10.079 36.479  178.758  2  B_DG19:DG6_A  B 19 ? A 6  ? 4  12 
1 A DC 5  1_555 B DC 18 1_555 -1.964 -1.221 -0.421 -5.579  -2.859  -176.194 3  A_DC5:DC18_B  A 5  ? B 18 ? 15 2  
1 A DC 9  1_555 B DC 23 1_555 -1.998 -1.701 0.097  -2.676  -2.101  -177.651 4  A_DC9:DC23_B  A 9  ? B 23 ? 15 2  
1 A DC 4  1_555 B DC 17 1_555 -1.883 -1.439 0.368  10.197  -0.517  -179.108 5  A_DC4:DC17_B  A 4  ? B 17 ? 15 2  
1 A DC 10 1_555 B DC 24 1_555 2.027  1.469  0.192  5.626   5.740   179.599  6  A_DC10:DC24_B A 10 ? B 24 ? 15 2  
1 A DC 3  1_555 B DC 16 1_555 -1.851 -1.435 -0.278 13.261  -13.223 -178.893 7  A_DC3:DC16_B  A 3  ? B 16 ? 15 2  
1 A DC 11 1_555 B DC 25 1_555 -1.822 -1.318 0.037  -4.129  3.374   -178.237 8  A_DC11:DC25_B A 11 ? B 25 ? 15 2  
1 A DG 2  1_555 B DC 14 1_555 -0.133 -0.282 -0.003 0.287   21.324  0.624    9  A_DG2:DC14_B  A 2  ? B 14 ? 19 1  
1 B DG 13 1_555 A DG 13 1_555 3.457  -8.442 0.073  7.058   4.574   174.359  10 B_DG13:DG13_A B 13 ? A 13 ? 4  12 
1 A DT 12 1_555 B DT 12 1_555 1.758  -3.156 -0.092 28.584  15.759  178.965  11 A_DT12:DT12_B A 12 ? B 12 ? 13 2  
1 A DG 15 1_555 B DC 1  1_555 0.153  -3.741 -0.275 0.752   15.927  73.958   12 A_DG15:DC1_B  A 15 ? B 1  ? ?  ?  
1 B DG 6  1_555 A DG 19 1_555 3.400  7.805  -0.687 -8.677  38.071  179.504  13 B_DG6:DG19_A  B 6  ? A 19 ? 4  12 
1 A DC 18 1_555 B DC 5  1_555 2.003  1.419  0.668  5.134   0.755   179.712  14 A_DC18:DC5_B  A 18 ? B 5  ? 15 2  
1 A DC 23 1_555 B DC 9  1_555 2.128  1.855  0.032  1.338   2.874   178.901  15 A_DC23:DC9_B  A 23 ? B 9  ? 15 2  
1 A DC 17 1_555 B DC 4  1_555 2.007  1.270  -0.089 -12.096 -7.881  179.102  16 A_DC17:DC4_B  A 17 ? B 4  ? 15 2  
1 A DC 24 1_555 B DC 10 1_555 -2.026 -1.671 -0.113 -3.538  -6.984  -176.173 17 A_DC24:DC10_B A 24 ? B 10 ? 15 2  
1 A DC 16 1_555 B DC 3  1_555 -1.833 -0.901 0.597  10.978  -7.443  -177.787 18 A_DC16:DC3_B  A 16 ? B 3  ? 15 2  
1 A DC 25 1_555 B DC 11 1_555 1.607  0.945  -0.070 6.207   -4.374  176.149  19 A_DC25:DC11_B A 25 ? B 11 ? 15 2  
1 A DC 14 1_555 B DG 2  1_555 0.134  -0.238 0.114  0.525   19.157  -4.501   20 A_DC14:DG2_B  A 14 ? B 2  ? 19 1  
# 
loop_
_ndb_struct_na_base_pair_step.model_number 
_ndb_struct_na_base_pair_step.i_label_asym_id_1 
_ndb_struct_na_base_pair_step.i_label_comp_id_1 
_ndb_struct_na_base_pair_step.i_label_seq_id_1 
_ndb_struct_na_base_pair_step.i_symmetry_1 
_ndb_struct_na_base_pair_step.j_label_asym_id_1 
_ndb_struct_na_base_pair_step.j_label_comp_id_1 
_ndb_struct_na_base_pair_step.j_label_seq_id_1 
_ndb_struct_na_base_pair_step.j_symmetry_1 
_ndb_struct_na_base_pair_step.i_label_asym_id_2 
_ndb_struct_na_base_pair_step.i_label_comp_id_2 
_ndb_struct_na_base_pair_step.i_label_seq_id_2 
_ndb_struct_na_base_pair_step.i_symmetry_2 
_ndb_struct_na_base_pair_step.j_label_asym_id_2 
_ndb_struct_na_base_pair_step.j_label_comp_id_2 
_ndb_struct_na_base_pair_step.j_label_seq_id_2 
_ndb_struct_na_base_pair_step.j_symmetry_2 
_ndb_struct_na_base_pair_step.shift 
_ndb_struct_na_base_pair_step.slide 
_ndb_struct_na_base_pair_step.rise 
_ndb_struct_na_base_pair_step.tilt 
_ndb_struct_na_base_pair_step.roll 
_ndb_struct_na_base_pair_step.twist 
_ndb_struct_na_base_pair_step.x_displacement 
_ndb_struct_na_base_pair_step.y_displacement 
_ndb_struct_na_base_pair_step.helical_rise 
_ndb_struct_na_base_pair_step.inclination 
_ndb_struct_na_base_pair_step.tip 
_ndb_struct_na_base_pair_step.helical_twist 
_ndb_struct_na_base_pair_step.step_number 
_ndb_struct_na_base_pair_step.step_name 
_ndb_struct_na_base_pair_step.i_auth_asym_id_1 
_ndb_struct_na_base_pair_step.i_auth_seq_id_1 
_ndb_struct_na_base_pair_step.i_PDB_ins_code_1 
_ndb_struct_na_base_pair_step.j_auth_asym_id_1 
_ndb_struct_na_base_pair_step.j_auth_seq_id_1 
_ndb_struct_na_base_pair_step.j_PDB_ins_code_1 
_ndb_struct_na_base_pair_step.i_auth_asym_id_2 
_ndb_struct_na_base_pair_step.i_auth_seq_id_2 
_ndb_struct_na_base_pair_step.i_PDB_ins_code_2 
_ndb_struct_na_base_pair_step.j_auth_asym_id_2 
_ndb_struct_na_base_pair_step.j_auth_seq_id_2 
_ndb_struct_na_base_pair_step.j_PDB_ins_code_2 
1 B DG 19 1_555 A DG 6  1_555 A DC 5  1_555 B DC 18 1_555 -0.015 -0.201 -2.865 -0.635   -2.538   -56.355  0.087  0.016  -2.871 
2.686   -0.672  -56.411  1  BA_DG19DC5:DC18DG6_BA   B 19 ? A 6  ? A 5  ? B 18 ? 
1 A DC 5  1_555 B DC 18 1_555 A DC 9  1_555 B DC 23 1_555 -1.812 2.339  0.398  -144.931 -97.692  34.443   1.315  0.692  0.304  
-49.872 73.988  175.016  2  AA_DC5DC9:DC23DC18_BB   A 5  ? B 18 ? A 9  ? B 23 ? 
1 A DC 9  1_555 B DC 23 1_555 A DC 4  1_555 B DC 17 1_555 2.096  -2.522 0.231  -134.424 -110.989 -161.024 1.273  1.033  0.229  
55.519  -67.242 -179.065 3  AA_DC9DC4:DC17DC23_BB   A 9  ? B 23 ? A 4  ? B 17 ? 
1 A DC 4  1_555 B DC 17 1_555 A DC 10 1_555 B DC 24 1_555 2.388  1.644  0.043  -93.405  147.527  -24.500  -0.804 1.208  -0.100 
-75.557 -47.838 -174.733 4  AA_DC4DC10:DC24DC17_BB  A 4  ? B 17 ? A 10 ? B 24 ? 
1 A DC 10 1_555 B DC 24 1_555 A DC 3  1_555 B DC 16 1_555 2.793  2.389  -0.119 116.433  -133.717 -130.445 -1.215 1.379  -0.122 
66.952  58.298  -178.870 5  AA_DC10DC3:DC16DC24_BB  A 10 ? B 24 ? A 3  ? B 16 ? 
1 A DC 3  1_555 B DC 16 1_555 A DC 11 1_555 B DC 25 1_555 0.981  -2.787 -0.499 152.433  89.369   -27.032  1.408  0.468  0.432  
-45.324 77.308  -176.791 6  AA_DC3DC11:DC25DC16_BB  A 3  ? B 16 ? A 11 ? B 25 ? 
1 A DC 11 1_555 B DC 25 1_555 A DG 2  1_555 B DC 14 1_555 5.800  1.470  2.812  -12.397  -86.892  -10.679  2.325  3.681  2.630  
83.627  -11.931 -88.288  7  AA_DC11DG2:DC14DC25_BB  A 11 ? B 25 ? A 2  ? B 14 ? 
1 B DG 13 1_555 A DG 13 1_555 A DT 12 1_555 B DT 12 1_555 -0.159 0.201  3.213  -1.024   0.214    -111.714 -0.124 -0.108 3.211  
-0.129  -0.619  -111.717 8  BA_DG13DT12:DT12DG13_BA B 13 ? A 13 ? A 12 ? B 12 ? 
1 B DG 6  1_555 A DG 19 1_555 A DC 18 1_555 B DC 5  1_555 -0.023 -0.197 -2.769 1.548    -0.580   125.649  -0.115 0.002  -2.769 
-0.326  -0.870  125.656  9  BA_DG6DC18:DC5DG19_BA   B 6  ? A 19 ? A 18 ? B 5  ? 
1 A DC 18 1_555 B DC 5  1_555 A DC 23 1_555 B DC 9  1_555 -1.613 2.613  0.479  -145.983 -98.054  126.234  1.363  0.722  0.374  
-49.152 73.177  178.127  10 AA_DC18DC23:DC9DC5_BB   A 18 ? B 5  ? A 23 ? B 9  ? 
1 A DC 23 1_555 B DC 9  1_555 A DC 17 1_555 B DC 4  1_555 2.042  -2.196 0.020  -134.983 -112.109 -75.952  1.124  0.991  0.144  
56.611  -68.162 -176.427 11 AA_DC23DC17:DC4DC9_BB   A 23 ? B 9  ? A 17 ? B 4  ? 
1 A DC 17 1_555 B DC 4  1_555 A DC 24 1_555 B DC 10 1_555 2.757  1.567  -0.221 -96.760  149.862  176.135  0.787  -1.377 -0.227 
74.931  48.380  179.946  12 AA_DC17DC24:DC10DC4_BB  A 17 ? B 4  ? A 24 ? B 10 ? 
1 A DC 24 1_555 B DC 10 1_555 A DC 16 1_555 B DC 3  1_555 2.340  -2.526 0.432  -126.673 -117.176 -53.065  1.397  1.030  0.196  
59.985  -64.847 -173.343 13 AA_DC24DC16:DC3DC10_BB  A 24 ? B 10 ? A 16 ? B 3  ? 
1 A DC 16 1_555 B DC 3  1_555 A DC 25 1_555 B DC 11 1_555 3.092  1.022  0.481  -97.032  147.398  52.562   0.528  -1.536 -0.546 
74.520  49.057  176.834  14 AA_DC16DC25:DC11DC3_BB  A 16 ? B 3  ? A 25 ? B 11 ? 
1 A DC 25 1_555 B DC 11 1_555 A DC 14 1_555 B DG 2  1_555 2.688  2.342  5.409  88.806   -6.438   165.891  1.193  -1.110 5.606  
-3.234  -44.620 169.952  15 AA_DC25DC14:DG2DC11_BB  A 25 ? B 11 ? A 14 ? B 2  ? 
# 
_pdbx_audit_support.funding_organization   'National Institutes of Health/National Cancer Institute (NIH/NCI)' 
_pdbx_audit_support.country                'United States' 
_pdbx_audit_support.grant_number           1R15CA253134 
_pdbx_audit_support.ordinal                1 
# 
loop_
_pdbx_entity_nonpoly.entity_id 
_pdbx_entity_nonpoly.name 
_pdbx_entity_nonpoly.comp_id 
2 '1-METHOXY-2-[2-(2-METHOXY-ETHOXY]-ETHANE' PG5 
3 water                                      HOH 
# 
_pdbx_initial_refinement_model.id               1 
_pdbx_initial_refinement_model.entity_id_list   ? 
_pdbx_initial_refinement_model.type             'experimental model' 
_pdbx_initial_refinement_model.source_name      PDB 
_pdbx_initial_refinement_model.accession_code   8CXF 
_pdbx_initial_refinement_model.details          ? 
# 
_pdbx_struct_assembly_auth_evidence.id                     1 
_pdbx_struct_assembly_auth_evidence.assembly_id            1 
_pdbx_struct_assembly_auth_evidence.experimental_support   'native gel electrophoresis' 
_pdbx_struct_assembly_auth_evidence.details                'There are bands for both monomer and a dimer on the native gel.' 
# 
_space_group.name_H-M_alt     'C 1 2 1' 
_space_group.name_Hall        'C 2y' 
_space_group.IT_number        5 
_space_group.crystal_system   monoclinic 
_space_group.id               1 
# 
